data_3KSB
#
_entry.id   3KSB
#
_cell.length_a   116.757
_cell.length_b   116.757
_cell.length_c   182.811
_cell.angle_alpha   90.00
_cell.angle_beta   90.00
_cell.angle_gamma   120.00
#
_symmetry.space_group_name_H-M   'P 32'
#
loop_
_entity.id
_entity.type
_entity.pdbx_description
1 polymer 'DNA topoisomerase 4 subunit A'
2 polymer 'DNA topoisomerase 4 subunit B'
3 polymer "5'-D(*AP*CP*CP*AP*AP*GP*GP*T*CP*AP*TP*GP*AP*AP*TP*GP*AP*CP*TP*AP*TP*GP*CP*AP*CP*GP*TP*AP*AP*AP*AP*CP*AP*G)-3'"
4 polymer "5'-D(*CP*TP*GP*TP*TP*TP*TP*A*CP*GP*TP*GP*CP*AP*TP*AP*GP*TP*CP*AP*TP*TP*CP*AP*TP*GP*AP*CP*CP*TP*TP*GP*GP*T)-3'"
5 non-polymer 'MAGNESIUM ION'
6 water water
#
loop_
_entity_poly.entity_id
_entity_poly.type
_entity_poly.pdbx_seq_one_letter_code
_entity_poly.pdbx_strand_id
1 'polypeptide(L)'
;MSNIQNMSLEDIMGERFGRYSKYIIQDRALPDIRDGLKPVQRRILYSMNKDSNTFDKSYRKSAKSVGNIMGNFHPHGDSS
IYDAMVRMSQNWKNREILVEMHGNNGSMDGDPPAAMRYTEARLSEIAGYLLQDIEKKTVPFAWNFDDTEKEPTVLPAAFP
NLLVNGSTGISAGYATDIPPHNLAEVIDAAVYMIDHPTAKIDKLMEFLPGPDFPTGAIIQGRDEIKKAYETGKGRVVVRS
KTEIEKLKGGKEQIVITEIPYEINKANLVKKIDDVRVNNKVAGIAEVRDESDRDGLRIAIELKKDANTELVLNYLFKYTD
LQINYNFNMVAIDNFTPRQVGIVPILSSYIAHRREVILARSRFDKEKAEKRLHIVEGLIRVISILDEVIALIRASENKAD
AKENLKVSYDFTEEQAEAIVTLQLYRLTNTDVVVLQEEEAELREKIAMLAAIIGDERTMYNLMKKELREVKKKFATPRLS
SLEDTAKALEHHHHHH
;
A,B
2 'polypeptide(L)'
;MGHHHHHHHHHHSSGHIDDDDKHMKNKKDKGLLSGKLTPAQSKNPAKNELYLVEGDSAGGSAKQGRDRKFQAILPLRGKV
INTAKAKMADILKNEEINTMIYTIGAGVGADFSIEDANYDKIIIMTDADTDGAHIQTLLLTFFYRYMRPLVEAGHVYIAL
PPLYKMSKGKGKKEEVAYAWTDGELEELRKQFGKGATLQRYKGLGEMNADQLWETTMNPETRTLIRVTIEDLARAERRVN
VLMGDKVEPRRKWIEDNVKFTLEEATVF
;
C,D
3 'polydeoxyribonucleotide'
;(DA)(DC)(DC)(DA)(DA)(DG)(DG)(DT)(DC)(DA)(DT)(DG)(DA)(DA)(DT)(DG)(DA)(DC)(DT)(DA)
(DT)(DG)(DC)(DA)(DC)(DG)(DT)(DA)(DA)(DA)(DA)(DC)(DA)(DG)
;
E
4 'polydeoxyribonucleotide'
;(DC)(DT)(DG)(DT)(DT)(DT)(DT)(DA)(DC)(DG)(DT)(DG)(DC)(DA)(DT)(DA)(DG)(DT)(DC)(DA)
(DT)(DT)(DC)(DA)(DT)(DG)(DA)(DC)(DC)(DT)(DT)(DG)(DG)(DT)
;
F
#
# COMPACT_ATOMS: atom_id res chain seq x y z
N ASN A 3 -2.40 -27.52 31.43
CA ASN A 3 -3.77 -27.02 31.28
C ASN A 3 -4.32 -27.34 29.90
N ILE A 4 -5.53 -27.89 29.88
CA ILE A 4 -6.25 -28.07 28.63
C ILE A 4 -7.76 -28.10 28.88
N GLN A 5 -8.52 -27.36 28.08
CA GLN A 5 -9.97 -27.38 28.19
C GLN A 5 -10.50 -28.36 27.18
N ASN A 6 -11.48 -29.12 27.63
CA ASN A 6 -11.96 -30.25 26.89
C ASN A 6 -13.29 -29.79 26.33
N MET A 7 -13.39 -29.75 25.01
CA MET A 7 -14.64 -29.30 24.39
C MET A 7 -15.14 -30.35 23.43
N SER A 8 -16.44 -30.34 23.15
CA SER A 8 -16.94 -31.37 22.25
C SER A 8 -16.66 -30.98 20.81
N LEU A 9 -17.17 -31.78 19.89
CA LEU A 9 -16.99 -31.51 18.48
C LEU A 9 -18.19 -30.70 18.07
N GLU A 10 -19.35 -31.10 18.60
CA GLU A 10 -20.61 -30.48 18.27
C GLU A 10 -20.57 -29.00 18.69
N ASP A 11 -20.22 -28.78 19.95
CA ASP A 11 -20.17 -27.43 20.53
C ASP A 11 -19.09 -26.52 19.89
N ILE A 12 -17.85 -27.00 19.83
CA ILE A 12 -16.80 -26.26 19.14
C ILE A 12 -17.20 -25.88 17.72
N MET A 13 -17.77 -26.83 16.99
CA MET A 13 -18.18 -26.61 15.61
C MET A 13 -19.23 -25.50 15.57
N GLY A 14 -20.10 -25.52 16.57
CA GLY A 14 -21.09 -24.47 16.77
C GLY A 14 -20.51 -23.08 16.95
N GLU A 15 -19.78 -22.85 18.05
CA GLU A 15 -19.15 -21.53 18.24
C GLU A 15 -18.45 -21.11 16.98
N ARG A 16 -17.43 -21.85 16.59
CA ARG A 16 -16.63 -21.45 15.44
C ARG A 16 -17.46 -21.13 14.20
N PHE A 17 -18.48 -21.93 13.87
CA PHE A 17 -19.26 -21.55 12.70
C PHE A 17 -20.07 -20.29 12.94
N GLY A 18 -20.72 -20.22 14.10
CA GLY A 18 -21.56 -19.09 14.45
C GLY A 18 -20.88 -17.74 14.39
N ARG A 19 -19.61 -17.71 14.80
CA ARG A 19 -18.81 -16.51 14.68
C ARG A 19 -18.68 -16.13 13.22
N TYR A 20 -18.11 -17.03 12.42
CA TYR A 20 -17.88 -16.76 11.00
C TYR A 20 -19.16 -16.42 10.26
N SER A 21 -20.21 -17.18 10.49
CA SER A 21 -21.47 -16.94 9.81
C SER A 21 -21.90 -15.49 9.98
N LYS A 22 -21.81 -15.00 11.22
CA LYS A 22 -22.20 -13.63 11.52
C LYS A 22 -21.33 -12.61 10.77
N TYR A 23 -20.02 -12.63 11.03
CA TYR A 23 -19.10 -11.66 10.44
C TYR A 23 -19.30 -11.59 8.94
N ILE A 24 -19.33 -12.75 8.32
CA ILE A 24 -19.51 -12.87 6.88
C ILE A 24 -20.75 -12.14 6.41
N ILE A 25 -21.87 -12.38 7.09
CA ILE A 25 -23.13 -11.75 6.72
C ILE A 25 -23.12 -10.24 6.85
N GLN A 26 -22.89 -9.75 8.05
CA GLN A 26 -22.80 -8.31 8.27
C GLN A 26 -21.55 -7.70 7.64
N ASP A 27 -20.40 -7.93 8.25
CA ASP A 27 -19.17 -7.25 7.90
C ASP A 27 -18.56 -7.47 6.50
N ARG A 28 -18.83 -8.61 5.86
CA ARG A 28 -18.30 -8.79 4.50
C ARG A 28 -19.23 -8.49 3.33
N ALA A 29 -20.22 -9.36 3.15
CA ALA A 29 -20.92 -9.49 1.87
C ALA A 29 -22.09 -8.57 1.72
N LEU A 30 -22.91 -8.53 2.76
CA LEU A 30 -24.22 -7.93 2.64
C LEU A 30 -24.21 -6.44 2.95
N PRO A 31 -24.81 -5.67 2.04
CA PRO A 31 -24.94 -4.22 2.06
C PRO A 31 -25.81 -3.75 3.20
N ASP A 32 -25.50 -2.60 3.78
CA ASP A 32 -26.41 -1.98 4.73
C ASP A 32 -27.57 -1.46 3.92
N ILE A 33 -28.77 -1.59 4.47
CA ILE A 33 -29.97 -1.18 3.76
C ILE A 33 -30.13 0.34 3.69
N ARG A 34 -29.29 1.07 4.45
CA ARG A 34 -29.36 2.52 4.59
C ARG A 34 -28.47 3.26 3.59
N ASP A 35 -27.20 2.91 3.53
CA ASP A 35 -26.35 3.50 2.52
C ASP A 35 -26.07 2.49 1.41
N GLY A 36 -26.74 1.33 1.49
CA GLY A 36 -26.58 0.29 0.50
C GLY A 36 -25.12 0.02 0.17
N LEU A 37 -24.30 -0.07 1.20
CA LEU A 37 -22.88 -0.30 1.01
C LEU A 37 -22.38 -1.48 1.83
N LYS A 38 -21.55 -2.32 1.22
CA LYS A 38 -20.72 -3.25 1.98
C LYS A 38 -19.58 -2.41 2.55
N PRO A 39 -19.02 -2.85 3.68
CA PRO A 39 -17.96 -2.20 4.48
C PRO A 39 -16.70 -1.83 3.73
N VAL A 40 -16.17 -2.72 2.90
CA VAL A 40 -15.01 -2.34 2.11
C VAL A 40 -15.35 -1.06 1.38
N GLN A 41 -16.47 -1.08 0.68
CA GLN A 41 -16.90 0.11 -0.03
C GLN A 41 -16.86 1.33 0.89
N ARG A 42 -17.56 1.21 2.01
CA ARG A 42 -17.67 2.31 2.96
C ARG A 42 -16.30 2.80 3.38
N ARG A 43 -15.44 1.87 3.76
CA ARG A 43 -14.09 2.19 4.21
C ARG A 43 -13.26 2.86 3.11
N ILE A 44 -13.38 2.39 1.89
CA ILE A 44 -12.77 3.09 0.78
C ILE A 44 -13.28 4.55 0.64
N LEU A 45 -14.59 4.75 0.58
CA LEU A 45 -15.10 6.11 0.48
C LEU A 45 -14.62 6.98 1.63
N TYR A 46 -14.86 6.52 2.85
CA TYR A 46 -14.55 7.30 4.02
C TYR A 46 -13.09 7.65 4.04
N SER A 47 -12.24 6.63 3.93
CA SER A 47 -10.81 6.82 3.97
C SER A 47 -10.35 7.79 2.89
N MET A 48 -10.87 7.63 1.68
CA MET A 48 -10.47 8.48 0.56
C MET A 48 -10.84 9.91 0.86
N ASN A 49 -12.12 10.11 1.13
CA ASN A 49 -12.60 11.41 1.49
C ASN A 49 -11.89 12.02 2.71
N LYS A 50 -11.61 11.22 3.72
CA LYS A 50 -10.88 11.72 4.88
C LYS A 50 -9.54 12.27 4.44
N ASP A 51 -8.86 11.52 3.58
CA ASP A 51 -7.58 11.93 3.00
C ASP A 51 -7.74 13.03 1.95
N SER A 52 -8.87 13.72 1.98
CA SER A 52 -9.44 14.45 0.85
C SER A 52 -8.90 14.14 -0.54
N ASN A 53 -9.45 13.06 -1.10
CA ASN A 53 -9.21 12.61 -2.46
C ASN A 53 -10.48 12.79 -3.27
N THR A 54 -10.87 14.04 -3.51
CA THR A 54 -12.17 14.32 -4.11
C THR A 54 -12.15 14.73 -5.57
N PHE A 55 -13.31 14.55 -6.21
CA PHE A 55 -13.51 14.75 -7.64
C PHE A 55 -12.95 16.06 -8.19
N ASP A 56 -12.84 17.06 -7.32
CA ASP A 56 -12.48 18.41 -7.74
C ASP A 56 -10.98 18.59 -7.71
N LYS A 57 -10.32 17.84 -6.85
CA LYS A 57 -8.88 17.95 -6.72
C LYS A 57 -8.24 16.80 -7.51
N SER A 58 -6.93 16.87 -7.70
CA SER A 58 -6.15 15.91 -8.51
C SER A 58 -6.34 14.42 -8.14
N TYR A 59 -5.87 13.53 -9.02
CA TYR A 59 -5.94 12.09 -8.77
C TYR A 59 -4.81 11.59 -7.85
N ARG A 60 -5.01 10.42 -7.25
CA ARG A 60 -4.03 9.90 -6.30
C ARG A 60 -3.73 8.40 -6.49
N LYS A 61 -2.46 8.10 -6.72
CA LYS A 61 -1.93 6.74 -6.81
C LYS A 61 -2.70 5.69 -6.00
N SER A 62 -3.59 4.96 -6.65
CA SER A 62 -4.36 3.91 -5.95
C SER A 62 -3.60 3.17 -4.84
N ALA A 63 -2.36 2.76 -5.07
CA ALA A 63 -1.69 1.96 -4.05
C ALA A 63 -1.57 2.70 -2.72
N LYS A 64 -1.22 3.97 -2.75
CA LYS A 64 -1.23 4.79 -1.54
C LYS A 64 -2.61 4.68 -0.90
N SER A 65 -3.65 4.98 -1.67
CA SER A 65 -5.03 4.81 -1.20
C SER A 65 -5.26 3.47 -0.50
N VAL A 66 -4.83 2.38 -1.13
CA VAL A 66 -5.04 1.04 -0.60
C VAL A 66 -4.31 0.82 0.72
N GLY A 67 -3.06 1.24 0.75
CA GLY A 67 -2.25 1.10 1.95
C GLY A 67 -2.85 1.84 3.12
N ASN A 68 -3.36 3.03 2.86
CA ASN A 68 -3.94 3.81 3.93
C ASN A 68 -5.19 3.14 4.50
N ILE A 69 -6.05 2.63 3.61
CA ILE A 69 -7.23 1.91 4.07
C ILE A 69 -6.83 0.70 4.91
N MET A 70 -6.01 -0.17 4.33
CA MET A 70 -5.47 -1.33 5.03
C MET A 70 -4.90 -0.96 6.41
N GLY A 71 -4.12 0.11 6.47
CA GLY A 71 -3.44 0.48 7.68
C GLY A 71 -4.35 1.04 8.75
N ASN A 72 -5.25 1.93 8.35
CA ASN A 72 -6.20 2.54 9.26
C ASN A 72 -7.46 1.72 9.56
N PHE A 73 -8.19 1.37 8.50
CA PHE A 73 -9.52 0.79 8.66
C PHE A 73 -9.74 -0.71 8.44
N HIS A 74 -8.99 -1.33 7.53
CA HIS A 74 -9.41 -2.60 6.93
C HIS A 74 -8.36 -3.70 6.91
N PRO A 75 -8.40 -4.60 7.92
CA PRO A 75 -7.37 -5.60 8.18
C PRO A 75 -7.40 -6.75 7.19
N HIS A 76 -7.14 -6.50 5.92
CA HIS A 76 -7.27 -7.57 4.93
C HIS A 76 -6.31 -7.44 3.77
N GLY A 77 -6.48 -8.30 2.78
CA GLY A 77 -5.65 -8.28 1.60
C GLY A 77 -5.74 -6.95 0.90
N ASP A 78 -4.62 -6.54 0.32
CA ASP A 78 -4.63 -5.38 -0.54
C ASP A 78 -5.62 -5.66 -1.66
N SER A 79 -5.50 -6.82 -2.29
CA SER A 79 -6.25 -7.13 -3.49
C SER A 79 -7.74 -7.00 -3.25
N SER A 80 -8.22 -7.55 -2.14
CA SER A 80 -9.65 -7.53 -1.84
C SER A 80 -10.17 -6.10 -1.90
N ILE A 81 -9.46 -5.21 -1.21
CA ILE A 81 -9.78 -3.78 -1.17
C ILE A 81 -9.69 -3.11 -2.54
N TYR A 82 -8.52 -3.19 -3.17
CA TYR A 82 -8.30 -2.52 -4.44
C TYR A 82 -9.25 -2.96 -5.55
N ASP A 83 -9.48 -4.28 -5.63
CA ASP A 83 -10.41 -4.83 -6.60
C ASP A 83 -11.80 -4.21 -6.41
N ALA A 84 -12.22 -4.10 -5.16
CA ALA A 84 -13.49 -3.50 -4.84
C ALA A 84 -13.49 -2.04 -5.26
N MET A 85 -12.37 -1.37 -5.00
CA MET A 85 -12.20 0.03 -5.37
C MET A 85 -12.37 0.17 -6.86
N VAL A 86 -11.81 -0.78 -7.59
CA VAL A 86 -11.91 -0.80 -9.03
C VAL A 86 -13.34 -1.02 -9.54
N ARG A 87 -14.13 -1.84 -8.87
CA ARG A 87 -15.50 -2.03 -9.30
C ARG A 87 -16.20 -0.68 -9.27
N MET A 88 -16.02 0.02 -8.17
CA MET A 88 -16.65 1.31 -7.96
C MET A 88 -16.27 2.33 -9.06
N SER A 89 -15.20 2.03 -9.79
CA SER A 89 -14.80 2.80 -10.97
C SER A 89 -15.28 2.22 -12.32
N GLN A 90 -16.29 1.37 -12.28
CA GLN A 90 -16.73 0.64 -13.47
C GLN A 90 -18.10 1.05 -14.02
N ASN A 91 -18.13 2.01 -14.94
CA ASN A 91 -19.40 2.47 -15.50
C ASN A 91 -20.39 1.41 -16.02
N TRP A 92 -19.91 0.36 -16.68
CA TRP A 92 -20.81 -0.73 -17.08
C TRP A 92 -21.29 -1.62 -15.92
N LYS A 93 -20.58 -1.63 -14.81
CA LYS A 93 -21.07 -2.32 -13.61
C LYS A 93 -21.98 -1.48 -12.69
N ASN A 94 -21.48 -0.34 -12.21
CA ASN A 94 -22.29 0.58 -11.41
C ASN A 94 -23.05 1.63 -12.25
N ARG A 95 -24.26 1.99 -11.82
CA ARG A 95 -25.06 2.96 -12.58
C ARG A 95 -24.48 4.33 -12.40
N GLU A 96 -24.51 4.79 -11.16
CA GLU A 96 -23.88 6.06 -10.79
C GLU A 96 -22.57 5.77 -10.04
N ILE A 97 -21.45 5.99 -10.74
CA ILE A 97 -20.13 5.54 -10.30
C ILE A 97 -19.61 6.29 -9.07
N LEU A 98 -19.04 5.58 -8.09
CA LEU A 98 -18.56 6.30 -6.91
C LEU A 98 -17.05 6.44 -6.85
N VAL A 99 -16.37 6.20 -7.96
CA VAL A 99 -14.94 6.41 -8.01
C VAL A 99 -14.55 6.64 -9.45
N GLU A 100 -13.64 7.58 -9.68
CA GLU A 100 -13.13 7.74 -11.02
C GLU A 100 -11.70 7.29 -11.02
N MET A 101 -11.36 6.43 -11.97
CA MET A 101 -10.01 5.90 -12.07
C MET A 101 -9.45 6.28 -13.43
N HIS A 102 -8.16 6.55 -13.47
CA HIS A 102 -7.50 6.95 -14.71
C HIS A 102 -6.51 5.85 -15.09
N GLY A 103 -6.67 5.30 -16.29
CA GLY A 103 -5.89 4.15 -16.71
C GLY A 103 -6.77 2.97 -17.08
N ASN A 104 -6.17 1.79 -17.15
CA ASN A 104 -6.90 0.59 -17.53
C ASN A 104 -7.57 -0.07 -16.35
N ASN A 105 -8.90 -0.02 -16.33
CA ASN A 105 -9.68 -0.63 -15.26
C ASN A 105 -10.63 -1.66 -15.84
N GLY A 106 -10.10 -2.50 -16.71
CA GLY A 106 -10.87 -3.54 -17.35
C GLY A 106 -11.88 -2.95 -18.33
N SER A 107 -12.86 -3.76 -18.73
CA SER A 107 -13.93 -3.32 -19.62
C SER A 107 -15.03 -4.36 -19.73
N MET A 108 -15.80 -4.27 -20.80
CA MET A 108 -16.85 -5.24 -21.08
C MET A 108 -16.33 -6.51 -21.73
N ASP A 109 -15.15 -6.42 -22.34
CA ASP A 109 -14.51 -7.59 -22.93
C ASP A 109 -13.93 -8.44 -21.81
N GLY A 110 -13.99 -7.91 -20.59
CA GLY A 110 -13.56 -8.68 -19.43
C GLY A 110 -12.08 -8.55 -19.13
N ASP A 111 -11.33 -7.93 -20.03
CA ASP A 111 -9.92 -7.69 -19.78
C ASP A 111 -9.73 -7.21 -18.34
N PRO A 112 -8.61 -7.60 -17.69
CA PRO A 112 -8.40 -7.40 -16.25
C PRO A 112 -7.84 -6.02 -16.03
N PRO A 113 -8.24 -5.39 -14.92
CA PRO A 113 -7.82 -4.03 -14.56
C PRO A 113 -6.32 -4.00 -14.34
N ALA A 114 -5.71 -2.87 -14.65
CA ALA A 114 -4.28 -2.72 -14.49
C ALA A 114 -3.94 -2.77 -13.01
N ALA A 115 -2.80 -3.36 -12.69
CA ALA A 115 -2.35 -3.46 -11.31
C ALA A 115 -2.44 -2.11 -10.61
N MET A 116 -2.55 -2.12 -9.29
CA MET A 116 -2.78 -0.88 -8.57
C MET A 116 -1.60 0.07 -8.69
N ARG A 117 -0.38 -0.45 -8.81
CA ARG A 117 0.76 0.44 -8.91
C ARG A 117 0.71 1.27 -10.16
N TYR A 118 -0.15 0.88 -11.09
CA TYR A 118 -0.30 1.62 -12.33
C TYR A 118 -1.33 2.71 -12.12
N THR A 119 -2.56 2.31 -11.80
CA THR A 119 -3.70 3.20 -11.84
C THR A 119 -3.65 4.34 -10.82
N GLU A 120 -4.58 5.28 -10.95
CA GLU A 120 -4.76 6.40 -10.04
C GLU A 120 -6.24 6.59 -9.86
N ALA A 121 -6.68 6.97 -8.66
CA ALA A 121 -8.12 7.13 -8.44
C ALA A 121 -8.50 8.30 -7.53
N ARG A 122 -9.74 8.74 -7.70
CA ARG A 122 -10.35 9.72 -6.79
C ARG A 122 -11.82 9.37 -6.53
N LEU A 123 -12.45 10.09 -5.61
CA LEU A 123 -13.85 9.83 -5.34
C LEU A 123 -14.61 10.66 -6.35
N SER A 124 -15.77 10.15 -6.77
CA SER A 124 -16.51 10.83 -7.81
C SER A 124 -17.26 12.00 -7.22
N GLU A 125 -18.16 12.60 -8.00
CA GLU A 125 -18.88 13.74 -7.50
C GLU A 125 -20.00 13.31 -6.56
N ILE A 126 -20.90 12.47 -7.07
CA ILE A 126 -22.04 12.00 -6.28
C ILE A 126 -21.60 11.26 -5.03
N ALA A 127 -20.37 10.74 -5.08
CA ALA A 127 -19.78 10.03 -3.97
C ALA A 127 -19.80 10.90 -2.72
N GLY A 128 -19.52 12.18 -2.91
CA GLY A 128 -19.46 13.14 -1.82
C GLY A 128 -20.77 13.22 -1.09
N TYR A 129 -21.85 13.11 -1.85
CA TYR A 129 -23.17 13.19 -1.29
C TYR A 129 -23.43 12.05 -0.34
N LEU A 130 -22.83 10.90 -0.61
CA LEU A 130 -22.89 9.82 0.36
C LEU A 130 -22.27 10.23 1.69
N LEU A 131 -21.12 10.91 1.62
CA LEU A 131 -20.44 11.43 2.81
C LEU A 131 -21.03 12.71 3.44
N GLN A 132 -21.75 13.50 2.65
CA GLN A 132 -22.19 14.84 3.08
C GLN A 132 -22.77 14.96 4.48
N ASP A 133 -22.16 15.84 5.28
CA ASP A 133 -22.61 16.13 6.65
C ASP A 133 -22.03 15.13 7.66
N ILE A 134 -21.17 14.24 7.15
CA ILE A 134 -20.44 13.31 7.98
C ILE A 134 -19.79 14.03 9.16
N GLU A 135 -19.07 15.10 8.85
CA GLU A 135 -18.26 15.82 9.82
C GLU A 135 -19.08 16.56 10.87
N LYS A 136 -20.39 16.38 10.85
CA LYS A 136 -21.25 17.08 11.80
C LYS A 136 -21.98 16.09 12.71
N LYS A 137 -21.29 15.03 13.11
CA LYS A 137 -21.82 14.03 14.04
C LYS A 137 -23.23 13.60 13.69
N THR A 138 -23.37 13.04 12.50
CA THR A 138 -24.68 12.74 11.94
C THR A 138 -24.96 11.26 11.96
N VAL A 139 -23.96 10.51 12.39
CA VAL A 139 -23.97 9.07 12.19
C VAL A 139 -23.01 8.41 13.19
N PRO A 140 -23.38 7.22 13.70
CA PRO A 140 -22.63 6.44 14.70
C PRO A 140 -21.24 6.02 14.27
N PHE A 141 -20.24 6.40 15.06
CA PHE A 141 -18.87 5.96 14.82
C PHE A 141 -18.48 4.83 15.77
N ALA A 142 -17.52 4.02 15.33
CA ALA A 142 -16.93 2.96 16.15
C ALA A 142 -15.41 3.10 16.14
N TRP A 143 -14.70 2.23 16.84
CA TRP A 143 -13.24 2.28 16.81
C TRP A 143 -12.80 1.44 15.64
N ASN A 144 -11.58 1.65 15.16
CA ASN A 144 -11.01 0.72 14.19
C ASN A 144 -10.47 -0.49 14.94
N PHE A 145 -9.89 -1.42 14.21
CA PHE A 145 -9.43 -2.63 14.85
C PHE A 145 -8.37 -2.33 15.89
N ASP A 146 -7.59 -1.28 15.68
CA ASP A 146 -6.45 -0.98 16.54
C ASP A 146 -6.81 -0.08 17.73
N ASP A 147 -8.05 0.41 17.78
CA ASP A 147 -8.46 1.40 18.78
C ASP A 147 -7.73 2.73 18.58
N THR A 148 -7.18 2.91 17.38
CA THR A 148 -6.34 4.06 17.08
C THR A 148 -7.10 5.22 16.46
N GLU A 149 -8.33 4.98 16.02
CA GLU A 149 -9.08 6.00 15.28
C GLU A 149 -10.47 5.53 14.89
N LYS A 150 -11.40 6.47 14.76
CA LYS A 150 -12.80 6.08 14.66
C LYS A 150 -13.36 6.08 13.22
N GLU A 151 -14.31 5.18 12.97
CA GLU A 151 -14.77 4.85 11.64
C GLU A 151 -16.30 4.97 11.65
N PRO A 152 -16.92 5.36 10.52
CA PRO A 152 -18.38 5.46 10.49
C PRO A 152 -18.96 4.07 10.30
N THR A 153 -20.12 3.79 10.87
CA THR A 153 -20.75 2.47 10.72
C THR A 153 -21.69 2.44 9.53
N VAL A 154 -22.04 3.63 9.06
CA VAL A 154 -22.84 3.78 7.86
C VAL A 154 -22.63 5.21 7.40
N LEU A 155 -23.05 5.53 6.19
CA LEU A 155 -22.82 6.87 5.71
C LEU A 155 -24.10 7.70 5.83
N PRO A 156 -23.97 9.02 5.78
CA PRO A 156 -25.17 9.85 5.77
C PRO A 156 -26.10 9.44 4.64
N ALA A 157 -25.61 9.40 3.41
CA ALA A 157 -26.39 8.91 2.27
C ALA A 157 -27.42 9.91 1.74
N ALA A 158 -26.91 10.94 1.07
CA ALA A 158 -27.75 11.97 0.48
C ALA A 158 -28.71 11.40 -0.56
N PHE A 159 -28.29 10.35 -1.25
CA PHE A 159 -29.19 9.64 -2.15
C PHE A 159 -29.27 8.17 -1.75
N PRO A 160 -30.30 7.44 -2.23
CA PRO A 160 -30.58 6.04 -1.89
C PRO A 160 -29.71 5.06 -2.66
N ASN A 161 -28.41 5.15 -2.40
CA ASN A 161 -27.40 4.33 -3.05
C ASN A 161 -27.79 2.88 -3.31
N LEU A 162 -28.46 2.26 -2.35
CA LEU A 162 -28.71 0.83 -2.42
C LEU A 162 -29.41 0.42 -3.72
N LEU A 163 -30.60 0.95 -3.96
CA LEU A 163 -31.33 0.66 -5.19
C LEU A 163 -30.61 1.21 -6.42
N VAL A 164 -30.05 2.41 -6.29
CA VAL A 164 -29.43 3.10 -7.39
C VAL A 164 -28.36 2.24 -8.04
N ASN A 165 -27.34 1.90 -7.27
CA ASN A 165 -26.22 1.10 -7.76
C ASN A 165 -26.34 -0.41 -7.57
N GLY A 166 -27.49 -0.89 -7.11
CA GLY A 166 -27.66 -2.31 -6.82
C GLY A 166 -26.53 -2.87 -5.96
N SER A 167 -26.42 -4.20 -5.91
CA SER A 167 -25.33 -4.83 -5.16
C SER A 167 -25.48 -6.34 -5.07
N THR A 168 -24.33 -7.03 -5.13
CA THR A 168 -24.25 -8.49 -4.97
C THR A 168 -22.91 -8.81 -4.30
N GLY A 169 -22.81 -9.84 -3.44
CA GLY A 169 -23.93 -10.64 -2.95
C GLY A 169 -23.74 -12.14 -2.59
N ILE A 170 -22.68 -12.53 -1.87
CA ILE A 170 -22.54 -13.94 -1.42
C ILE A 170 -21.98 -14.16 0.01
N SER A 171 -22.80 -14.74 0.87
CA SER A 171 -22.38 -15.01 2.24
C SER A 171 -22.92 -16.35 2.70
N ALA A 172 -22.58 -16.72 3.94
CA ALA A 172 -23.16 -17.90 4.58
C ALA A 172 -24.70 -17.85 4.72
N GLY A 173 -25.39 -18.80 4.11
CA GLY A 173 -26.83 -18.89 4.28
C GLY A 173 -27.59 -17.86 3.46
N TYR A 174 -26.99 -16.71 3.25
CA TYR A 174 -27.64 -15.68 2.46
C TYR A 174 -26.77 -15.26 1.28
N ALA A 175 -27.41 -14.94 0.18
CA ALA A 175 -26.72 -14.29 -0.92
C ALA A 175 -27.62 -13.15 -1.39
N THR A 176 -27.08 -12.19 -2.12
CA THR A 176 -27.91 -11.10 -2.62
C THR A 176 -27.56 -10.66 -4.02
N ASP A 177 -28.59 -10.29 -4.78
CA ASP A 177 -28.46 -9.57 -6.04
C ASP A 177 -29.52 -8.49 -6.09
N ILE A 178 -29.10 -7.25 -6.28
CA ILE A 178 -30.04 -6.13 -6.41
C ILE A 178 -29.70 -5.31 -7.65
N PRO A 179 -30.69 -5.16 -8.54
CA PRO A 179 -30.49 -4.51 -9.83
C PRO A 179 -30.27 -3.04 -9.62
N PRO A 180 -29.38 -2.44 -10.41
CA PRO A 180 -29.22 -0.99 -10.35
C PRO A 180 -30.55 -0.32 -10.67
N HIS A 181 -30.72 0.94 -10.28
CA HIS A 181 -31.93 1.69 -10.62
C HIS A 181 -31.65 3.14 -11.03
N ASN A 182 -32.59 3.73 -11.77
CA ASN A 182 -32.54 5.13 -12.21
C ASN A 182 -32.61 6.21 -11.11
N LEU A 183 -31.47 6.72 -10.64
CA LEU A 183 -31.44 7.70 -9.56
C LEU A 183 -32.66 8.63 -9.54
N ALA A 184 -33.00 9.20 -10.69
CA ALA A 184 -34.16 10.10 -10.75
C ALA A 184 -35.40 9.38 -10.22
N GLU A 185 -35.82 8.34 -10.93
CA GLU A 185 -36.97 7.53 -10.56
C GLU A 185 -36.94 7.08 -9.09
N VAL A 186 -35.80 6.62 -8.61
CA VAL A 186 -35.73 6.15 -7.25
C VAL A 186 -36.18 7.22 -6.28
N ILE A 187 -35.56 8.40 -6.40
CA ILE A 187 -35.86 9.52 -5.52
C ILE A 187 -37.33 9.90 -5.61
N ASP A 188 -37.89 9.89 -6.82
CA ASP A 188 -39.31 10.19 -7.01
C ASP A 188 -40.16 9.35 -6.04
N ALA A 189 -39.88 8.05 -6.05
CA ALA A 189 -40.57 7.12 -5.18
C ALA A 189 -40.35 7.53 -3.74
N ALA A 190 -39.09 7.76 -3.37
CA ALA A 190 -38.75 8.12 -2.00
C ALA A 190 -39.59 9.30 -1.52
N VAL A 191 -39.59 10.36 -2.31
CA VAL A 191 -40.35 11.53 -1.96
C VAL A 191 -41.82 11.19 -1.77
N TYR A 192 -42.40 10.50 -2.74
CA TYR A 192 -43.81 10.17 -2.62
C TYR A 192 -44.09 9.45 -1.30
N MET A 193 -43.32 8.41 -1.01
CA MET A 193 -43.50 7.69 0.25
C MET A 193 -43.39 8.61 1.47
N ILE A 194 -42.49 9.58 1.39
CA ILE A 194 -42.32 10.54 2.48
C ILE A 194 -43.63 11.25 2.81
N ASP A 195 -44.37 11.64 1.78
CA ASP A 195 -45.69 12.24 1.96
C ASP A 195 -46.77 11.20 2.30
N HIS A 196 -46.97 10.20 1.44
CA HIS A 196 -47.91 9.09 1.69
C HIS A 196 -47.26 7.78 2.15
N PRO A 197 -46.73 7.73 3.38
CA PRO A 197 -46.03 6.56 3.91
C PRO A 197 -46.77 5.24 3.72
N THR A 198 -48.07 5.24 3.96
CA THR A 198 -48.87 4.03 3.83
C THR A 198 -49.00 3.58 2.37
N ALA A 199 -47.91 3.76 1.60
CA ALA A 199 -47.96 3.62 0.15
C ALA A 199 -47.97 2.17 -0.34
N LYS A 200 -48.86 1.89 -1.29
CA LYS A 200 -48.92 0.58 -1.92
C LYS A 200 -47.89 0.51 -3.05
N ILE A 201 -47.37 -0.69 -3.30
CA ILE A 201 -46.39 -0.88 -4.37
C ILE A 201 -46.89 -0.38 -5.71
N ASP A 202 -48.13 -0.73 -6.07
CA ASP A 202 -48.65 -0.37 -7.39
C ASP A 202 -48.39 1.09 -7.72
N LYS A 203 -48.68 1.97 -6.77
CA LYS A 203 -48.42 3.40 -6.94
C LYS A 203 -46.91 3.71 -6.94
N LEU A 204 -46.17 3.05 -6.06
CA LEU A 204 -44.73 3.27 -6.03
C LEU A 204 -44.15 2.95 -7.39
N MET A 205 -44.72 1.93 -8.02
CA MET A 205 -44.29 1.44 -9.32
C MET A 205 -44.39 2.52 -10.39
N GLU A 206 -45.44 3.34 -10.26
CA GLU A 206 -45.62 4.50 -11.14
C GLU A 206 -44.38 5.39 -11.14
N PHE A 207 -43.74 5.53 -9.98
CA PHE A 207 -42.42 6.19 -9.89
C PHE A 207 -41.21 5.30 -10.24
N LEU A 208 -40.85 4.36 -9.37
CA LEU A 208 -39.83 3.35 -9.68
C LEU A 208 -40.46 2.16 -10.43
N PRO A 209 -40.42 2.19 -11.77
CA PRO A 209 -41.06 1.18 -12.63
C PRO A 209 -40.25 -0.10 -12.80
N GLY A 210 -39.05 -0.17 -12.26
CA GLY A 210 -38.21 -1.33 -12.50
C GLY A 210 -36.78 -0.93 -12.78
N PRO A 211 -35.87 -1.91 -12.78
CA PRO A 211 -34.43 -1.67 -12.80
C PRO A 211 -33.98 -0.82 -13.97
N ASP A 212 -33.00 0.03 -13.73
CA ASP A 212 -32.27 0.67 -14.80
C ASP A 212 -30.84 0.10 -14.84
N PHE A 213 -30.51 -0.62 -15.90
CA PHE A 213 -29.16 -1.17 -16.06
C PHE A 213 -28.26 -0.12 -16.70
N PRO A 214 -26.98 -0.10 -16.31
CA PRO A 214 -26.03 0.87 -16.85
C PRO A 214 -25.74 0.53 -18.30
N THR A 215 -25.97 -0.73 -18.67
CA THR A 215 -25.69 -1.19 -20.02
C THR A 215 -26.93 -1.12 -20.90
N GLY A 216 -27.86 -0.26 -20.55
CA GLY A 216 -29.11 -0.15 -21.29
C GLY A 216 -29.84 -1.48 -21.31
N ALA A 217 -30.05 -2.01 -22.51
CA ALA A 217 -30.74 -3.29 -22.70
C ALA A 217 -32.27 -3.19 -22.60
N ILE A 218 -32.95 -4.29 -22.91
CA ILE A 218 -34.41 -4.31 -22.84
C ILE A 218 -34.88 -5.27 -21.76
N ILE A 219 -35.79 -4.79 -20.90
CA ILE A 219 -36.24 -5.57 -19.75
C ILE A 219 -37.71 -5.86 -19.87
N GLN A 220 -38.08 -7.12 -19.80
CA GLN A 220 -39.46 -7.53 -20.01
C GLN A 220 -39.92 -8.43 -18.88
N GLY A 221 -41.01 -8.05 -18.23
CA GLY A 221 -41.61 -8.88 -17.20
C GLY A 221 -42.22 -8.10 -16.06
N ARG A 222 -43.06 -7.13 -16.39
CA ARG A 222 -43.70 -6.30 -15.38
C ARG A 222 -44.28 -7.14 -14.24
N ASP A 223 -44.94 -8.23 -14.57
CA ASP A 223 -45.56 -9.08 -13.56
C ASP A 223 -44.54 -9.56 -12.52
N GLU A 224 -43.52 -10.27 -12.99
CA GLU A 224 -42.47 -10.78 -12.11
C GLU A 224 -41.73 -9.64 -11.40
N ILE A 225 -41.56 -8.51 -12.08
CA ILE A 225 -40.90 -7.36 -11.46
C ILE A 225 -41.63 -6.96 -10.20
N LYS A 226 -42.94 -6.80 -10.32
CA LYS A 226 -43.77 -6.46 -9.16
C LYS A 226 -43.50 -7.47 -8.04
N LYS A 227 -43.48 -8.75 -8.39
CA LYS A 227 -43.25 -9.81 -7.41
C LYS A 227 -41.94 -9.54 -6.69
N ALA A 228 -40.92 -9.18 -7.46
CA ALA A 228 -39.61 -8.86 -6.93
C ALA A 228 -39.70 -7.69 -5.96
N TYR A 229 -40.32 -6.60 -6.40
CA TYR A 229 -40.52 -5.42 -5.56
C TYR A 229 -41.38 -5.69 -4.32
N GLU A 230 -42.36 -6.59 -4.44
CA GLU A 230 -43.18 -7.00 -3.31
C GLU A 230 -42.45 -7.91 -2.32
N THR A 231 -42.12 -9.13 -2.77
CA THR A 231 -41.43 -10.15 -1.96
C THR A 231 -39.92 -9.97 -1.75
N GLY A 232 -39.22 -9.50 -2.77
CA GLY A 232 -37.77 -9.41 -2.73
C GLY A 232 -37.10 -10.40 -3.66
N LYS A 233 -37.89 -11.30 -4.24
CA LYS A 233 -37.40 -12.27 -5.22
C LYS A 233 -38.24 -12.22 -6.49
N GLY A 234 -37.58 -12.37 -7.64
CA GLY A 234 -38.25 -12.34 -8.92
C GLY A 234 -37.36 -12.81 -10.07
N ARG A 235 -37.96 -13.12 -11.22
CA ARG A 235 -37.17 -13.38 -12.43
C ARG A 235 -37.65 -12.50 -13.58
N VAL A 236 -36.70 -11.90 -14.28
CA VAL A 236 -36.98 -10.92 -15.34
C VAL A 236 -36.27 -11.35 -16.62
N VAL A 237 -36.73 -10.87 -17.76
CA VAL A 237 -36.04 -11.16 -19.00
C VAL A 237 -35.31 -9.91 -19.47
N VAL A 238 -34.10 -10.11 -19.97
CA VAL A 238 -33.26 -9.03 -20.47
C VAL A 238 -32.82 -9.38 -21.87
N ARG A 239 -33.15 -8.54 -22.85
CA ARG A 239 -32.75 -8.82 -24.22
C ARG A 239 -31.88 -7.69 -24.77
N SER A 240 -30.74 -8.08 -25.32
CA SER A 240 -29.89 -7.13 -26.03
C SER A 240 -30.70 -6.35 -27.08
N LYS A 241 -30.25 -5.15 -27.41
CA LYS A 241 -31.03 -4.28 -28.29
C LYS A 241 -30.56 -4.46 -29.72
N THR A 242 -31.50 -4.88 -30.56
CA THR A 242 -31.17 -5.36 -31.89
C THR A 242 -31.62 -4.38 -32.97
N GLU A 243 -30.78 -4.21 -33.98
CA GLU A 243 -31.07 -3.40 -35.16
C GLU A 243 -30.78 -4.24 -36.40
N ILE A 244 -31.52 -4.02 -37.48
CA ILE A 244 -31.28 -4.75 -38.72
C ILE A 244 -30.83 -3.83 -39.85
N GLU A 245 -29.66 -4.12 -40.41
CA GLU A 245 -29.04 -3.28 -41.43
C GLU A 245 -28.94 -4.08 -42.72
N LYS A 246 -29.10 -3.40 -43.86
CA LYS A 246 -29.13 -4.07 -45.16
C LYS A 246 -28.09 -3.50 -46.11
N GLN A 253 -28.17 -8.06 -42.13
CA GLN A 253 -27.18 -7.80 -41.09
C GLN A 253 -27.82 -7.50 -39.72
N ILE A 254 -27.25 -8.07 -38.68
CA ILE A 254 -27.75 -7.85 -37.34
C ILE A 254 -26.77 -6.99 -36.57
N VAL A 255 -27.23 -5.86 -36.09
CA VAL A 255 -26.37 -4.93 -35.37
C VAL A 255 -26.78 -4.93 -33.90
N ILE A 256 -25.80 -5.16 -33.03
CA ILE A 256 -26.08 -5.25 -31.61
C ILE A 256 -25.42 -4.05 -30.95
N THR A 257 -26.18 -3.29 -30.18
CA THR A 257 -25.65 -2.06 -29.62
C THR A 257 -25.94 -1.94 -28.14
N GLU A 258 -26.32 -3.05 -27.52
CA GLU A 258 -26.53 -3.09 -26.08
C GLU A 258 -26.59 -4.56 -25.72
N ILE A 259 -25.99 -4.95 -24.60
CA ILE A 259 -26.18 -6.32 -24.16
C ILE A 259 -26.65 -6.33 -22.70
N PRO A 260 -27.01 -7.52 -22.20
CA PRO A 260 -27.56 -7.61 -20.84
C PRO A 260 -26.51 -7.38 -19.75
N TYR A 261 -26.86 -6.55 -18.78
CA TYR A 261 -26.09 -6.39 -17.55
C TYR A 261 -25.33 -7.65 -17.11
N GLU A 262 -24.19 -7.44 -16.48
CA GLU A 262 -23.42 -8.55 -15.91
C GLU A 262 -23.02 -9.59 -16.94
N ILE A 263 -23.05 -9.22 -18.21
CA ILE A 263 -22.73 -10.19 -19.25
C ILE A 263 -21.45 -9.77 -19.98
N ASN A 264 -20.66 -10.75 -20.39
CA ASN A 264 -19.30 -10.55 -20.92
C ASN A 264 -19.13 -10.41 -22.43
N LYS A 265 -19.29 -9.20 -22.95
CA LYS A 265 -19.21 -8.97 -24.40
C LYS A 265 -18.24 -9.89 -25.13
N ALA A 266 -17.05 -10.10 -24.59
CA ALA A 266 -16.05 -10.93 -25.25
C ALA A 266 -16.54 -12.36 -25.49
N ASN A 267 -16.74 -13.11 -24.42
CA ASN A 267 -17.21 -14.49 -24.53
C ASN A 267 -18.54 -14.55 -25.26
N LEU A 268 -19.41 -13.58 -25.01
CA LEU A 268 -20.71 -13.52 -25.66
C LEU A 268 -20.52 -13.65 -27.17
N VAL A 269 -19.58 -12.87 -27.70
CA VAL A 269 -19.24 -12.95 -29.12
C VAL A 269 -18.74 -14.33 -29.57
N LYS A 270 -17.80 -14.93 -28.84
CA LYS A 270 -17.32 -16.27 -29.20
C LYS A 270 -18.46 -17.27 -29.22
N LYS A 271 -19.34 -17.21 -28.23
CA LYS A 271 -20.48 -18.10 -28.15
C LYS A 271 -21.36 -17.97 -29.37
N ILE A 272 -21.49 -16.75 -29.89
CA ILE A 272 -22.24 -16.52 -31.12
C ILE A 272 -21.58 -17.20 -32.32
N ASP A 273 -20.30 -16.95 -32.52
CA ASP A 273 -19.56 -17.57 -33.61
C ASP A 273 -19.45 -19.09 -33.50
N ASP A 274 -19.39 -19.59 -32.26
CA ASP A 274 -19.44 -21.02 -32.03
C ASP A 274 -20.73 -21.60 -32.62
N VAL A 275 -21.79 -20.81 -32.57
CA VAL A 275 -23.04 -21.18 -33.21
C VAL A 275 -22.85 -21.41 -34.71
N ARG A 276 -22.16 -20.47 -35.37
CA ARG A 276 -21.88 -20.60 -36.79
C ARG A 276 -21.04 -21.84 -37.13
N VAL A 277 -19.87 -21.97 -36.51
CA VAL A 277 -19.00 -23.11 -36.80
C VAL A 277 -19.65 -24.46 -36.50
N ASN A 278 -20.29 -24.55 -35.34
CA ASN A 278 -21.13 -25.70 -35.03
C ASN A 278 -22.33 -25.75 -35.98
N ASN A 279 -22.46 -24.73 -36.82
CA ASN A 279 -23.58 -24.59 -37.75
C ASN A 279 -24.90 -25.05 -37.14
N LYS A 280 -25.07 -24.80 -35.85
CA LYS A 280 -26.22 -25.27 -35.10
C LYS A 280 -27.52 -24.65 -35.62
N VAL A 281 -27.44 -23.43 -36.14
CA VAL A 281 -28.62 -22.81 -36.72
C VAL A 281 -28.38 -22.39 -38.17
N ALA A 282 -29.48 -22.18 -38.89
CA ALA A 282 -29.45 -21.94 -40.32
C ALA A 282 -28.49 -20.83 -40.79
N GLY A 283 -29.06 -19.71 -41.21
CA GLY A 283 -28.33 -18.67 -41.92
C GLY A 283 -27.07 -18.11 -41.29
N ILE A 284 -26.67 -18.62 -40.12
CA ILE A 284 -25.43 -18.15 -39.47
C ILE A 284 -24.41 -17.86 -40.55
N ALA A 285 -23.79 -16.69 -40.49
CA ALA A 285 -23.03 -16.20 -41.63
C ALA A 285 -21.52 -16.09 -41.36
N VAL A 287 -20.05 -13.48 -37.95
CA VAL A 287 -19.98 -12.82 -36.63
C VAL A 287 -18.66 -12.07 -36.37
N ARG A 288 -18.73 -10.74 -36.34
CA ARG A 288 -17.56 -9.89 -36.11
C ARG A 288 -17.83 -8.90 -34.97
N ASP A 289 -16.79 -8.54 -34.23
CA ASP A 289 -16.95 -7.52 -33.21
C ASP A 289 -16.12 -6.30 -33.60
N GLU A 290 -16.79 -5.18 -33.85
CA GLU A 290 -16.07 -3.96 -34.14
C GLU A 290 -16.57 -2.83 -33.24
N SER A 291 -16.09 -2.83 -32.01
CA SER A 291 -16.49 -1.82 -31.04
C SER A 291 -15.23 -1.08 -30.64
N ASP A 292 -15.32 0.23 -30.52
CA ASP A 292 -14.17 1.03 -30.15
C ASP A 292 -14.53 2.06 -29.09
N ARG A 293 -13.51 2.62 -28.46
CA ARG A 293 -13.67 3.69 -27.48
C ARG A 293 -14.73 4.73 -27.91
N ASP A 294 -16.00 4.39 -27.63
CA ASP A 294 -17.19 5.24 -27.89
C ASP A 294 -18.30 4.54 -28.71
N GLY A 295 -18.79 3.42 -28.19
CA GLY A 295 -19.90 2.74 -28.83
C GLY A 295 -19.75 1.23 -28.90
N LEU A 296 -20.85 0.53 -28.69
CA LEU A 296 -20.83 -0.93 -28.79
C LEU A 296 -21.48 -1.34 -30.10
N ARG A 297 -20.77 -2.16 -30.86
CA ARG A 297 -21.28 -2.67 -32.13
C ARG A 297 -20.85 -4.11 -32.34
N ILE A 298 -21.82 -5.00 -32.50
CA ILE A 298 -21.52 -6.39 -32.84
C ILE A 298 -22.29 -6.72 -34.11
N ALA A 299 -21.59 -7.30 -35.08
CA ALA A 299 -22.18 -7.56 -36.39
C ALA A 299 -22.43 -9.05 -36.62
N ILE A 300 -23.64 -9.38 -37.03
CA ILE A 300 -24.00 -10.74 -37.39
C ILE A 300 -24.53 -10.81 -38.83
N LYS A 304 -27.43 -15.96 -47.46
CA LYS A 304 -28.48 -16.25 -48.44
C LYS A 304 -29.86 -16.27 -47.79
N ASP A 305 -30.32 -17.47 -47.40
CA ASP A 305 -31.62 -17.63 -46.74
C ASP A 305 -31.72 -16.78 -45.48
N ALA A 306 -32.25 -15.57 -45.65
CA ALA A 306 -32.39 -14.63 -44.55
C ALA A 306 -33.49 -15.03 -43.59
N ASN A 307 -33.43 -16.28 -43.13
CA ASN A 307 -34.23 -16.75 -42.02
C ASN A 307 -33.88 -15.95 -40.77
N THR A 308 -33.63 -14.66 -40.97
CA THR A 308 -33.13 -13.76 -39.93
C THR A 308 -33.85 -13.89 -38.59
N GLU A 309 -35.19 -13.88 -38.61
CA GLU A 309 -35.98 -13.96 -37.39
C GLU A 309 -35.75 -15.26 -36.62
N LEU A 310 -35.61 -16.36 -37.36
CA LEU A 310 -35.22 -17.64 -36.79
C LEU A 310 -33.81 -17.57 -36.18
N VAL A 311 -32.86 -17.01 -36.90
CA VAL A 311 -31.48 -16.87 -36.38
C VAL A 311 -31.45 -16.06 -35.08
N LEU A 312 -32.07 -14.89 -35.12
CA LEU A 312 -32.15 -14.00 -33.96
C LEU A 312 -32.88 -14.67 -32.80
N ASN A 313 -34.10 -15.15 -33.07
CA ASN A 313 -34.93 -15.81 -32.08
C ASN A 313 -34.25 -17.03 -31.46
N TYR A 314 -33.50 -17.76 -32.27
CA TYR A 314 -32.70 -18.88 -31.79
C TYR A 314 -31.57 -18.38 -30.89
N LEU A 315 -30.85 -17.38 -31.38
CA LEU A 315 -29.76 -16.81 -30.61
C LEU A 315 -30.23 -16.51 -29.19
N PHE A 316 -31.36 -15.83 -29.05
CA PHE A 316 -31.86 -15.49 -27.72
C PHE A 316 -31.93 -16.72 -26.81
N LYS A 317 -32.58 -17.78 -27.30
CA LYS A 317 -32.69 -19.01 -26.53
C LYS A 317 -31.30 -19.57 -26.23
N TYR A 318 -30.61 -20.01 -27.27
CA TYR A 318 -29.35 -20.75 -27.16
C TYR A 318 -28.10 -19.99 -26.69
N THR A 319 -28.18 -18.66 -26.56
CA THR A 319 -27.06 -17.88 -26.03
C THR A 319 -27.49 -16.79 -25.07
N ASP A 320 -26.51 -15.99 -24.65
CA ASP A 320 -26.74 -14.98 -23.62
C ASP A 320 -27.05 -13.61 -24.19
N LEU A 321 -27.37 -13.55 -25.48
CA LEU A 321 -27.89 -12.31 -26.07
C LEU A 321 -29.20 -11.90 -25.39
N GLN A 322 -29.85 -12.89 -24.80
CA GLN A 322 -31.00 -12.64 -23.96
C GLN A 322 -30.90 -13.64 -22.81
N ILE A 323 -30.86 -13.09 -21.60
CA ILE A 323 -30.78 -13.89 -20.39
C ILE A 323 -31.92 -13.48 -19.50
N ASN A 324 -32.01 -14.11 -18.34
CA ASN A 324 -32.89 -13.61 -17.32
C ASN A 324 -32.05 -13.09 -16.16
N TYR A 325 -32.56 -12.09 -15.47
CA TYR A 325 -31.88 -11.53 -14.33
C TYR A 325 -32.71 -11.84 -13.11
N ASN A 326 -32.05 -12.18 -12.03
CA ASN A 326 -32.75 -12.63 -10.85
C ASN A 326 -32.69 -11.66 -9.70
N PHE A 327 -33.81 -11.56 -9.00
CA PHE A 327 -33.92 -10.63 -7.90
C PHE A 327 -33.78 -11.43 -6.64
N ASN A 328 -32.80 -11.03 -5.85
CA ASN A 328 -32.70 -11.53 -4.51
C ASN A 328 -32.29 -10.36 -3.65
N MET A 329 -33.26 -9.62 -3.14
CA MET A 329 -32.90 -8.36 -2.55
C MET A 329 -32.82 -8.54 -1.06
N VAL A 330 -31.57 -8.60 -0.62
CA VAL A 330 -31.25 -8.96 0.73
C VAL A 330 -30.27 -7.94 1.27
N ALA A 331 -30.66 -7.26 2.33
CA ALA A 331 -29.78 -6.28 2.93
C ALA A 331 -29.72 -6.45 4.43
N ILE A 332 -28.90 -5.62 5.05
CA ILE A 332 -28.80 -5.67 6.48
C ILE A 332 -29.61 -4.53 7.04
N ASP A 333 -30.67 -4.89 7.78
CA ASP A 333 -31.42 -3.93 8.58
C ASP A 333 -31.37 -4.44 10.02
N ASN A 334 -31.23 -3.52 10.97
CA ASN A 334 -31.19 -3.90 12.37
C ASN A 334 -30.09 -4.93 12.65
N PHE A 335 -28.97 -4.79 11.94
CA PHE A 335 -27.82 -5.65 12.18
C PHE A 335 -28.07 -7.07 11.71
N THR A 336 -29.07 -7.27 10.86
CA THR A 336 -29.41 -8.63 10.46
C THR A 336 -29.87 -8.81 9.03
N PRO A 337 -29.67 -10.02 8.48
CA PRO A 337 -30.07 -10.38 7.12
C PRO A 337 -31.56 -10.25 6.98
N ARG A 338 -32.02 -9.51 5.98
CA ARG A 338 -33.45 -9.49 5.66
C ARG A 338 -33.61 -9.50 4.16
N GLN A 339 -34.60 -10.27 3.70
CA GLN A 339 -34.93 -10.17 2.30
C GLN A 339 -36.14 -9.27 2.24
N VAL A 340 -36.00 -8.19 1.47
CA VAL A 340 -36.97 -7.13 1.51
C VAL A 340 -37.31 -6.66 0.11
N GLY A 341 -38.44 -5.97 -0.02
CA GLY A 341 -38.85 -5.37 -1.26
C GLY A 341 -38.60 -3.88 -1.31
N ILE A 342 -39.14 -3.22 -2.33
CA ILE A 342 -38.94 -1.80 -2.49
C ILE A 342 -39.41 -1.05 -1.26
N VAL A 343 -40.57 -1.43 -0.73
CA VAL A 343 -41.17 -0.73 0.40
C VAL A 343 -40.30 -0.67 1.67
N PRO A 344 -39.74 -1.82 2.08
CA PRO A 344 -38.81 -1.83 3.21
C PRO A 344 -37.59 -0.97 2.90
N ILE A 345 -36.97 -1.19 1.75
CA ILE A 345 -35.74 -0.47 1.40
C ILE A 345 -35.97 1.03 1.43
N LEU A 346 -37.02 1.47 0.73
CA LEU A 346 -37.37 2.89 0.72
C LEU A 346 -37.68 3.40 2.12
N SER A 347 -38.62 2.76 2.79
CA SER A 347 -38.98 3.24 4.10
C SER A 347 -37.76 3.40 4.97
N SER A 348 -36.96 2.35 5.08
CA SER A 348 -35.79 2.39 5.96
C SER A 348 -34.84 3.51 5.57
N TYR A 349 -34.60 3.67 4.27
CA TYR A 349 -33.72 4.75 3.80
C TYR A 349 -34.23 6.09 4.32
N ILE A 350 -35.52 6.32 4.12
CA ILE A 350 -36.16 7.54 4.58
C ILE A 350 -35.92 7.77 6.07
N ALA A 351 -36.26 6.77 6.88
CA ALA A 351 -36.14 6.89 8.31
C ALA A 351 -34.71 7.23 8.69
N HIS A 352 -33.76 6.70 7.92
CA HIS A 352 -32.36 7.00 8.16
C HIS A 352 -32.11 8.49 8.00
N ARG A 353 -32.44 8.98 6.82
CA ARG A 353 -32.26 10.38 6.50
C ARG A 353 -32.85 11.23 7.61
N ARG A 354 -33.90 10.75 8.28
CA ARG A 354 -34.48 11.49 9.39
C ARG A 354 -33.49 11.64 10.53
N GLU A 355 -32.99 10.51 11.02
CA GLU A 355 -32.01 10.55 12.10
C GLU A 355 -30.88 11.46 11.69
N VAL A 356 -30.43 11.33 10.44
CA VAL A 356 -29.30 12.11 9.96
C VAL A 356 -29.62 13.58 10.05
N ILE A 357 -30.78 13.94 9.51
CA ILE A 357 -31.21 15.33 9.51
C ILE A 357 -31.26 15.88 10.93
N LEU A 358 -31.99 15.21 11.81
CA LEU A 358 -32.11 15.64 13.19
C LEU A 358 -30.76 15.74 13.89
N ALA A 359 -29.89 14.77 13.68
CA ALA A 359 -28.55 14.79 14.29
C ALA A 359 -27.74 15.97 13.76
N ARG A 360 -27.82 16.19 12.45
CA ARG A 360 -27.15 17.31 11.81
C ARG A 360 -27.55 18.57 12.53
N SER A 361 -28.85 18.84 12.52
CA SER A 361 -29.38 20.05 13.12
C SER A 361 -28.93 20.17 14.57
N ARG A 362 -29.09 19.09 15.34
CA ARG A 362 -28.75 19.14 16.77
C ARG A 362 -27.32 19.66 16.94
N PHE A 363 -26.39 19.11 16.17
CA PHE A 363 -24.98 19.52 16.19
C PHE A 363 -24.77 20.96 15.72
N ASP A 364 -25.46 21.35 14.65
CA ASP A 364 -25.38 22.72 14.11
C ASP A 364 -25.88 23.76 15.11
N LYS A 365 -26.98 23.42 15.77
CA LYS A 365 -27.62 24.29 16.75
C LYS A 365 -26.65 24.57 17.88
N GLU A 366 -26.03 23.53 18.43
CA GLU A 366 -25.02 23.71 19.47
C GLU A 366 -23.86 24.56 18.95
N LYS A 367 -23.33 24.24 17.78
CA LYS A 367 -22.23 25.04 17.24
C LYS A 367 -22.67 26.50 17.22
N ALA A 368 -23.89 26.74 16.76
CA ALA A 368 -24.45 28.08 16.72
C ALA A 368 -24.42 28.71 18.10
N GLU A 369 -25.08 28.06 19.05
CA GLU A 369 -25.27 28.58 20.39
C GLU A 369 -23.97 29.02 21.05
N LYS A 370 -22.89 28.28 20.80
CA LYS A 370 -21.58 28.63 21.38
C LYS A 370 -21.04 29.94 20.82
N ARG A 371 -20.91 30.06 19.50
CA ARG A 371 -20.43 31.33 18.92
C ARG A 371 -21.37 32.47 19.23
N LEU A 372 -22.66 32.17 19.34
CA LEU A 372 -23.64 33.17 19.74
C LEU A 372 -23.34 33.68 21.15
N HIS A 373 -23.17 32.76 22.10
CA HIS A 373 -22.81 33.14 23.45
C HIS A 373 -21.47 33.89 23.49
N ILE A 374 -20.53 33.47 22.65
CA ILE A 374 -19.23 34.15 22.54
C ILE A 374 -19.35 35.52 21.88
N VAL A 375 -20.12 35.61 20.81
CA VAL A 375 -20.43 36.88 20.18
C VAL A 375 -21.12 37.83 21.14
N GLU A 376 -22.15 37.34 21.81
CA GLU A 376 -22.88 38.13 22.79
C GLU A 376 -21.85 38.75 23.73
N GLY A 377 -20.82 37.98 24.04
CA GLY A 377 -19.76 38.41 24.93
C GLY A 377 -18.90 39.53 24.38
N LEU A 378 -18.39 39.35 23.16
CA LEU A 378 -17.57 40.38 22.53
C LEU A 378 -18.32 41.70 22.46
N ILE A 379 -19.60 41.64 22.12
CA ILE A 379 -20.45 42.81 22.09
C ILE A 379 -20.38 43.60 23.40
N ARG A 380 -20.53 42.91 24.53
CA ARG A 380 -20.43 43.57 25.83
C ARG A 380 -19.07 44.23 26.01
N VAL A 381 -18.00 43.53 25.65
CA VAL A 381 -16.65 44.06 25.79
C VAL A 381 -16.45 45.34 24.99
N ILE A 382 -16.97 45.37 23.78
CA ILE A 382 -16.81 46.55 22.94
C ILE A 382 -17.17 47.83 23.72
N SER A 383 -18.17 47.74 24.60
CA SER A 383 -18.57 48.86 25.47
C SER A 383 -17.69 49.13 26.71
N ILE A 384 -16.99 48.10 27.19
CA ILE A 384 -16.11 48.25 28.36
C ILE A 384 -14.62 48.21 27.94
N LEU A 385 -14.38 48.31 26.64
CA LEU A 385 -13.08 47.99 26.06
C LEU A 385 -11.92 48.65 26.78
N ASP A 386 -11.97 49.97 26.93
CA ASP A 386 -10.86 50.67 27.56
C ASP A 386 -10.46 49.97 28.87
N GLU A 387 -11.43 49.86 29.78
CA GLU A 387 -11.22 49.24 31.09
C GLU A 387 -10.77 47.78 31.03
N VAL A 388 -11.31 47.02 30.07
CA VAL A 388 -10.95 45.61 29.91
C VAL A 388 -9.47 45.42 29.65
N ILE A 389 -8.94 46.13 28.66
CA ILE A 389 -7.52 46.08 28.36
C ILE A 389 -6.73 46.48 29.58
N ALA A 390 -7.16 47.58 30.21
CA ALA A 390 -6.51 48.04 31.43
C ALA A 390 -6.37 46.92 32.42
N LEU A 391 -7.45 46.15 32.62
CA LEU A 391 -7.41 44.99 33.49
C LEU A 391 -6.36 43.98 33.05
N ILE A 392 -6.35 43.65 31.77
CA ILE A 392 -5.45 42.63 31.24
C ILE A 392 -4.00 43.00 31.49
N ARG A 393 -3.68 44.29 31.33
CA ARG A 393 -2.35 44.81 31.56
C ARG A 393 -1.95 44.64 33.04
N ALA A 394 -2.83 45.09 33.92
CA ALA A 394 -2.64 44.94 35.35
C ALA A 394 -2.67 43.48 35.80
N SER A 395 -2.98 42.56 34.88
CA SER A 395 -3.04 41.14 35.20
C SER A 395 -1.67 40.48 35.13
N GLU A 396 -1.49 39.40 35.88
CA GLU A 396 -0.20 38.74 36.00
C GLU A 396 0.09 37.72 34.88
N ASN A 397 -0.74 36.66 34.81
CA ASN A 397 -0.58 35.60 33.83
C ASN A 397 -1.64 35.71 32.71
N LYS A 398 -1.58 34.83 31.71
CA LYS A 398 -2.70 34.73 30.78
C LYS A 398 -3.91 34.30 31.60
N ALA A 399 -3.71 33.22 32.34
CA ALA A 399 -4.74 32.69 33.23
C ALA A 399 -5.17 33.71 34.30
N ASP A 400 -4.22 34.37 34.93
CA ASP A 400 -4.57 35.40 35.91
C ASP A 400 -5.45 36.42 35.21
N ALA A 401 -5.09 36.73 33.98
CA ALA A 401 -5.86 37.64 33.16
C ALA A 401 -7.32 37.18 33.10
N LYS A 402 -7.52 35.96 32.60
CA LYS A 402 -8.86 35.39 32.47
C LYS A 402 -9.61 35.48 33.79
N GLU A 403 -8.99 34.97 34.85
CA GLU A 403 -9.62 34.87 36.18
C GLU A 403 -10.04 36.22 36.74
N ASN A 404 -9.27 37.26 36.46
CA ASN A 404 -9.64 38.61 36.86
C ASN A 404 -10.88 39.12 36.12
N LEU A 405 -10.99 38.82 34.82
CA LEU A 405 -12.19 39.19 34.06
C LEU A 405 -13.44 38.50 34.60
N LYS A 406 -13.31 37.21 34.87
CA LYS A 406 -14.40 36.44 35.45
C LYS A 406 -14.85 37.02 36.79
N VAL A 407 -13.88 37.40 37.64
CA VAL A 407 -14.18 38.03 38.93
C VAL A 407 -14.87 39.40 38.80
N SER A 408 -14.29 40.30 38.02
CA SER A 408 -14.83 41.65 37.86
C SER A 408 -16.13 41.73 37.03
N TYR A 409 -15.99 41.75 35.71
CA TYR A 409 -17.13 41.86 34.80
C TYR A 409 -17.92 40.55 34.64
N ASP A 410 -17.75 39.63 35.58
CA ASP A 410 -18.35 38.30 35.51
C ASP A 410 -18.70 37.85 34.07
N PHE A 411 -17.68 37.81 33.23
CA PHE A 411 -17.79 37.13 31.94
C PHE A 411 -17.77 35.66 32.28
N THR A 412 -18.04 34.80 31.28
CA THR A 412 -17.99 33.37 31.52
C THR A 412 -16.58 32.85 31.32
N GLU A 413 -16.44 31.54 31.23
CA GLU A 413 -15.12 30.95 31.03
C GLU A 413 -14.72 31.11 29.57
N GLU A 414 -15.54 30.54 28.69
CA GLU A 414 -15.29 30.54 27.25
C GLU A 414 -15.18 31.95 26.71
N GLN A 415 -16.02 32.84 27.21
CA GLN A 415 -15.97 34.24 26.80
C GLN A 415 -14.58 34.81 27.08
N ALA A 416 -14.03 34.43 28.24
CA ALA A 416 -12.68 34.84 28.65
C ALA A 416 -11.58 34.43 27.67
N GLU A 417 -11.48 33.13 27.41
CA GLU A 417 -10.47 32.67 26.46
C GLU A 417 -10.63 33.50 25.19
N ALA A 418 -11.88 33.68 24.75
CA ALA A 418 -12.15 34.40 23.51
C ALA A 418 -11.61 35.83 23.51
N ILE A 419 -11.97 36.60 24.54
CA ILE A 419 -11.53 37.97 24.61
C ILE A 419 -10.01 38.06 24.76
N VAL A 420 -9.45 37.21 25.60
CA VAL A 420 -8.00 37.17 25.79
C VAL A 420 -7.20 36.80 24.55
N THR A 421 -7.50 35.65 23.94
CA THR A 421 -6.77 35.17 22.77
C THR A 421 -6.95 36.06 21.55
N LEU A 422 -7.96 36.93 21.57
CA LEU A 422 -8.14 37.91 20.50
C LEU A 422 -6.78 38.42 20.10
N GLN A 423 -6.48 38.46 18.80
CA GLN A 423 -5.21 39.03 18.42
C GLN A 423 -5.32 40.54 18.63
N LEU A 424 -4.52 41.33 17.93
CA LEU A 424 -4.54 42.77 18.21
C LEU A 424 -5.18 43.60 17.12
N TYR A 425 -4.97 43.22 15.86
CA TYR A 425 -5.59 43.92 14.77
C TYR A 425 -7.08 43.77 14.89
N ARG A 426 -7.51 42.82 15.72
CA ARG A 426 -8.93 42.61 15.94
C ARG A 426 -9.49 43.82 16.67
N LEU A 427 -8.64 44.49 17.44
CA LEU A 427 -9.04 45.73 18.10
C LEU A 427 -9.26 46.83 17.07
N THR A 428 -8.60 46.71 15.92
CA THR A 428 -8.76 47.66 14.84
C THR A 428 -10.24 47.76 14.45
N ASN A 429 -11.01 46.74 14.81
CA ASN A 429 -12.39 46.61 14.34
C ASN A 429 -13.25 46.55 15.63
N THR A 430 -13.59 47.72 16.17
CA THR A 430 -14.51 47.76 17.29
C THR A 430 -15.72 48.39 16.60
N ASP A 431 -16.81 47.64 16.50
CA ASP A 431 -17.96 48.05 15.68
C ASP A 431 -19.21 47.22 15.91
N VAL A 432 -19.78 47.28 17.11
CA VAL A 432 -20.94 46.45 17.49
C VAL A 432 -21.99 46.17 16.40
N VAL A 433 -22.09 47.01 15.37
CA VAL A 433 -23.02 46.74 14.27
C VAL A 433 -22.80 45.40 13.59
N VAL A 434 -21.56 45.11 13.20
CA VAL A 434 -21.23 43.82 12.59
C VAL A 434 -21.53 42.63 13.49
N LEU A 435 -21.04 42.69 14.73
CA LEU A 435 -21.33 41.63 15.69
C LEU A 435 -22.83 41.41 15.78
N GLN A 436 -23.57 42.52 15.89
CA GLN A 436 -25.02 42.46 15.97
C GLN A 436 -25.59 41.75 14.75
N GLU A 437 -25.03 42.05 13.57
CA GLU A 437 -25.47 41.41 12.35
C GLU A 437 -25.38 39.90 12.49
N GLU A 438 -24.20 39.43 12.89
CA GLU A 438 -23.93 38.01 13.08
C GLU A 438 -24.86 37.43 14.12
N GLU A 439 -25.08 38.17 15.21
CA GLU A 439 -25.98 37.71 16.25
C GLU A 439 -27.38 37.50 15.69
N ALA A 440 -27.88 38.47 14.93
CA ALA A 440 -29.19 38.34 14.30
C ALA A 440 -29.19 37.07 13.51
N GLU A 441 -28.12 36.88 12.74
CA GLU A 441 -27.97 35.70 11.89
C GLU A 441 -28.08 34.42 12.70
N LEU A 442 -27.32 34.34 13.78
CA LEU A 442 -27.32 33.15 14.60
C LEU A 442 -28.71 32.89 15.18
N ARG A 443 -29.33 33.92 15.74
CA ARG A 443 -30.62 33.72 16.38
C ARG A 443 -31.60 33.16 15.37
N GLU A 444 -31.61 33.73 14.16
CA GLU A 444 -32.46 33.23 13.09
C GLU A 444 -32.18 31.75 12.80
N LYS A 445 -30.89 31.40 12.65
CA LYS A 445 -30.52 30.01 12.38
C LYS A 445 -30.98 29.05 13.48
N ILE A 446 -30.74 29.42 14.74
CA ILE A 446 -31.05 28.54 15.85
C ILE A 446 -32.53 28.24 15.93
N ALA A 447 -33.35 29.30 15.93
CA ALA A 447 -34.79 29.13 16.06
C ALA A 447 -35.39 28.37 14.88
N MET A 448 -34.82 28.58 13.70
CA MET A 448 -35.13 27.75 12.54
C MET A 448 -34.83 26.28 12.83
N LEU A 449 -33.61 26.00 13.29
CA LEU A 449 -33.18 24.63 13.58
C LEU A 449 -34.06 23.95 14.60
N ALA A 450 -34.27 24.63 15.72
CA ALA A 450 -35.04 24.08 16.82
C ALA A 450 -36.39 23.60 16.32
N ALA A 451 -36.88 24.26 15.27
CA ALA A 451 -38.11 23.82 14.61
C ALA A 451 -37.95 22.40 14.04
N ILE A 452 -37.02 22.22 13.11
CA ILE A 452 -36.79 20.89 12.53
C ILE A 452 -36.67 19.82 13.61
N ILE A 453 -35.92 20.15 14.64
CA ILE A 453 -35.70 19.27 15.78
C ILE A 453 -36.96 18.90 16.58
N GLY A 454 -37.99 19.73 16.53
CA GLY A 454 -39.22 19.40 17.23
C GLY A 454 -40.49 19.71 16.47
N ASP A 455 -40.48 19.53 15.16
CA ASP A 455 -41.57 20.00 14.31
C ASP A 455 -42.03 18.97 13.30
N GLU A 456 -41.76 17.70 13.58
CA GLU A 456 -41.76 16.61 12.60
C GLU A 456 -42.16 16.86 11.13
N ARG A 457 -43.18 17.66 10.84
CA ARG A 457 -43.47 17.98 9.44
C ARG A 457 -42.40 18.88 8.83
N THR A 458 -42.01 19.92 9.57
CA THR A 458 -40.93 20.79 9.14
C THR A 458 -39.69 19.97 8.74
N MET A 459 -39.40 18.93 9.53
CA MET A 459 -38.26 18.04 9.27
C MET A 459 -38.38 17.30 7.94
N TYR A 460 -39.50 16.61 7.74
CA TYR A 460 -39.72 15.82 6.53
C TYR A 460 -39.69 16.67 5.26
N ASN A 461 -40.12 17.91 5.38
CA ASN A 461 -40.06 18.87 4.28
C ASN A 461 -38.64 19.18 3.83
N LEU A 462 -37.74 19.40 4.79
CA LEU A 462 -36.31 19.55 4.50
C LEU A 462 -35.77 18.28 3.83
N MET A 463 -36.23 17.11 4.28
CA MET A 463 -35.86 15.86 3.62
C MET A 463 -36.27 15.89 2.17
N LYS A 464 -37.48 16.37 1.92
CA LYS A 464 -37.98 16.48 0.55
C LYS A 464 -37.11 17.42 -0.28
N LYS A 465 -36.84 18.62 0.24
CA LYS A 465 -36.02 19.58 -0.51
C LYS A 465 -34.68 18.98 -0.88
N GLU A 466 -33.95 18.50 0.11
CA GLU A 466 -32.60 18.03 -0.16
C GLU A 466 -32.64 16.95 -1.24
N LEU A 467 -33.63 16.08 -1.16
CA LEU A 467 -33.76 14.99 -2.10
C LEU A 467 -34.00 15.51 -3.52
N ARG A 468 -34.87 16.50 -3.64
CA ARG A 468 -35.10 17.13 -4.94
C ARG A 468 -33.84 17.78 -5.46
N GLU A 469 -33.17 18.55 -4.62
CA GLU A 469 -31.94 19.24 -5.02
C GLU A 469 -30.91 18.22 -5.55
N VAL A 470 -30.90 17.03 -4.98
CA VAL A 470 -30.04 15.95 -5.48
C VAL A 470 -30.55 15.35 -6.80
N LYS A 471 -31.85 15.05 -6.86
CA LYS A 471 -32.44 14.46 -8.06
C LYS A 471 -32.11 15.34 -9.25
N LYS A 472 -32.19 16.65 -9.05
CA LYS A 472 -31.89 17.60 -10.11
C LYS A 472 -30.46 17.43 -10.60
N LYS A 473 -29.50 17.69 -9.72
CA LYS A 473 -28.09 17.66 -10.09
C LYS A 473 -27.68 16.33 -10.78
N PHE A 474 -27.92 15.21 -10.11
CA PHE A 474 -27.44 13.96 -10.66
C PHE A 474 -28.40 13.22 -11.57
N ALA A 475 -29.50 13.86 -11.95
CA ALA A 475 -30.51 13.21 -12.77
C ALA A 475 -29.96 12.76 -14.12
N THR A 476 -30.43 11.62 -14.63
CA THR A 476 -29.99 11.11 -15.93
C THR A 476 -31.09 10.31 -16.59
N PRO A 477 -31.20 10.40 -17.92
CA PRO A 477 -32.30 9.74 -18.63
C PRO A 477 -32.29 8.27 -18.33
N ARG A 478 -33.36 7.55 -18.64
CA ARG A 478 -33.30 6.09 -18.52
C ARG A 478 -32.35 5.57 -19.57
N LEU A 479 -31.80 4.40 -19.31
CA LEU A 479 -30.87 3.81 -20.26
C LEU A 479 -31.43 2.43 -20.67
N SER A 480 -32.02 1.74 -19.69
CA SER A 480 -32.75 0.50 -19.94
C SER A 480 -34.21 0.81 -20.29
N SER A 481 -34.81 -0.04 -21.12
CA SER A 481 -36.19 0.16 -21.59
C SER A 481 -37.07 -1.00 -21.12
N LEU A 482 -38.36 -0.74 -20.95
CA LEU A 482 -39.25 -1.75 -20.37
C LEU A 482 -40.34 -2.23 -21.33
N GLU A 483 -40.41 -3.56 -21.50
CA GLU A 483 -41.39 -4.22 -22.36
C GLU A 483 -42.00 -5.44 -21.66
N ASN B 3 4.20 10.05 -40.51
CA ASN B 3 5.48 10.43 -39.91
C ASN B 3 6.18 9.23 -39.32
N ILE B 4 7.45 9.08 -39.64
CA ILE B 4 8.30 8.10 -39.00
C ILE B 4 9.77 8.52 -39.05
N GLN B 5 10.46 8.40 -37.92
CA GLN B 5 11.88 8.71 -37.87
C GLN B 5 12.64 7.43 -38.03
N ASN B 6 13.68 7.51 -38.83
CA ASN B 6 14.39 6.35 -39.26
C ASN B 6 15.66 6.37 -38.46
N MET B 7 15.87 5.35 -37.64
CA MET B 7 17.08 5.30 -36.83
C MET B 7 17.83 4.00 -37.06
N SER B 8 19.13 3.98 -36.77
CA SER B 8 19.86 2.76 -37.04
C SER B 8 19.63 1.77 -35.91
N LEU B 9 20.34 0.66 -35.97
CA LEU B 9 20.24 -0.36 -34.94
C LEU B 9 21.32 -0.03 -33.95
N GLU B 10 22.48 0.35 -34.49
CA GLU B 10 23.65 0.64 -33.68
C GLU B 10 23.34 1.81 -32.75
N ASP B 11 22.85 2.89 -33.35
CA ASP B 11 22.55 4.11 -32.60
C ASP B 11 21.39 3.96 -31.59
N ILE B 12 20.26 3.44 -32.04
CA ILE B 12 19.16 3.14 -31.12
C ILE B 12 19.59 2.26 -29.95
N MET B 13 20.38 1.23 -30.24
CA MET B 13 20.87 0.32 -29.21
C MET B 13 21.72 1.07 -28.22
N GLY B 14 22.52 2.02 -28.74
CA GLY B 14 23.30 2.94 -27.94
C GLY B 14 22.49 3.79 -26.96
N GLU B 15 21.65 4.69 -27.48
CA GLU B 15 20.80 5.50 -26.59
C GLU B 15 20.14 4.61 -25.56
N ARG B 16 19.30 3.70 -26.02
CA ARG B 16 18.54 2.87 -25.08
C ARG B 16 19.40 2.19 -24.03
N PHE B 17 20.55 1.63 -24.39
CA PHE B 17 21.36 1.01 -23.34
C PHE B 17 21.94 2.07 -22.40
N GLY B 18 22.46 3.15 -22.98
CA GLY B 18 23.09 4.20 -22.20
C GLY B 18 22.20 4.82 -21.13
N ARG B 19 20.92 4.98 -21.45
CA ARG B 19 19.95 5.43 -20.48
C ARG B 19 19.87 4.45 -19.32
N TYR B 20 19.53 3.21 -19.62
CA TYR B 20 19.37 2.18 -18.59
C TYR B 20 20.64 1.98 -17.77
N SER B 21 21.77 1.90 -18.45
CA SER B 21 23.03 1.68 -17.76
C SER B 21 23.22 2.72 -16.65
N LYS B 22 22.95 3.98 -17.00
CA LYS B 22 23.09 5.07 -16.03
C LYS B 22 22.13 4.90 -14.84
N TYR B 23 20.83 4.90 -15.11
CA TYR B 23 19.82 4.83 -14.05
C TYR B 23 20.12 3.69 -13.10
N ILE B 24 20.39 2.53 -13.67
CA ILE B 24 20.69 1.34 -12.91
C ILE B 24 21.84 1.57 -11.94
N ILE B 25 22.92 2.16 -12.43
CA ILE B 25 24.10 2.42 -11.61
C ILE B 25 23.84 3.38 -10.46
N GLN B 26 23.45 4.60 -10.80
CA GLN B 26 23.11 5.59 -9.78
C GLN B 26 21.83 5.22 -9.02
N ASP B 27 20.69 5.41 -9.67
CA ASP B 27 19.39 5.30 -9.02
C ASP B 27 18.94 3.96 -8.43
N ARG B 28 19.43 2.84 -8.93
CA ARG B 28 19.05 1.57 -8.31
C ARG B 28 20.02 0.94 -7.32
N ALA B 29 21.13 0.43 -7.85
CA ALA B 29 21.94 -0.54 -7.13
C ALA B 29 22.98 0.04 -6.21
N LEU B 30 23.69 1.03 -6.74
CA LEU B 30 24.89 1.49 -6.07
C LEU B 30 24.63 2.57 -5.04
N PRO B 31 25.17 2.37 -3.84
CA PRO B 31 25.06 3.24 -2.67
C PRO B 31 25.75 4.57 -2.91
N ASP B 32 25.21 5.64 -2.34
CA ASP B 32 25.93 6.91 -2.32
C ASP B 32 27.06 6.75 -1.33
N ILE B 33 28.23 7.30 -1.67
CA ILE B 33 29.40 7.15 -0.82
C ILE B 33 29.29 7.98 0.49
N ARG B 34 28.30 8.87 0.55
CA ARG B 34 28.13 9.83 1.64
C ARG B 34 27.23 9.30 2.75
N ASP B 35 26.03 8.86 2.39
CA ASP B 35 25.18 8.24 3.39
C ASP B 35 25.17 6.73 3.21
N GLY B 36 26.00 6.25 2.30
CA GLY B 36 26.08 4.82 2.01
C GLY B 36 24.73 4.17 1.86
N LEU B 37 23.85 4.82 1.13
CA LEU B 37 22.50 4.32 0.93
C LEU B 37 22.13 4.22 -0.54
N LYS B 38 21.49 3.11 -0.93
CA LYS B 38 20.76 3.07 -2.19
C LYS B 38 19.46 3.83 -1.94
N PRO B 39 18.90 4.39 -3.01
CA PRO B 39 17.70 5.24 -3.04
C PRO B 39 16.45 4.65 -2.40
N VAL B 40 16.13 3.38 -2.66
CA VAL B 40 14.99 2.78 -2.00
C VAL B 40 15.17 2.97 -0.51
N GLN B 41 16.32 2.57 -0.01
CA GLN B 41 16.62 2.75 1.40
C GLN B 41 16.32 4.18 1.83
N ARG B 42 16.94 5.13 1.13
CA ARG B 42 16.81 6.54 1.46
C ARG B 42 15.35 6.94 1.51
N ARG B 43 14.60 6.56 0.47
CA ARG B 43 13.20 6.93 0.35
C ARG B 43 12.37 6.30 1.46
N ILE B 44 12.67 5.06 1.81
CA ILE B 44 12.04 4.46 2.98
C ILE B 44 12.32 5.26 4.27
N LEU B 45 13.58 5.54 4.58
CA LEU B 45 13.89 6.31 5.78
C LEU B 45 13.17 7.65 5.76
N TYR B 46 13.38 8.40 4.70
CA TYR B 46 12.85 9.76 4.61
C TYR B 46 11.34 9.76 4.76
N SER B 47 10.69 8.95 3.94
CA SER B 47 9.25 8.87 3.96
C SER B 47 8.73 8.47 5.33
N MET B 48 9.37 7.48 5.95
CA MET B 48 8.93 6.99 7.26
C MET B 48 9.05 8.11 8.27
N ASN B 49 10.25 8.63 8.38
CA ASN B 49 10.49 9.75 9.26
C ASN B 49 9.60 10.96 8.97
N LYS B 50 9.35 11.27 7.70
CA LYS B 50 8.47 12.38 7.36
C LYS B 50 7.10 12.13 7.95
N ASP B 51 6.62 10.90 7.80
CA ASP B 51 5.34 10.47 8.37
C ASP B 51 5.42 10.27 9.89
N SER B 52 6.41 10.88 10.52
CA SER B 52 6.94 10.47 11.82
C SER B 52 6.57 9.08 12.33
N ASN B 53 7.35 8.11 11.85
CA ASN B 53 7.28 6.71 12.26
C ASN B 53 8.56 6.37 12.99
N THR B 54 8.76 6.95 14.17
CA THR B 54 10.05 6.83 14.85
C THR B 54 10.09 5.90 16.04
N PHE B 55 11.31 5.45 16.35
CA PHE B 55 11.59 4.45 17.37
C PHE B 55 10.87 4.66 18.71
N ASP B 56 10.55 5.91 19.01
CA ASP B 56 10.02 6.29 20.30
C ASP B 56 8.51 6.18 20.30
N LYS B 57 7.91 6.36 19.13
CA LYS B 57 6.47 6.28 19.02
C LYS B 57 6.09 4.89 18.51
N SER B 58 4.79 4.57 18.57
CA SER B 58 4.25 3.24 18.22
C SER B 58 4.64 2.72 16.82
N TYR B 59 4.39 1.43 16.59
CA TYR B 59 4.65 0.82 15.27
C TYR B 59 3.55 1.09 14.25
N ARG B 60 3.89 0.94 12.97
CA ARG B 60 2.93 1.26 11.90
C ARG B 60 2.88 0.22 10.78
N LYS B 61 1.69 -0.34 10.58
CA LYS B 61 1.40 -1.29 9.49
C LYS B 61 2.25 -1.11 8.22
N SER B 62 3.31 -1.90 8.09
CA SER B 62 4.16 -1.82 6.91
C SER B 62 3.46 -1.49 5.59
N ALA B 63 2.32 -2.10 5.30
CA ALA B 63 1.70 -1.83 4.00
C ALA B 63 1.34 -0.35 3.80
N LYS B 64 0.81 0.29 4.84
CA LYS B 64 0.60 1.74 4.77
C LYS B 64 1.92 2.39 4.41
N SER B 65 2.97 2.09 5.18
CA SER B 65 4.30 2.61 4.90
C SER B 65 4.67 2.45 3.42
N VAL B 66 4.48 1.25 2.89
CA VAL B 66 4.87 0.95 1.52
C VAL B 66 4.07 1.77 0.51
N GLY B 67 2.77 1.86 0.72
CA GLY B 67 1.91 2.59 -0.18
C GLY B 67 2.28 4.05 -0.22
N ASN B 68 2.62 4.59 0.94
CA ASN B 68 2.98 6.01 0.99
C ASN B 68 4.27 6.27 0.22
N ILE B 69 5.27 5.43 0.41
CA ILE B 69 6.49 5.55 -0.36
C ILE B 69 6.23 5.48 -1.85
N MET B 70 5.60 4.38 -2.28
CA MET B 70 5.21 4.21 -3.68
C MET B 70 4.47 5.43 -4.23
N GLY B 71 3.53 5.97 -3.45
CA GLY B 71 2.70 7.05 -3.92
C GLY B 71 3.43 8.38 -4.04
N ASN B 72 4.20 8.71 -3.01
CA ASN B 72 4.96 9.96 -2.98
C ASN B 72 6.31 9.91 -3.71
N PHE B 73 7.17 8.98 -3.31
CA PHE B 73 8.56 8.98 -3.77
C PHE B 73 9.04 7.98 -4.81
N HIS B 74 8.47 6.78 -4.85
CA HIS B 74 9.14 5.64 -5.49
C HIS B 74 8.28 4.81 -6.44
N PRO B 75 8.36 5.12 -7.76
CA PRO B 75 7.48 4.60 -8.80
C PRO B 75 7.78 3.16 -9.16
N HIS B 76 7.61 2.23 -8.22
CA HIS B 76 7.97 0.85 -8.50
C HIS B 76 7.10 -0.17 -7.79
N GLY B 77 7.50 -1.43 -7.89
CA GLY B 77 6.78 -2.49 -7.24
C GLY B 77 6.70 -2.28 -5.75
N ASP B 78 5.58 -2.69 -5.17
CA ASP B 78 5.47 -2.74 -3.74
C ASP B 78 6.59 -3.63 -3.23
N SER B 79 6.68 -4.83 -3.79
CA SER B 79 7.58 -5.85 -3.27
C SER B 79 9.02 -5.37 -3.19
N SER B 80 9.49 -4.70 -4.25
CA SER B 80 10.86 -4.20 -4.29
C SER B 80 11.15 -3.35 -3.05
N ILE B 81 10.26 -2.40 -2.80
CA ILE B 81 10.34 -1.51 -1.66
C ILE B 81 10.25 -2.24 -0.32
N TYR B 82 9.17 -2.99 -0.12
CA TYR B 82 8.94 -3.67 1.15
C TYR B 82 10.03 -4.66 1.52
N ASP B 83 10.49 -5.43 0.54
CA ASP B 83 11.57 -6.38 0.73
C ASP B 83 12.83 -5.67 1.22
N ALA B 84 13.11 -4.52 0.63
CA ALA B 84 14.25 -3.71 1.03
C ALA B 84 14.04 -3.22 2.44
N MET B 85 12.81 -2.79 2.74
CA MET B 85 12.45 -2.33 4.07
C MET B 85 12.71 -3.42 5.08
N VAL B 86 12.37 -4.64 4.71
CA VAL B 86 12.60 -5.80 5.55
C VAL B 86 14.08 -6.12 5.78
N ARG B 87 14.93 -5.89 4.78
CA ARG B 87 16.36 -6.14 4.99
C ARG B 87 16.84 -5.24 6.11
N MET B 88 16.46 -3.98 6.01
CA MET B 88 16.86 -2.98 7.00
C MET B 88 16.41 -3.34 8.41
N SER B 89 15.46 -4.28 8.53
CA SER B 89 15.04 -4.86 9.80
C SER B 89 15.71 -6.19 10.17
N GLN B 90 16.84 -6.49 9.55
CA GLN B 90 17.48 -7.81 9.69
C GLN B 90 18.80 -7.80 10.43
N ASN B 91 18.76 -7.97 11.76
CA ASN B 91 19.98 -7.95 12.57
C ASN B 91 21.16 -8.82 12.10
N TRP B 92 20.91 -10.02 11.61
CA TRP B 92 21.99 -10.83 11.03
C TRP B 92 22.51 -10.34 9.68
N LYS B 93 21.73 -9.55 8.96
CA LYS B 93 22.22 -8.91 7.74
C LYS B 93 22.91 -7.54 7.95
N ASN B 94 22.21 -6.58 8.55
CA ASN B 94 22.81 -5.29 8.89
C ASN B 94 23.44 -5.25 10.29
N ARG B 95 24.54 -4.51 10.43
CA ARG B 95 25.23 -4.44 11.71
C ARG B 95 24.42 -3.60 12.67
N GLU B 96 24.28 -2.33 12.31
CA GLU B 96 23.44 -1.41 13.06
C GLU B 96 22.13 -1.18 12.29
N ILE B 97 21.05 -1.79 12.77
CA ILE B 97 19.80 -1.91 12.05
C ILE B 97 19.07 -0.56 11.90
N LEU B 98 18.54 -0.27 10.71
CA LEU B 98 17.85 1.02 10.55
C LEU B 98 16.33 0.90 10.50
N VAL B 99 15.80 -0.24 10.90
CA VAL B 99 14.36 -0.38 10.98
C VAL B 99 14.05 -1.47 11.97
N GLU B 100 13.03 -1.26 12.79
CA GLU B 100 12.61 -2.33 13.68
C GLU B 100 11.26 -2.81 13.21
N MET B 101 11.15 -4.13 13.02
CA MET B 101 9.91 -4.73 12.56
C MET B 101 9.42 -5.70 13.61
N HIS B 102 8.11 -5.80 13.74
CA HIS B 102 7.50 -6.67 14.74
C HIS B 102 6.74 -7.75 14.00
N GLY B 103 7.07 -9.01 14.27
CA GLY B 103 6.51 -10.13 13.54
C GLY B 103 7.60 -10.96 12.86
N ASN B 104 7.19 -11.79 11.91
CA ASN B 104 8.13 -12.66 11.22
C ASN B 104 8.82 -11.99 10.05
N ASN B 105 10.10 -11.71 10.19
CA ASN B 105 10.88 -11.08 9.13
C ASN B 105 12.02 -11.99 8.72
N GLY B 106 11.71 -13.26 8.50
CA GLY B 106 12.70 -14.24 8.10
C GLY B 106 13.67 -14.53 9.24
N SER B 107 14.79 -15.16 8.90
CA SER B 107 15.85 -15.44 9.88
C SER B 107 17.10 -15.97 9.20
N MET B 108 17.94 -16.64 9.96
CA MET B 108 19.15 -17.25 9.42
C MET B 108 18.88 -18.58 8.73
N ASP B 109 17.76 -19.21 9.08
CA ASP B 109 17.35 -20.44 8.43
C ASP B 109 16.84 -20.13 7.03
N GLY B 110 16.72 -18.84 6.74
CA GLY B 110 16.33 -18.40 5.42
C GLY B 110 14.83 -18.33 5.22
N ASP B 111 14.06 -18.81 6.19
CA ASP B 111 12.61 -18.70 6.12
C ASP B 111 12.23 -17.29 5.64
N PRO B 112 11.14 -17.18 4.85
CA PRO B 112 10.79 -15.94 4.17
C PRO B 112 9.99 -15.06 5.09
N PRO B 113 10.18 -13.74 5.00
CA PRO B 113 9.54 -12.74 5.84
C PRO B 113 8.05 -12.78 5.62
N ALA B 114 7.28 -12.48 6.66
CA ALA B 114 5.84 -12.50 6.57
C ALA B 114 5.38 -11.39 5.63
N ALA B 115 4.33 -11.64 4.88
CA ALA B 115 3.80 -10.67 3.94
C ALA B 115 3.62 -9.32 4.62
N MET B 116 3.61 -8.26 3.84
CA MET B 116 3.59 -6.94 4.44
C MET B 116 2.29 -6.69 5.19
N ARG B 117 1.20 -7.28 4.73
CA ARG B 117 -0.07 -7.01 5.41
C ARG B 117 -0.06 -7.53 6.83
N TYR B 118 0.92 -8.38 7.13
CA TYR B 118 1.06 -8.91 8.47
C TYR B 118 1.89 -7.97 9.32
N THR B 119 3.13 -7.74 8.89
CA THR B 119 4.12 -7.08 9.74
C THR B 119 3.80 -5.63 10.05
N GLU B 120 4.58 -5.04 10.96
CA GLU B 120 4.49 -3.63 11.33
C GLU B 120 5.91 -3.14 11.49
N ALA B 121 6.18 -1.89 11.14
CA ALA B 121 7.57 -1.39 11.25
C ALA B 121 7.69 0.06 11.71
N ARG B 122 8.84 0.38 12.26
CA ARG B 122 9.20 1.76 12.56
C ARG B 122 10.68 2.01 12.26
N LEU B 123 11.10 3.27 12.34
CA LEU B 123 12.50 3.56 12.10
C LEU B 123 13.22 3.34 13.42
N SER B 124 14.47 2.88 13.34
CA SER B 124 15.19 2.55 14.56
C SER B 124 15.70 3.82 15.20
N GLU B 125 16.54 3.66 16.21
CA GLU B 125 17.03 4.84 16.90
C GLU B 125 18.13 5.52 16.10
N ILE B 126 19.20 4.79 15.80
CA ILE B 126 20.33 5.32 15.05
C ILE B 126 19.90 5.84 13.69
N ALA B 127 18.77 5.31 13.21
CA ALA B 127 18.22 5.71 11.93
C ALA B 127 17.99 7.21 11.89
N GLY B 128 17.52 7.74 13.00
CA GLY B 128 17.23 9.17 13.13
C GLY B 128 18.46 10.01 12.90
N TYR B 129 19.59 9.51 13.35
CA TYR B 129 20.84 10.22 13.18
C TYR B 129 21.20 10.36 11.72
N LEU B 130 20.81 9.40 10.91
CA LEU B 130 20.96 9.56 9.47
C LEU B 130 20.17 10.77 8.97
N LEU B 131 18.95 10.93 9.47
CA LEU B 131 18.10 12.07 9.14
C LEU B 131 18.43 13.40 9.85
N GLN B 132 19.09 13.34 11.00
CA GLN B 132 19.27 14.51 11.87
C GLN B 132 19.70 15.80 11.18
N ASP B 133 18.90 16.85 11.36
CA ASP B 133 19.17 18.19 10.84
C ASP B 133 18.68 18.33 9.39
N ILE B 134 18.02 17.29 8.92
CA ILE B 134 17.38 17.30 7.62
C ILE B 134 16.53 18.56 7.45
N GLU B 135 15.67 18.80 8.44
CA GLU B 135 14.68 19.87 8.39
C GLU B 135 15.28 21.28 8.44
N LYS B 136 16.60 21.37 8.40
CA LYS B 136 17.26 22.67 8.48
C LYS B 136 18.07 22.96 7.21
N LYS B 137 17.51 22.58 6.06
CA LYS B 137 18.12 22.83 4.76
C LYS B 137 19.61 22.53 4.74
N THR B 138 19.93 21.26 4.98
CA THR B 138 21.31 20.86 5.19
C THR B 138 21.81 20.07 4.00
N VAL B 139 20.92 19.83 3.06
CA VAL B 139 21.17 18.85 2.01
C VAL B 139 20.25 19.12 0.81
N PRO B 140 20.78 18.91 -0.41
CA PRO B 140 20.07 19.15 -1.69
C PRO B 140 18.80 18.33 -1.88
N PHE B 141 17.71 19.03 -2.13
CA PHE B 141 16.45 18.38 -2.45
C PHE B 141 16.16 18.44 -3.94
N ALA B 142 15.39 17.46 -4.43
CA ALA B 142 14.91 17.43 -5.81
C ALA B 142 13.38 17.28 -5.79
N TRP B 143 12.77 17.23 -6.97
CA TRP B 143 11.32 16.99 -7.03
C TRP B 143 11.11 15.48 -7.06
N ASN B 144 9.91 15.03 -6.71
CA ASN B 144 9.59 13.64 -6.93
C ASN B 144 9.19 13.45 -8.39
N PHE B 145 8.82 12.24 -8.76
CA PHE B 145 8.51 11.99 -10.16
C PHE B 145 7.34 12.85 -10.62
N ASP B 146 6.42 13.15 -9.71
CA ASP B 146 5.19 13.83 -10.07
C ASP B 146 5.30 15.35 -10.01
N ASP B 147 6.43 15.87 -9.55
CA ASP B 147 6.59 17.31 -9.30
C ASP B 147 5.68 17.79 -8.16
N THR B 148 5.22 16.84 -7.35
CA THR B 148 4.24 17.14 -6.32
C THR B 148 4.85 17.42 -4.96
N GLU B 149 6.12 17.12 -4.80
CA GLU B 149 6.75 17.21 -3.48
C GLU B 149 8.23 16.86 -3.51
N LYS B 150 9.01 17.45 -2.62
CA LYS B 150 10.47 17.37 -2.75
C LYS B 150 11.13 16.29 -1.87
N GLU B 151 12.22 15.73 -2.37
CA GLU B 151 12.83 14.53 -1.81
C GLU B 151 14.31 14.85 -1.60
N PRO B 152 14.95 14.26 -0.56
CA PRO B 152 16.39 14.52 -0.36
C PRO B 152 17.19 13.65 -1.31
N THR B 153 18.34 14.15 -1.79
CA THR B 153 19.18 13.38 -2.70
C THR B 153 20.21 12.55 -1.95
N VAL B 154 20.41 12.89 -0.69
CA VAL B 154 21.25 12.14 0.21
C VAL B 154 20.87 12.57 1.61
N LEU B 155 21.33 11.83 2.62
CA LEU B 155 20.93 12.18 3.96
C LEU B 155 22.03 12.94 4.65
N PRO B 156 21.70 13.63 5.75
CA PRO B 156 22.76 14.30 6.52
C PRO B 156 23.83 13.31 6.93
N ALA B 157 23.44 12.20 7.55
CA ALA B 157 24.39 11.14 7.89
C ALA B 157 25.28 11.45 9.10
N ALA B 158 24.67 11.43 10.28
CA ALA B 158 25.38 11.65 11.54
C ALA B 158 26.51 10.65 11.76
N PHE B 159 26.32 9.42 11.28
CA PHE B 159 27.39 8.44 11.31
C PHE B 159 27.66 7.93 9.90
N PRO B 160 28.85 7.31 9.67
CA PRO B 160 29.32 6.82 8.37
C PRO B 160 28.67 5.50 7.96
N ASN B 161 27.36 5.55 7.77
CA ASN B 161 26.54 4.39 7.42
C ASN B 161 27.18 3.42 6.43
N LEU B 162 27.87 3.95 5.43
CA LEU B 162 28.35 3.11 4.33
C LEU B 162 29.20 1.94 4.81
N LEU B 163 30.30 2.24 5.48
CA LEU B 163 31.16 1.20 6.04
C LEU B 163 30.47 0.40 7.15
N VAL B 164 29.73 1.12 7.99
CA VAL B 164 29.09 0.52 9.14
C VAL B 164 28.23 -0.67 8.74
N ASN B 165 27.20 -0.40 7.93
CA ASN B 165 26.28 -1.43 7.48
C ASN B 165 26.61 -2.11 6.15
N GLY B 166 27.79 -1.82 5.59
CA GLY B 166 28.17 -2.37 4.30
C GLY B 166 27.07 -2.18 3.25
N SER B 167 27.16 -2.92 2.14
CA SER B 167 26.13 -2.86 1.11
C SER B 167 26.51 -3.63 -0.15
N THR B 168 25.50 -4.26 -0.76
CA THR B 168 25.64 -4.96 -2.04
C THR B 168 24.31 -4.83 -2.80
N GLY B 169 24.31 -4.73 -4.15
CA GLY B 169 25.49 -4.61 -5.00
C GLY B 169 25.50 -5.21 -6.42
N ILE B 170 24.47 -5.01 -7.25
CA ILE B 170 24.51 -5.48 -8.66
C ILE B 170 23.89 -4.55 -9.73
N SER B 171 24.72 -4.05 -10.63
CA SER B 171 24.23 -3.18 -11.68
C SER B 171 24.94 -3.47 -12.99
N ALA B 172 24.59 -2.74 -14.04
CA ALA B 172 25.29 -2.81 -15.32
C ALA B 172 26.77 -2.41 -15.24
N GLY B 173 27.66 -3.33 -15.61
CA GLY B 173 29.07 -3.03 -15.64
C GLY B 173 29.73 -2.98 -14.28
N TYR B 174 28.97 -2.58 -13.27
CA TYR B 174 29.51 -2.54 -11.92
C TYR B 174 28.68 -3.39 -10.97
N ALA B 175 29.35 -3.98 -10.00
CA ALA B 175 28.66 -4.62 -8.89
C ALA B 175 29.40 -4.20 -7.63
N THR B 176 28.77 -4.32 -6.47
CA THR B 176 29.45 -3.98 -5.23
C THR B 176 29.16 -4.93 -4.08
N ASP B 177 30.19 -5.16 -3.26
CA ASP B 177 30.04 -5.77 -1.95
C ASP B 177 30.91 -5.03 -0.96
N ILE B 178 30.32 -4.53 0.12
CA ILE B 178 31.07 -3.86 1.17
C ILE B 178 30.72 -4.44 2.53
N PRO B 179 31.73 -4.92 3.26
CA PRO B 179 31.54 -5.62 4.52
C PRO B 179 31.08 -4.65 5.57
N PRO B 180 30.18 -5.08 6.44
CA PRO B 180 29.78 -4.23 7.56
C PRO B 180 31.01 -3.91 8.40
N HIS B 181 30.94 -2.84 9.19
CA HIS B 181 32.04 -2.50 10.10
C HIS B 181 31.56 -2.04 11.48
N ASN B 182 32.45 -2.14 12.47
CA ASN B 182 32.21 -1.71 13.85
C ASN B 182 32.02 -0.19 14.07
N LEU B 183 30.78 0.29 14.12
CA LEU B 183 30.52 1.73 14.28
C LEU B 183 31.56 2.45 15.11
N ALA B 184 31.91 1.91 16.28
CA ALA B 184 32.90 2.55 17.13
C ALA B 184 34.20 2.76 16.35
N GLU B 185 34.83 1.66 15.96
CA GLU B 185 36.06 1.70 15.18
C GLU B 185 36.00 2.62 13.95
N VAL B 186 34.90 2.56 13.21
CA VAL B 186 34.79 3.39 12.01
C VAL B 186 34.99 4.84 12.36
N ILE B 187 34.20 5.31 13.32
CA ILE B 187 34.25 6.70 13.74
C ILE B 187 35.65 7.10 14.22
N ASP B 188 36.29 6.20 14.98
CA ASP B 188 37.67 6.45 15.43
C ASP B 188 38.55 6.88 14.26
N ALA B 189 38.49 6.08 13.19
CA ALA B 189 39.23 6.36 11.97
C ALA B 189 38.84 7.72 11.43
N ALA B 190 37.52 7.95 11.32
CA ALA B 190 37.01 9.21 10.77
C ALA B 190 37.61 10.40 11.51
N VAL B 191 37.52 10.37 12.83
CA VAL B 191 38.05 11.45 13.63
C VAL B 191 39.53 11.63 13.35
N TYR B 192 40.30 10.55 13.42
CA TYR B 192 41.73 10.69 13.20
C TYR B 192 42.01 11.38 11.88
N MET B 193 41.39 10.91 10.80
CA MET B 193 41.58 11.53 9.49
C MET B 193 41.24 13.01 9.51
N ILE B 194 40.20 13.36 10.26
CA ILE B 194 39.80 14.76 10.39
C ILE B 194 40.94 15.64 10.87
N ASP B 195 41.69 15.15 11.85
CA ASP B 195 42.88 15.85 12.33
C ASP B 195 44.08 15.71 11.39
N HIS B 196 44.50 14.48 11.12
CA HIS B 196 45.58 14.19 10.15
C HIS B 196 45.12 13.70 8.77
N PRO B 197 44.50 14.58 7.96
CA PRO B 197 43.95 14.23 6.65
C PRO B 197 44.90 13.44 5.74
N THR B 198 46.16 13.84 5.72
CA THR B 198 47.16 13.17 4.88
C THR B 198 47.47 11.76 5.39
N ALA B 199 46.44 11.08 5.89
CA ALA B 199 46.62 9.84 6.63
C ALA B 199 46.91 8.61 5.76
N LYS B 200 47.91 7.83 6.16
CA LYS B 200 48.23 6.58 5.48
C LYS B 200 47.31 5.48 6.00
N ILE B 201 47.00 4.50 5.14
CA ILE B 201 46.17 3.37 5.55
C ILE B 201 46.69 2.65 6.77
N ASP B 202 47.98 2.36 6.80
CA ASP B 202 48.54 1.59 7.89
C ASP B 202 48.09 2.11 9.25
N LYS B 203 48.16 3.43 9.43
CA LYS B 203 47.68 4.06 10.66
C LYS B 203 46.15 4.00 10.79
N LEU B 204 45.46 4.23 9.69
CA LEU B 204 44.00 4.15 9.72
C LEU B 204 43.60 2.77 10.21
N MET B 205 44.37 1.77 9.80
CA MET B 205 44.13 0.37 10.14
C MET B 205 44.14 0.15 11.64
N GLU B 206 45.02 0.89 12.32
CA GLU B 206 45.10 0.87 13.77
C GLU B 206 43.74 1.17 14.40
N PHE B 207 43.00 2.08 13.78
CA PHE B 207 41.59 2.33 14.14
C PHE B 207 40.57 1.35 13.54
N LEU B 208 40.28 1.46 12.23
CA LEU B 208 39.47 0.47 11.53
C LEU B 208 40.35 -0.71 11.07
N PRO B 209 40.40 -1.79 11.86
CA PRO B 209 41.26 -2.95 11.60
C PRO B 209 40.70 -3.95 10.60
N GLY B 210 39.48 -3.74 10.13
CA GLY B 210 38.85 -4.72 9.28
C GLY B 210 37.40 -4.95 9.65
N PRO B 211 36.68 -5.66 8.79
CA PRO B 211 35.22 -5.77 8.88
C PRO B 211 34.74 -6.30 10.21
N ASP B 212 33.60 -5.78 10.66
CA ASP B 212 32.87 -6.39 11.76
C ASP B 212 31.56 -6.97 11.20
N PHE B 213 31.43 -8.29 11.22
CA PHE B 213 30.20 -8.95 10.76
C PHE B 213 29.20 -9.00 11.90
N PRO B 214 27.92 -8.87 11.58
CA PRO B 214 26.87 -8.92 12.60
C PRO B 214 26.74 -10.32 13.15
N THR B 215 27.21 -11.30 12.38
CA THR B 215 27.12 -12.69 12.77
C THR B 215 28.39 -13.18 13.45
N GLY B 216 29.16 -12.25 14.01
CA GLY B 216 30.41 -12.58 14.64
C GLY B 216 31.35 -13.25 13.65
N ALA B 217 31.75 -14.48 13.95
CA ALA B 217 32.64 -15.25 13.08
C ALA B 217 34.12 -14.88 13.22
N ILE B 218 34.99 -15.65 12.59
CA ILE B 218 36.42 -15.36 12.64
C ILE B 218 36.95 -14.96 11.27
N ILE B 219 37.70 -13.86 11.21
CA ILE B 219 38.17 -13.31 9.95
C ILE B 219 39.67 -13.33 9.92
N GLN B 220 40.24 -13.95 8.89
CA GLN B 220 41.68 -14.13 8.79
C GLN B 220 42.18 -13.66 7.45
N GLY B 221 43.13 -12.74 7.45
CA GLY B 221 43.76 -12.28 6.23
C GLY B 221 44.16 -10.83 6.23
N ARG B 222 44.85 -10.40 7.28
CA ARG B 222 45.28 -9.01 7.41
C ARG B 222 45.88 -8.49 6.10
N ASP B 223 46.74 -9.28 5.47
CA ASP B 223 47.40 -8.86 4.25
C ASP B 223 46.38 -8.46 3.18
N GLU B 224 45.53 -9.40 2.78
CA GLU B 224 44.50 -9.13 1.77
C GLU B 224 43.53 -8.04 2.22
N ILE B 225 43.25 -7.96 3.51
CA ILE B 225 42.37 -6.91 4.03
C ILE B 225 42.91 -5.54 3.68
N LYS B 226 44.19 -5.34 3.98
CA LYS B 226 44.85 -4.09 3.64
C LYS B 226 44.66 -3.80 2.15
N LYS B 227 44.88 -4.82 1.32
CA LYS B 227 44.72 -4.67 -0.13
C LYS B 227 43.34 -4.15 -0.44
N ALA B 228 42.34 -4.73 0.23
CA ALA B 228 40.96 -4.32 0.07
C ALA B 228 40.79 -2.85 0.44
N TYR B 229 41.26 -2.48 1.63
CA TYR B 229 41.19 -1.10 2.09
C TYR B 229 41.98 -0.12 1.22
N GLU B 230 43.10 -0.59 0.65
CA GLU B 230 43.88 0.23 -0.28
C GLU B 230 43.24 0.39 -1.66
N THR B 231 43.13 -0.72 -2.39
CA THR B 231 42.55 -0.77 -3.74
C THR B 231 41.02 -0.73 -3.84
N GLY B 232 40.35 -1.41 -2.92
CA GLY B 232 38.91 -1.54 -3.01
C GLY B 232 38.47 -2.96 -3.31
N LYS B 233 39.44 -3.82 -3.62
CA LYS B 233 39.18 -5.23 -3.87
C LYS B 233 40.10 -6.10 -3.02
N GLY B 234 39.56 -7.22 -2.52
CA GLY B 234 40.32 -8.13 -1.68
C GLY B 234 39.61 -9.46 -1.46
N ARG B 235 40.35 -10.46 -0.99
CA ARG B 235 39.71 -11.71 -0.55
C ARG B 235 40.14 -12.06 0.87
N VAL B 236 39.17 -12.42 1.69
CA VAL B 236 39.36 -12.68 3.12
C VAL B 236 38.85 -14.07 3.46
N VAL B 237 39.32 -14.64 4.56
CA VAL B 237 38.79 -15.91 5.00
C VAL B 237 37.92 -15.70 6.22
N VAL B 238 36.79 -16.41 6.26
CA VAL B 238 35.85 -16.32 7.36
C VAL B 238 35.58 -17.74 7.86
N ARG B 239 35.85 -17.99 9.13
CA ARG B 239 35.61 -19.31 9.68
C ARG B 239 34.63 -19.27 10.84
N SER B 240 33.61 -20.11 10.76
CA SER B 240 32.69 -20.28 11.87
C SER B 240 33.44 -20.53 13.17
N LYS B 241 32.83 -20.19 14.30
CA LYS B 241 33.53 -20.28 15.57
C LYS B 241 33.21 -21.61 16.23
N THR B 242 34.26 -22.38 16.48
CA THR B 242 34.13 -23.78 16.84
C THR B 242 34.50 -24.01 18.29
N GLU B 243 33.73 -24.86 18.94
CA GLU B 243 33.98 -25.29 20.31
C GLU B 243 33.94 -26.83 20.34
N ILE B 244 34.73 -27.45 21.22
CA ILE B 244 34.70 -28.91 21.35
C ILE B 244 34.20 -29.37 22.72
N GLU B 245 33.14 -30.16 22.71
CA GLU B 245 32.48 -30.61 23.93
C GLU B 245 32.61 -32.12 24.04
N LYS B 246 32.76 -32.62 25.27
CA LYS B 246 33.00 -34.04 25.49
C LYS B 246 31.96 -34.67 26.42
N GLN B 253 32.44 -34.04 20.41
CA GLN B 253 31.34 -33.20 19.95
C GLN B 253 31.81 -31.84 19.43
N ILE B 254 31.25 -31.41 18.30
CA ILE B 254 31.60 -30.11 17.74
C ILE B 254 30.44 -29.17 17.89
N VAL B 255 30.68 -28.05 18.57
CA VAL B 255 29.63 -27.08 18.83
C VAL B 255 29.91 -25.85 18.00
N ILE B 256 28.91 -25.43 17.23
CA ILE B 256 29.08 -24.28 16.35
C ILE B 256 28.19 -23.18 16.87
N THR B 257 28.75 -22.00 17.09
CA THR B 257 27.99 -20.94 17.70
C THR B 257 28.13 -19.63 16.96
N GLU B 258 28.65 -19.69 15.74
CA GLU B 258 28.74 -18.53 14.87
C GLU B 258 29.01 -19.06 13.49
N ILE B 259 28.39 -18.49 12.47
CA ILE B 259 28.75 -18.89 11.11
C ILE B 259 29.10 -17.64 10.29
N PRO B 260 29.59 -17.85 9.07
CA PRO B 260 30.04 -16.72 8.24
C PRO B 260 28.89 -15.89 7.71
N TYR B 261 29.03 -14.57 7.83
CA TYR B 261 28.13 -13.62 7.18
C TYR B 261 27.56 -14.10 5.84
N GLU B 262 26.35 -13.65 5.55
CA GLU B 262 25.71 -13.94 4.26
C GLU B 262 25.57 -15.43 3.98
N ILE B 263 25.65 -16.24 5.03
CA ILE B 263 25.58 -17.68 4.84
C ILE B 263 24.31 -18.23 5.50
N ASN B 264 23.71 -19.25 4.89
CA ASN B 264 22.38 -19.76 5.25
C ASN B 264 22.31 -20.93 6.24
N LYS B 265 22.33 -20.63 7.53
CA LYS B 265 22.32 -21.68 8.55
C LYS B 265 21.57 -22.95 8.16
N ALA B 266 20.39 -22.82 7.58
CA ALA B 266 19.60 -23.99 7.22
C ALA B 266 20.33 -24.93 6.26
N ASN B 267 20.57 -24.46 5.03
CA ASN B 267 21.25 -25.26 4.03
C ASN B 267 22.63 -25.68 4.51
N LEU B 268 23.30 -24.78 5.22
CA LEU B 268 24.62 -25.06 5.75
C LEU B 268 24.58 -26.38 6.51
N VAL B 269 23.58 -26.52 7.37
CA VAL B 269 23.37 -27.76 8.12
C VAL B 269 23.14 -29.00 7.23
N LYS B 270 22.25 -28.90 6.25
CA LYS B 270 22.01 -30.02 5.34
C LYS B 270 23.30 -30.44 4.63
N LYS B 271 24.07 -29.46 4.17
CA LYS B 271 25.33 -29.72 3.50
C LYS B 271 26.29 -30.49 4.39
N ILE B 272 26.26 -30.19 5.69
CA ILE B 272 27.06 -30.94 6.66
C ILE B 272 26.62 -32.39 6.77
N ASP B 273 25.33 -32.61 6.97
CA ASP B 273 24.78 -33.96 7.05
C ASP B 273 24.90 -34.75 5.76
N ASP B 274 24.83 -34.06 4.63
CA ASP B 274 25.08 -34.68 3.33
C ASP B 274 26.49 -35.28 3.31
N VAL B 275 27.41 -34.63 4.00
CA VAL B 275 28.76 -35.15 4.19
C VAL B 275 28.72 -36.52 4.87
N ARG B 276 27.96 -36.62 5.96
CA ARG B 276 27.81 -37.89 6.66
C ARG B 276 27.20 -39.00 5.80
N VAL B 277 26.03 -38.76 5.24
CA VAL B 277 25.37 -39.79 4.42
C VAL B 277 26.20 -40.21 3.21
N ASN B 278 26.75 -39.23 2.50
CA ASN B 278 27.73 -39.50 1.47
C ASN B 278 29.00 -40.10 2.08
N ASN B 279 29.02 -40.20 3.41
CA ASN B 279 30.19 -40.67 4.16
C ASN B 279 31.51 -40.24 3.54
N LYS B 280 31.53 -39.02 2.99
CA LYS B 280 32.69 -38.51 2.27
C LYS B 280 33.90 -38.37 3.18
N VAL B 281 33.67 -38.11 4.45
CA VAL B 281 34.78 -38.03 5.40
C VAL B 281 34.60 -39.01 6.56
N ALA B 282 35.71 -39.28 7.25
CA ALA B 282 35.76 -40.31 8.29
C ALA B 282 34.68 -40.20 9.36
N GLY B 283 35.09 -39.80 10.56
CA GLY B 283 34.27 -39.90 11.75
C GLY B 283 32.88 -39.27 11.74
N ILE B 284 32.47 -38.69 10.61
CA ILE B 284 31.14 -38.10 10.50
C ILE B 284 30.17 -38.96 11.28
N ALA B 285 29.37 -38.33 12.14
CA ALA B 285 28.63 -39.08 13.14
C ALA B 285 27.12 -39.03 12.94
N VAL B 287 24.98 -35.04 12.93
CA VAL B 287 24.70 -33.62 12.70
C VAL B 287 23.26 -33.19 13.05
N ARG B 288 23.12 -32.39 14.10
CA ARG B 288 21.81 -31.91 14.57
C ARG B 288 21.82 -30.39 14.72
N ASP B 289 20.67 -29.75 14.49
CA ASP B 289 20.59 -28.32 14.71
C ASP B 289 19.62 -28.09 15.85
N GLU B 290 20.12 -27.54 16.96
CA GLU B 290 19.24 -27.18 18.06
C GLU B 290 19.48 -25.75 18.48
N SER B 291 18.90 -24.82 17.72
CA SER B 291 19.06 -23.39 17.98
C SER B 291 17.67 -22.85 18.24
N ASP B 292 17.54 -21.99 19.25
CA ASP B 292 16.25 -21.41 19.57
C ASP B 292 16.36 -19.92 19.83
N ARG B 293 15.21 -19.25 19.82
CA ARG B 293 15.12 -17.83 20.11
C ARG B 293 16.03 -17.41 21.28
N ASP B 294 17.31 -17.17 20.96
CA ASP B 294 18.37 -16.71 21.88
C ASP B 294 19.64 -17.59 21.89
N GLY B 295 20.26 -17.73 20.73
CA GLY B 295 21.50 -18.47 20.64
C GLY B 295 21.60 -19.42 19.46
N LEU B 296 22.79 -19.48 18.85
CA LEU B 296 23.01 -20.38 17.75
C LEU B 296 23.82 -21.57 18.25
N ARG B 297 23.31 -22.77 17.96
CA ARG B 297 23.99 -24.00 18.34
C ARG B 297 23.82 -25.05 17.26
N ILE B 298 24.93 -25.54 16.72
CA ILE B 298 24.89 -26.65 15.78
C ILE B 298 25.80 -27.74 16.32
N ALA B 299 25.29 -28.96 16.36
CA ALA B 299 26.01 -30.07 16.97
C ALA B 299 26.50 -31.07 15.92
N ILE B 300 27.79 -31.40 16.00
CA ILE B 300 28.38 -32.41 15.14
C ILE B 300 29.03 -33.52 15.97
N LYS B 304 33.41 -42.97 17.12
CA LYS B 304 34.57 -43.75 17.54
C LYS B 304 35.88 -43.02 17.26
N ASP B 305 36.48 -43.31 16.10
CA ASP B 305 37.73 -42.68 15.69
C ASP B 305 37.60 -41.15 15.65
N ALA B 306 37.94 -40.52 16.77
CA ALA B 306 37.83 -39.06 16.89
C ALA B 306 38.90 -38.35 16.09
N ASN B 307 39.00 -38.71 14.81
CA ASN B 307 39.77 -37.95 13.83
C ASN B 307 39.19 -36.54 13.73
N THR B 308 38.76 -36.01 14.86
CA THR B 308 38.04 -34.74 14.93
C THR B 308 38.67 -33.61 14.10
N GLU B 309 39.98 -33.41 14.24
CA GLU B 309 40.67 -32.35 13.52
C GLU B 309 40.59 -32.52 12.00
N LEU B 310 40.70 -33.76 11.54
CA LEU B 310 40.46 -34.09 10.14
C LEU B 310 39.02 -33.78 9.72
N VAL B 311 38.04 -34.19 10.53
CA VAL B 311 36.63 -33.92 10.22
C VAL B 311 36.37 -32.41 10.10
N LEU B 312 36.80 -31.67 11.13
CA LEU B 312 36.64 -30.22 11.17
C LEU B 312 37.37 -29.54 10.01
N ASN B 313 38.66 -29.85 9.88
CA ASN B 313 39.51 -29.28 8.83
C ASN B 313 38.98 -29.60 7.43
N TYR B 314 38.42 -30.80 7.26
CA TYR B 314 37.78 -31.15 6.00
C TYR B 314 36.50 -30.34 5.79
N LEU B 315 35.68 -30.26 6.82
CA LEU B 315 34.46 -29.49 6.75
C LEU B 315 34.76 -28.11 6.18
N PHE B 316 35.76 -27.44 6.74
CA PHE B 316 36.09 -26.10 6.28
C PHE B 316 36.28 -26.05 4.77
N LYS B 317 37.13 -26.93 4.25
CA LYS B 317 37.36 -26.99 2.82
C LYS B 317 36.05 -27.29 2.06
N TYR B 318 35.53 -28.49 2.27
CA TYR B 318 34.40 -29.03 1.50
C TYR B 318 33.00 -28.41 1.75
N THR B 319 32.87 -27.54 2.75
CA THR B 319 31.59 -26.84 2.97
C THR B 319 31.77 -25.37 3.31
N ASP B 320 30.65 -24.73 3.64
CA ASP B 320 30.63 -23.29 3.86
C ASP B 320 30.76 -22.92 5.34
N LEU B 321 31.17 -23.88 6.17
CA LEU B 321 31.54 -23.58 7.56
C LEU B 321 32.70 -22.59 7.59
N GLN B 322 33.45 -22.56 6.50
CA GLN B 322 34.47 -21.55 6.30
C GLN B 322 34.44 -21.21 4.82
N ILE B 323 34.22 -19.93 4.54
CA ILE B 323 34.17 -19.43 3.18
C ILE B 323 35.16 -18.31 3.08
N ASN B 324 35.25 -17.72 1.90
CA ASN B 324 35.95 -16.47 1.78
C ASN B 324 34.94 -15.37 1.45
N TYR B 325 35.24 -14.17 1.91
CA TYR B 325 34.39 -13.03 1.62
C TYR B 325 35.15 -12.08 0.73
N ASN B 326 34.46 -11.50 -0.24
CA ASN B 326 35.13 -10.71 -1.24
C ASN B 326 34.84 -9.25 -1.14
N PHE B 327 35.87 -8.45 -1.36
CA PHE B 327 35.74 -7.03 -1.26
C PHE B 327 35.61 -6.48 -2.65
N ASN B 328 34.51 -5.77 -2.89
CA ASN B 328 34.38 -4.98 -4.08
C ASN B 328 33.72 -3.69 -3.68
N MET B 329 34.52 -2.71 -3.30
CA MET B 329 33.93 -1.56 -2.65
C MET B 329 33.75 -0.48 -3.68
N VAL B 330 32.50 -0.36 -4.09
CA VAL B 330 32.13 0.48 -5.20
C VAL B 330 30.96 1.33 -4.77
N ALA B 331 31.15 2.63 -4.82
CA ALA B 331 30.10 3.55 -4.44
C ALA B 331 29.93 4.64 -5.47
N ILE B 332 28.94 5.49 -5.24
CA ILE B 332 28.74 6.59 -6.13
C ILE B 332 29.31 7.82 -5.47
N ASP B 333 30.35 8.38 -6.11
CA ASP B 333 30.87 9.69 -5.74
C ASP B 333 30.78 10.56 -7.00
N ASN B 334 30.43 11.82 -6.82
CA ASN B 334 30.32 12.73 -7.96
C ASN B 334 29.39 12.19 -9.04
N PHE B 335 28.33 11.53 -8.61
CA PHE B 335 27.31 11.05 -9.53
C PHE B 335 27.82 9.90 -10.38
N THR B 336 28.90 9.26 -9.96
CA THR B 336 29.48 8.21 -10.80
C THR B 336 30.09 7.02 -10.07
N PRO B 337 30.12 5.86 -10.74
CA PRO B 337 30.68 4.63 -10.19
C PRO B 337 32.13 4.83 -9.88
N ARG B 338 32.56 4.50 -8.67
CA ARG B 338 33.99 4.48 -8.35
C ARG B 338 34.26 3.29 -7.47
N GLN B 339 35.38 2.64 -7.72
CA GLN B 339 35.82 1.62 -6.80
C GLN B 339 36.86 2.29 -5.94
N VAL B 340 36.63 2.25 -4.63
CA VAL B 340 37.41 3.06 -3.71
C VAL B 340 37.78 2.25 -2.49
N GLY B 341 38.79 2.73 -1.77
CA GLY B 341 39.21 2.12 -0.52
C GLY B 341 38.73 2.89 0.69
N ILE B 342 39.26 2.54 1.86
CA ILE B 342 38.83 3.19 3.09
C ILE B 342 39.06 4.68 2.99
N VAL B 343 40.22 5.07 2.48
CA VAL B 343 40.60 6.49 2.43
C VAL B 343 39.64 7.39 1.66
N PRO B 344 39.25 6.98 0.45
CA PRO B 344 38.24 7.74 -0.30
C PRO B 344 36.93 7.79 0.48
N ILE B 345 36.45 6.64 0.93
CA ILE B 345 35.15 6.57 1.61
C ILE B 345 35.15 7.49 2.82
N LEU B 346 36.15 7.34 3.67
CA LEU B 346 36.27 8.19 4.85
C LEU B 346 36.38 9.67 4.46
N SER B 347 37.35 9.99 3.63
CA SER B 347 37.54 11.37 3.28
C SER B 347 36.23 11.98 2.81
N SER B 348 35.60 11.34 1.84
CA SER B 348 34.38 11.89 1.25
C SER B 348 33.29 12.06 2.30
N TYR B 349 33.14 11.06 3.18
CA TYR B 349 32.14 11.16 4.24
C TYR B 349 32.38 12.42 5.05
N ILE B 350 33.64 12.59 5.47
CA ILE B 350 34.03 13.76 6.24
C ILE B 350 33.64 15.05 5.53
N ALA B 351 34.07 15.18 4.27
CA ALA B 351 33.81 16.39 3.52
C ALA B 351 32.32 16.66 3.45
N HIS B 352 31.53 15.60 3.40
CA HIS B 352 30.09 15.74 3.38
C HIS B 352 29.63 16.42 4.65
N ARG B 353 29.97 15.80 5.77
CA ARG B 353 29.60 16.32 7.06
C ARG B 353 29.95 17.78 7.16
N ARG B 354 31.01 18.21 6.46
CA ARG B 354 31.37 19.63 6.45
C ARG B 354 30.28 20.48 5.82
N GLU B 355 29.92 20.15 4.59
CA GLU B 355 28.87 20.88 3.90
C GLU B 355 27.63 20.89 4.78
N VAL B 356 27.33 19.75 5.39
CA VAL B 356 26.12 19.62 6.20
C VAL B 356 26.20 20.58 7.36
N ILE B 357 27.32 20.54 8.06
CA ILE B 357 27.53 21.40 9.22
C ILE B 357 27.38 22.88 8.84
N LEU B 358 28.13 23.31 7.84
CA LEU B 358 28.07 24.69 7.38
C LEU B 358 26.66 25.10 6.94
N ALA B 359 25.98 24.23 6.21
CA ALA B 359 24.62 24.51 5.77
C ALA B 359 23.67 24.63 6.96
N ARG B 360 23.82 23.72 7.91
CA ARG B 360 23.03 23.74 9.13
C ARG B 360 23.17 25.10 9.77
N SER B 361 24.41 25.46 10.08
CA SER B 361 24.69 26.72 10.75
C SER B 361 24.12 27.88 9.96
N ARG B 362 24.36 27.91 8.65
CA ARG B 362 23.91 29.03 7.83
C ARG B 362 22.41 29.24 8.02
N PHE B 363 21.64 28.14 7.96
CA PHE B 363 20.20 28.18 8.18
C PHE B 363 19.81 28.60 9.60
N ASP B 364 20.49 28.05 10.60
CA ASP B 364 20.26 28.39 12.00
C ASP B 364 20.49 29.88 12.29
N LYS B 365 21.58 30.39 11.73
CA LYS B 365 21.99 31.77 11.91
C LYS B 365 20.90 32.71 11.39
N GLU B 366 20.42 32.45 10.17
CA GLU B 366 19.30 33.23 9.63
C GLU B 366 18.07 33.12 10.52
N LYS B 367 17.69 31.90 10.90
CA LYS B 367 16.53 31.73 11.78
C LYS B 367 16.72 32.63 12.99
N ALA B 368 17.92 32.58 13.56
CA ALA B 368 18.26 33.42 14.70
C ALA B 368 18.03 34.89 14.40
N GLU B 369 18.71 35.39 13.37
CA GLU B 369 18.71 36.79 13.03
C GLU B 369 17.30 37.36 12.88
N LYS B 370 16.37 36.57 12.35
CA LYS B 370 14.98 37.01 12.20
C LYS B 370 14.28 37.24 13.54
N ARG B 371 14.24 36.23 14.40
CA ARG B 371 13.62 36.39 15.72
C ARG B 371 14.34 37.45 16.53
N LEU B 372 15.65 37.56 16.34
CA LEU B 372 16.43 38.63 16.98
C LEU B 372 15.94 40.01 16.54
N HIS B 373 15.84 40.22 15.23
CA HIS B 373 15.32 41.47 14.70
C HIS B 373 13.87 41.71 15.18
N ILE B 374 13.08 40.65 15.24
CA ILE B 374 11.71 40.73 15.75
C ILE B 374 11.66 41.03 17.26
N VAL B 375 12.50 40.34 18.02
CA VAL B 375 12.65 40.59 19.45
C VAL B 375 13.09 42.02 19.70
N GLU B 376 14.12 42.44 18.98
CA GLU B 376 14.64 43.79 19.11
C GLU B 376 13.46 44.74 18.98
N GLY B 377 12.53 44.38 18.09
CA GLY B 377 11.35 45.19 17.83
C GLY B 377 10.37 45.24 18.98
N LEU B 378 9.99 44.09 19.51
CA LEU B 378 9.09 44.02 20.65
C LEU B 378 9.61 44.84 21.81
N ILE B 379 10.92 44.73 22.05
CA ILE B 379 11.57 45.52 23.08
C ILE B 379 11.27 47.01 22.96
N ARG B 380 11.44 47.55 21.75
CA ARG B 380 11.13 48.95 21.52
C ARG B 380 9.66 49.27 21.84
N VAL B 381 8.75 48.40 21.39
CA VAL B 381 7.32 48.59 21.64
C VAL B 381 6.99 48.65 23.12
N ILE B 382 7.59 47.78 23.90
CA ILE B 382 7.32 47.75 25.33
C ILE B 382 7.40 49.17 25.94
N SER B 383 8.33 49.98 25.43
CA SER B 383 8.48 51.38 25.84
C SER B 383 7.47 52.40 25.26
N ILE B 384 6.90 52.10 24.10
CA ILE B 384 5.92 52.98 23.45
C ILE B 384 4.51 52.39 23.55
N LEU B 385 4.35 51.35 24.37
CA LEU B 385 3.16 50.51 24.35
C LEU B 385 1.86 51.28 24.37
N ASP B 386 1.69 52.16 25.35
CA ASP B 386 0.43 52.88 25.45
C ASP B 386 0.05 53.48 24.10
N GLU B 387 0.95 54.31 23.55
CA GLU B 387 0.73 54.98 22.26
C GLU B 387 0.52 54.02 21.07
N VAL B 388 1.25 52.90 21.07
CA VAL B 388 1.14 51.90 20.01
C VAL B 388 -0.28 51.34 19.88
N ILE B 389 -0.82 50.86 20.99
CA ILE B 389 -2.18 50.36 21.01
C ILE B 389 -3.13 51.47 20.54
N ALA B 390 -2.93 52.67 21.09
CA ALA B 390 -3.74 53.81 20.72
C ALA B 390 -3.79 53.95 19.20
N LEU B 391 -2.62 53.85 18.56
CA LEU B 391 -2.54 53.88 17.11
C LEU B 391 -3.38 52.79 16.47
N ILE B 392 -3.23 51.56 16.97
CA ILE B 392 -3.92 50.41 16.38
C ILE B 392 -5.43 50.60 16.40
N ARG B 393 -5.91 51.15 17.52
CA ARG B 393 -7.34 51.43 17.68
C ARG B 393 -7.83 52.44 16.66
N ALA B 394 -7.09 53.56 16.57
CA ALA B 394 -7.38 54.59 15.59
C ALA B 394 -7.15 54.13 14.14
N SER B 395 -6.63 52.92 13.98
CA SER B 395 -6.36 52.37 12.64
C SER B 395 -7.60 51.71 12.05
N GLU B 396 -7.66 51.66 10.72
CA GLU B 396 -8.85 51.18 10.03
C GLU B 396 -8.88 49.65 9.82
N ASN B 397 -7.90 49.14 9.08
CA ASN B 397 -7.79 47.72 8.78
C ASN B 397 -6.69 47.04 9.62
N LYS B 398 -6.53 45.72 9.49
CA LYS B 398 -5.33 45.11 10.05
C LYS B 398 -4.14 45.70 9.33
N ALA B 399 -4.21 45.66 8.00
CA ALA B 399 -3.19 46.23 7.13
C ALA B 399 -3.02 47.73 7.36
N ASP B 400 -4.12 48.47 7.44
CA ASP B 400 -4.00 49.90 7.73
C ASP B 400 -3.25 50.06 9.05
N ALA B 401 -3.54 49.18 9.98
CA ALA B 401 -2.86 49.18 11.27
C ALA B 401 -1.37 49.10 11.04
N LYS B 402 -0.93 48.03 10.38
CA LYS B 402 0.50 47.81 10.11
C LYS B 402 1.11 49.04 9.46
N GLU B 403 0.49 49.51 8.38
CA GLU B 403 1.01 50.60 7.57
C GLU B 403 1.18 51.90 8.36
N ASN B 404 0.28 52.15 9.30
CA ASN B 404 0.39 53.30 10.18
C ASN B 404 1.59 53.19 11.13
N LEU B 405 1.86 52.00 11.65
CA LEU B 405 3.04 51.78 12.49
C LEU B 405 4.34 52.00 11.72
N LYS B 406 4.39 51.48 10.51
CA LYS B 406 5.54 51.67 9.64
C LYS B 406 5.78 53.17 9.36
N VAL B 407 4.70 53.91 9.09
CA VAL B 407 4.78 55.36 8.88
C VAL B 407 5.25 56.16 10.09
N SER B 408 4.59 55.94 11.24
CA SER B 408 4.92 56.67 12.47
C SER B 408 6.26 56.25 13.12
N TYR B 409 6.23 55.18 13.91
CA TYR B 409 7.41 54.69 14.61
C TYR B 409 8.41 53.94 13.72
N ASP B 410 8.32 54.15 12.42
CA ASP B 410 9.13 53.43 11.43
C ASP B 410 9.65 52.07 11.93
N PHE B 411 8.72 51.19 12.32
CA PHE B 411 9.05 49.79 12.53
C PHE B 411 9.24 49.22 11.15
N THR B 412 9.71 47.97 11.08
CA THR B 412 9.88 47.34 9.76
C THR B 412 8.58 46.65 9.36
N GLU B 413 8.65 45.82 8.33
CA GLU B 413 7.46 45.11 7.87
C GLU B 413 7.17 43.96 8.82
N GLU B 414 8.14 43.06 8.94
CA GLU B 414 8.01 41.86 9.76
C GLU B 414 7.73 42.20 11.22
N GLN B 415 8.37 43.26 11.72
CA GLN B 415 8.13 43.71 13.08
C GLN B 415 6.66 44.05 13.26
N ALA B 416 6.07 44.66 12.23
CA ALA B 416 4.65 45.02 12.22
C ALA B 416 3.70 43.82 12.35
N GLU B 417 3.82 42.86 11.45
CA GLU B 417 2.99 41.67 11.56
C GLU B 417 3.12 41.16 12.98
N ALA B 418 4.35 41.09 13.49
CA ALA B 418 4.61 40.54 14.82
C ALA B 418 3.87 41.27 15.94
N ILE B 419 4.01 42.60 15.98
CA ILE B 419 3.34 43.39 17.00
C ILE B 419 1.83 43.30 16.86
N VAL B 420 1.34 43.41 15.64
CA VAL B 420 -0.09 43.31 15.37
C VAL B 420 -0.73 41.96 15.74
N THR B 421 -0.21 40.87 15.17
CA THR B 421 -0.74 39.53 15.43
C THR B 421 -0.60 39.09 16.90
N LEU B 422 0.25 39.75 17.66
CA LEU B 422 0.36 39.48 19.09
C LEU B 422 -1.03 39.23 19.61
N GLN B 423 -1.22 38.16 20.39
CA GLN B 423 -2.54 37.98 20.96
C GLN B 423 -2.68 39.03 22.08
N LEU B 424 -3.54 38.79 23.06
CA LEU B 424 -3.77 39.83 24.06
C LEU B 424 -3.18 39.54 25.43
N TYR B 425 -3.25 38.28 25.83
CA TYR B 425 -2.64 37.89 27.09
C TYR B 425 -1.15 38.13 27.02
N ARG B 426 -0.65 38.33 25.80
CA ARG B 426 0.76 38.60 25.64
C ARG B 426 1.06 39.99 26.19
N LEU B 427 0.06 40.86 26.23
CA LEU B 427 0.19 42.16 26.88
C LEU B 427 0.31 41.99 28.39
N THR B 428 -0.21 40.88 28.90
CA THR B 428 -0.11 40.58 30.32
C THR B 428 1.35 40.56 30.75
N ASN B 429 2.24 40.40 29.78
CA ASN B 429 3.66 40.17 30.05
C ASN B 429 4.47 41.28 29.34
N THR B 430 4.49 42.47 29.94
CA THR B 430 5.33 43.54 29.43
C THR B 430 6.48 43.53 30.44
N ASP B 431 7.67 43.19 29.98
CA ASP B 431 8.80 42.94 30.88
C ASP B 431 10.15 42.85 30.18
N VAL B 432 10.60 43.94 29.56
CA VAL B 432 11.84 43.97 28.78
C VAL B 432 13.02 43.09 29.28
N VAL B 433 13.06 42.77 30.57
CA VAL B 433 14.11 41.87 31.08
C VAL B 433 14.16 40.52 30.36
N VAL B 434 13.01 39.84 30.26
CA VAL B 434 12.94 38.57 29.57
C VAL B 434 13.34 38.66 28.10
N LEU B 435 12.77 39.62 27.39
CA LEU B 435 13.13 39.82 26.00
C LEU B 435 14.64 40.02 25.89
N GLN B 436 15.18 40.86 26.76
CA GLN B 436 16.62 41.11 26.79
C GLN B 436 17.37 39.81 26.97
N GLU B 437 16.88 38.94 27.85
CA GLU B 437 17.51 37.65 28.10
C GLU B 437 17.65 36.89 26.79
N GLU B 438 16.53 36.78 26.08
CA GLU B 438 16.48 36.07 24.80
C GLU B 438 17.40 36.72 23.79
N GLU B 439 17.42 38.05 23.79
CA GLU B 439 18.30 38.78 22.89
C GLU B 439 19.75 38.42 23.14
N ALA B 440 20.15 38.44 24.41
CA ALA B 440 21.50 38.07 24.79
C ALA B 440 21.77 36.70 24.22
N GLU B 441 20.80 35.80 24.43
CA GLU B 441 20.92 34.43 23.98
C GLU B 441 21.17 34.37 22.48
N LEU B 442 20.35 35.09 21.73
CA LEU B 442 20.47 35.07 20.28
C LEU B 442 21.83 35.60 19.84
N ARG B 443 22.24 36.73 20.40
CA ARG B 443 23.47 37.34 19.97
C ARG B 443 24.61 36.35 20.19
N GLU B 444 24.62 35.71 21.36
CA GLU B 444 25.63 34.69 21.65
C GLU B 444 25.62 33.55 20.61
N LYS B 445 24.42 33.04 20.31
CA LYS B 445 24.29 31.97 19.30
C LYS B 445 24.80 32.40 17.93
N ILE B 446 24.40 33.58 17.48
CA ILE B 446 24.76 34.04 16.14
C ILE B 446 26.26 34.15 15.98
N ALA B 447 26.90 34.89 16.88
CA ALA B 447 28.33 35.12 16.79
C ALA B 447 29.14 33.83 16.92
N MET B 448 28.64 32.91 17.73
CA MET B 448 29.17 31.56 17.76
C MET B 448 29.08 30.90 16.39
N LEU B 449 27.89 30.92 15.79
CA LEU B 449 27.66 30.30 14.49
C LEU B 449 28.56 30.87 13.42
N ALA B 450 28.57 32.19 13.31
CA ALA B 450 29.33 32.90 12.29
C ALA B 450 30.77 32.44 12.31
N ALA B 451 31.25 32.05 13.49
CA ALA B 451 32.55 31.45 13.63
C ALA B 451 32.67 30.15 12.81
N ILE B 452 31.85 29.15 13.12
CA ILE B 452 31.89 27.89 12.38
C ILE B 452 31.86 28.13 10.88
N ILE B 453 31.00 29.04 10.47
CA ILE B 453 30.82 29.41 9.08
C ILE B 453 32.05 30.03 8.42
N GLY B 454 32.94 30.63 9.20
CA GLY B 454 34.14 31.22 8.62
C GLY B 454 35.41 30.99 9.43
N ASP B 455 35.53 29.82 10.04
CA ASP B 455 36.60 29.58 11.01
C ASP B 455 37.30 28.24 10.81
N GLU B 456 37.22 27.71 9.60
CA GLU B 456 37.45 26.29 9.29
C GLU B 456 37.92 25.32 10.40
N ARG B 457 38.84 25.70 11.28
CA ARG B 457 39.19 24.80 12.38
C ARG B 457 38.03 24.67 13.39
N THR B 458 37.43 25.79 13.75
CA THR B 458 36.25 25.77 14.62
C THR B 458 35.20 24.78 14.09
N MET B 459 35.03 24.76 12.77
CA MET B 459 34.07 23.88 12.11
C MET B 459 34.40 22.40 12.31
N TYR B 460 35.63 22.02 11.96
CA TYR B 460 36.07 20.63 12.05
C TYR B 460 36.00 20.08 13.48
N ASN B 461 36.22 20.97 14.45
CA ASN B 461 36.10 20.62 15.86
C ASN B 461 34.68 20.20 16.25
N LEU B 462 33.69 20.96 15.80
CA LEU B 462 32.28 20.59 15.96
C LEU B 462 32.02 19.24 15.31
N MET B 463 32.62 19.00 14.14
CA MET B 463 32.51 17.70 13.49
C MET B 463 33.01 16.61 14.40
N LYS B 464 34.16 16.87 15.02
CA LYS B 464 34.75 15.91 15.94
C LYS B 464 33.80 15.64 17.12
N LYS B 465 33.31 16.70 17.75
CA LYS B 465 32.42 16.52 18.90
C LYS B 465 31.22 15.65 18.51
N GLU B 466 30.49 16.06 17.49
CA GLU B 466 29.25 15.37 17.18
C GLU B 466 29.55 13.89 16.96
N LEU B 467 30.66 13.61 16.28
CA LEU B 467 31.04 12.25 15.96
C LEU B 467 31.31 11.44 17.23
N ARG B 468 32.02 12.05 18.17
CA ARG B 468 32.26 11.39 19.45
C ARG B 468 30.95 11.14 20.19
N GLU B 469 30.10 12.16 20.25
CA GLU B 469 28.82 12.04 20.95
C GLU B 469 28.00 10.87 20.37
N VAL B 470 28.13 10.66 19.06
CA VAL B 470 27.51 9.49 18.42
C VAL B 470 28.20 8.16 18.75
N LYS B 471 29.54 8.15 18.65
CA LYS B 471 30.30 6.94 18.92
C LYS B 471 29.94 6.43 20.31
N LYS B 472 29.79 7.35 21.25
CA LYS B 472 29.44 6.99 22.61
C LYS B 472 28.10 6.28 22.66
N LYS B 473 27.03 6.98 22.27
CA LYS B 473 25.69 6.44 22.34
C LYS B 473 25.56 5.07 21.65
N PHE B 474 25.91 4.99 20.38
CA PHE B 474 25.67 3.76 19.65
C PHE B 474 26.81 2.77 19.66
N ALA B 475 27.81 3.01 20.50
CA ALA B 475 28.98 2.14 20.53
C ALA B 475 28.62 0.70 20.90
N THR B 476 29.31 -0.28 20.31
CA THR B 476 29.06 -1.69 20.64
C THR B 476 30.33 -2.51 20.47
N PRO B 477 30.52 -3.52 21.33
CA PRO B 477 31.77 -4.28 21.31
C PRO B 477 31.97 -4.88 19.94
N ARG B 478 33.17 -5.38 19.63
CA ARG B 478 33.33 -6.12 18.38
C ARG B 478 32.57 -7.42 18.50
N LEU B 479 32.18 -7.96 17.36
CA LEU B 479 31.44 -9.21 17.37
C LEU B 479 32.25 -10.24 16.56
N SER B 480 32.85 -9.75 15.47
CA SER B 480 33.79 -10.55 14.68
C SER B 480 35.22 -10.42 15.24
N SER B 481 36.01 -11.48 15.10
CA SER B 481 37.37 -11.52 15.64
C SER B 481 38.37 -11.67 14.51
N LEU B 482 39.59 -11.18 14.72
CA LEU B 482 40.58 -11.15 13.64
C LEU B 482 41.80 -12.03 13.90
N GLU B 483 42.08 -12.91 12.94
CA GLU B 483 43.23 -13.82 13.00
C GLU B 483 43.97 -13.85 11.64
N LYS C 36 5.59 -27.93 2.09
CA LYS C 36 6.58 -28.79 2.74
C LYS C 36 6.70 -28.43 4.22
N LEU C 37 7.08 -29.42 5.01
CA LEU C 37 6.92 -29.35 6.46
C LEU C 37 8.25 -29.08 7.15
N THR C 38 8.17 -28.54 8.36
CA THR C 38 9.34 -28.30 9.19
C THR C 38 9.27 -29.19 10.44
N PRO C 39 9.78 -30.43 10.32
CA PRO C 39 9.61 -31.51 11.30
C PRO C 39 10.53 -31.36 12.49
N ALA C 40 10.20 -32.01 13.60
CA ALA C 40 11.00 -31.92 14.82
C ALA C 40 12.24 -32.77 14.74
N GLN C 41 13.15 -32.61 15.70
CA GLN C 41 14.38 -33.38 15.69
C GLN C 41 14.08 -34.86 15.94
N SER C 42 13.68 -35.19 17.17
CA SER C 42 13.36 -36.57 17.53
C SER C 42 12.11 -37.07 16.80
N LYS C 43 12.15 -38.33 16.33
CA LYS C 43 10.99 -38.91 15.65
C LYS C 43 10.31 -39.92 16.58
N ASN C 44 9.43 -39.39 17.42
CA ASN C 44 8.82 -40.12 18.52
C ASN C 44 7.31 -39.86 18.58
N PRO C 45 6.50 -40.85 18.17
CA PRO C 45 5.03 -40.72 18.11
C PRO C 45 4.38 -40.75 19.47
N ALA C 46 5.16 -40.65 20.54
CA ALA C 46 4.60 -40.70 21.89
C ALA C 46 4.44 -39.30 22.50
N LYS C 47 5.33 -38.39 22.12
CA LYS C 47 5.25 -37.01 22.58
C LYS C 47 5.92 -36.10 21.55
N ASN C 48 5.25 -35.91 20.43
CA ASN C 48 5.66 -34.95 19.42
C ASN C 48 4.36 -34.41 18.81
N GLU C 49 4.33 -33.13 18.49
CA GLU C 49 3.10 -32.47 18.08
C GLU C 49 3.21 -31.91 16.66
N LEU C 50 2.08 -31.89 15.96
CA LEU C 50 2.00 -31.38 14.59
C LEU C 50 1.20 -30.12 14.63
N TYR C 51 1.79 -29.05 14.15
CA TYR C 51 1.13 -27.76 14.23
C TYR C 51 0.68 -27.35 12.83
N LEU C 52 -0.64 -27.25 12.66
CA LEU C 52 -1.21 -26.95 11.36
C LEU C 52 -1.53 -25.46 11.33
N VAL C 53 -1.06 -24.81 10.29
CA VAL C 53 -1.03 -23.36 10.24
C VAL C 53 -1.64 -22.87 8.94
N GLU C 54 -1.97 -21.58 8.90
CA GLU C 54 -2.89 -21.08 7.89
C GLU C 54 -2.08 -20.72 6.66
N GLY C 55 -0.76 -20.66 6.81
CA GLY C 55 0.12 -20.33 5.71
C GLY C 55 1.57 -20.09 6.05
N ASP C 56 2.38 -19.86 5.02
CA ASP C 56 3.83 -19.68 5.14
C ASP C 56 4.20 -18.56 6.11
N SER C 57 3.60 -17.39 5.92
CA SER C 57 3.91 -16.23 6.77
C SER C 57 3.70 -16.56 8.24
N ALA C 58 2.55 -17.12 8.57
CA ALA C 58 2.28 -17.53 9.93
C ALA C 58 3.27 -18.62 10.34
N GLY C 59 3.49 -19.57 9.43
CA GLY C 59 4.36 -20.70 9.67
C GLY C 59 5.74 -20.27 10.11
N GLY C 60 6.17 -19.12 9.63
CA GLY C 60 7.49 -18.60 9.98
C GLY C 60 7.61 -18.40 11.48
N SER C 61 6.70 -17.59 12.02
CA SER C 61 6.66 -17.36 13.45
C SER C 61 6.52 -18.67 14.21
N ALA C 62 5.74 -19.59 13.66
CA ALA C 62 5.59 -20.91 14.27
C ALA C 62 6.96 -21.58 14.43
N LYS C 63 7.66 -21.77 13.30
CA LYS C 63 8.95 -22.44 13.32
C LYS C 63 9.90 -21.74 14.28
N GLN C 64 9.87 -20.41 14.29
CA GLN C 64 10.81 -19.63 15.09
C GLN C 64 10.66 -19.81 16.61
N GLY C 65 9.46 -19.53 17.12
CA GLY C 65 9.21 -19.72 18.54
C GLY C 65 8.69 -21.11 18.83
N ARG C 66 9.59 -22.05 19.09
CA ARG C 66 9.19 -23.45 19.14
C ARG C 66 10.31 -24.35 19.59
N ASP C 67 9.97 -25.38 20.38
CA ASP C 67 10.94 -26.36 20.86
C ASP C 67 11.12 -27.47 19.82
N ARG C 68 12.15 -27.34 18.98
CA ARG C 68 12.34 -28.24 17.85
C ARG C 68 12.52 -29.72 18.25
N LYS C 69 12.61 -29.97 19.56
CA LYS C 69 12.77 -31.32 20.04
C LYS C 69 11.54 -32.16 19.67
N PHE C 70 10.35 -31.62 19.92
CA PHE C 70 9.11 -32.33 19.67
C PHE C 70 7.99 -31.42 19.19
N GLN C 71 8.27 -30.58 18.21
CA GLN C 71 7.24 -29.73 17.61
C GLN C 71 7.49 -29.53 16.12
N ALA C 72 6.55 -30.01 15.32
CA ALA C 72 6.71 -29.99 13.87
C ALA C 72 5.62 -29.10 13.27
N ILE C 73 5.92 -28.45 12.15
CA ILE C 73 5.06 -27.38 11.66
C ILE C 73 4.74 -27.46 10.16
N LEU C 74 3.45 -27.50 9.85
CA LEU C 74 2.99 -27.76 8.50
C LEU C 74 1.99 -26.69 8.07
N PRO C 75 2.37 -25.88 7.07
CA PRO C 75 1.55 -24.81 6.53
C PRO C 75 0.52 -25.30 5.53
N LEU C 76 -0.63 -24.65 5.50
CA LEU C 76 -1.65 -24.90 4.51
C LEU C 76 -1.85 -23.62 3.74
N ARG C 77 -2.23 -23.74 2.48
CA ARG C 77 -2.50 -22.57 1.67
C ARG C 77 -3.93 -22.07 1.90
N GLY C 78 -4.11 -21.26 2.94
CA GLY C 78 -5.38 -20.63 3.24
C GLY C 78 -6.53 -21.56 3.52
N LYS C 79 -7.72 -21.21 3.03
CA LYS C 79 -8.94 -21.98 3.29
C LYS C 79 -8.88 -23.40 2.73
N VAL C 80 -9.42 -24.34 3.49
CA VAL C 80 -9.30 -25.77 3.16
C VAL C 80 -10.55 -26.37 2.53
N ILE C 81 -10.35 -27.16 1.49
CA ILE C 81 -11.43 -27.84 0.79
C ILE C 81 -12.47 -28.34 1.76
N ASN C 82 -13.73 -27.97 1.54
CA ASN C 82 -14.81 -28.54 2.35
C ASN C 82 -15.00 -30.02 2.00
N THR C 83 -14.50 -30.88 2.88
CA THR C 83 -14.48 -32.31 2.65
C THR C 83 -15.88 -32.92 2.74
N ALA C 84 -16.81 -32.14 3.26
CA ALA C 84 -18.18 -32.60 3.43
C ALA C 84 -19.05 -32.07 2.30
N LYS C 85 -18.41 -31.47 1.31
CA LYS C 85 -19.12 -30.88 0.17
C LYS C 85 -18.32 -31.18 -1.08
N ALA C 89 -12.79 -37.85 -4.66
CA ALA C 89 -11.85 -37.78 -5.78
C ALA C 89 -11.42 -36.33 -6.00
N ASP C 90 -12.38 -35.43 -5.95
CA ASP C 90 -12.04 -34.02 -5.91
C ASP C 90 -11.12 -33.84 -4.70
N ILE C 91 -11.48 -34.47 -3.58
CA ILE C 91 -10.75 -34.34 -2.33
C ILE C 91 -9.29 -34.78 -2.38
N LEU C 92 -9.07 -36.07 -2.59
CA LEU C 92 -7.73 -36.64 -2.49
C LEU C 92 -6.77 -35.98 -3.48
N LYS C 93 -7.31 -35.50 -4.59
CA LYS C 93 -6.54 -34.75 -5.59
C LYS C 93 -6.12 -33.32 -5.15
N ASN C 94 -6.55 -32.88 -3.98
CA ASN C 94 -6.20 -31.54 -3.50
C ASN C 94 -4.93 -31.54 -2.65
N GLU C 95 -3.84 -31.08 -3.26
CA GLU C 95 -2.52 -31.06 -2.63
C GLU C 95 -2.61 -30.90 -1.12
N GLU C 96 -3.33 -29.87 -0.68
CA GLU C 96 -3.36 -29.54 0.74
C GLU C 96 -3.86 -30.70 1.61
N ILE C 97 -4.95 -31.35 1.22
CA ILE C 97 -5.38 -32.54 1.94
C ILE C 97 -4.37 -33.67 1.80
N ASN C 98 -3.93 -33.95 0.58
CA ASN C 98 -3.00 -35.07 0.37
C ASN C 98 -1.75 -34.97 1.25
N THR C 99 -1.18 -33.79 1.36
CA THR C 99 0.00 -33.60 2.19
C THR C 99 -0.29 -33.91 3.66
N MET C 100 -1.40 -33.39 4.18
CA MET C 100 -1.76 -33.63 5.58
C MET C 100 -1.77 -35.10 5.88
N ILE C 101 -2.36 -35.85 4.96
CA ILE C 101 -2.45 -37.30 5.12
C ILE C 101 -1.07 -37.90 5.22
N TYR C 102 -0.22 -37.63 4.22
CA TYR C 102 1.14 -38.20 4.19
C TYR C 102 1.96 -37.88 5.44
N THR C 103 2.01 -36.61 5.83
CA THR C 103 2.84 -36.21 6.97
C THR C 103 2.35 -36.73 8.31
N ILE C 104 1.16 -37.34 8.32
CA ILE C 104 0.58 -37.79 9.57
C ILE C 104 0.70 -39.29 9.74
N GLY C 105 0.81 -39.99 8.62
CA GLY C 105 0.84 -41.45 8.61
C GLY C 105 -0.54 -42.02 8.37
N ALA C 106 -0.99 -42.89 9.28
CA ALA C 106 -2.36 -43.37 9.28
C ALA C 106 -2.96 -43.65 7.89
N GLY C 107 -3.59 -42.64 7.30
CA GLY C 107 -4.23 -42.78 6.00
C GLY C 107 -5.73 -42.59 6.15
N VAL C 108 -6.45 -42.56 5.02
CA VAL C 108 -7.90 -42.34 5.04
C VAL C 108 -8.70 -43.64 5.30
N ASP C 111 -8.99 -48.61 5.81
CA ASP C 111 -8.90 -47.17 5.63
C ASP C 111 -7.84 -46.57 6.54
N PHE C 112 -8.29 -45.86 7.57
CA PHE C 112 -7.43 -45.12 8.50
C PHE C 112 -6.24 -45.93 9.04
N SER C 113 -6.43 -46.62 10.17
CA SER C 113 -5.33 -47.23 10.91
C SER C 113 -4.50 -46.15 11.61
N ILE C 114 -3.84 -46.49 12.70
CA ILE C 114 -3.24 -45.49 13.56
C ILE C 114 -1.79 -45.77 13.95
N GLU C 115 -1.52 -45.73 15.25
CA GLU C 115 -0.28 -46.19 15.81
C GLU C 115 -0.52 -47.56 16.40
N ALA C 117 1.96 -44.32 13.75
CA ALA C 117 2.27 -42.95 13.35
C ALA C 117 1.21 -41.96 13.86
N ASN C 118 1.59 -40.71 14.05
CA ASN C 118 2.94 -40.22 13.85
C ASN C 118 3.27 -39.14 14.89
N TYR C 119 2.23 -38.60 15.51
CA TYR C 119 2.35 -37.62 16.58
C TYR C 119 1.16 -37.80 17.53
N ASP C 120 1.37 -37.63 18.84
CA ASP C 120 0.28 -37.85 19.79
C ASP C 120 -0.51 -36.56 19.96
N LYS C 121 -0.37 -35.67 19.01
CA LYS C 121 -1.14 -34.43 18.99
C LYS C 121 -1.08 -33.82 17.61
N ILE C 122 -2.24 -33.56 17.05
CA ILE C 122 -2.30 -32.73 15.87
C ILE C 122 -3.09 -31.50 16.29
N ILE C 123 -2.44 -30.35 16.24
CA ILE C 123 -2.98 -29.14 16.80
C ILE C 123 -3.25 -28.13 15.70
N ILE C 124 -4.43 -27.53 15.77
CA ILE C 124 -4.85 -26.65 14.71
C ILE C 124 -4.65 -25.27 15.24
N MET C 125 -3.75 -24.54 14.62
CA MET C 125 -3.40 -23.20 15.05
C MET C 125 -3.64 -22.24 13.91
N THR C 126 -4.70 -21.45 14.05
CA THR C 126 -5.10 -20.55 12.98
C THR C 126 -5.06 -19.13 13.50
N ASP C 127 -5.03 -18.18 12.59
CA ASP C 127 -5.19 -16.78 12.95
C ASP C 127 -6.30 -16.67 14.00
N ALA C 128 -6.19 -15.65 14.86
CA ALA C 128 -7.13 -15.50 15.96
C ALA C 128 -8.42 -14.80 15.53
N ASP C 129 -8.50 -14.37 14.28
CA ASP C 129 -9.69 -13.67 13.82
C ASP C 129 -10.76 -14.66 13.43
N THR C 130 -11.80 -14.17 12.77
CA THR C 130 -12.96 -14.97 12.48
C THR C 130 -12.76 -15.91 11.31
N ASP C 131 -11.98 -15.47 10.33
CA ASP C 131 -11.62 -16.38 9.25
C ASP C 131 -10.90 -17.61 9.80
N GLY C 132 -10.17 -17.42 10.89
CA GLY C 132 -9.51 -18.51 11.58
C GLY C 132 -10.52 -19.55 12.03
N ALA C 133 -11.59 -19.08 12.66
CA ALA C 133 -12.65 -19.99 13.08
C ALA C 133 -13.25 -20.76 11.92
N HIS C 134 -13.30 -20.15 10.75
CA HIS C 134 -13.82 -20.88 9.59
C HIS C 134 -12.89 -22.00 9.20
N ILE C 135 -11.59 -21.73 9.22
CA ILE C 135 -10.61 -22.74 8.87
C ILE C 135 -10.62 -23.83 9.93
N GLN C 136 -10.78 -23.45 11.20
CA GLN C 136 -10.92 -24.45 12.23
C GLN C 136 -12.10 -25.35 11.88
N THR C 137 -13.23 -24.73 11.56
CA THR C 137 -14.44 -25.41 11.16
C THR C 137 -14.18 -26.40 10.04
N LEU C 138 -13.52 -25.93 8.99
CA LEU C 138 -13.24 -26.74 7.82
C LEU C 138 -12.30 -27.91 8.12
N LEU C 139 -11.21 -27.65 8.81
CA LEU C 139 -10.28 -28.71 9.15
C LEU C 139 -10.96 -29.78 9.98
N LEU C 140 -11.69 -29.37 11.01
CA LEU C 140 -12.37 -30.34 11.86
C LEU C 140 -13.30 -31.26 11.08
N THR C 141 -14.14 -30.73 10.20
CA THR C 141 -15.04 -31.62 9.49
C THR C 141 -14.26 -32.60 8.62
N PHE C 142 -13.06 -32.22 8.17
CA PHE C 142 -12.21 -33.18 7.47
C PHE C 142 -11.79 -34.34 8.37
N PHE C 143 -11.25 -34.02 9.54
CA PHE C 143 -10.91 -35.04 10.51
C PHE C 143 -12.12 -35.86 10.91
N TYR C 144 -13.18 -35.20 11.34
CA TYR C 144 -14.39 -35.92 11.72
C TYR C 144 -14.89 -36.83 10.61
N ARG C 145 -14.94 -36.31 9.38
CA ARG C 145 -15.44 -37.11 8.27
C ARG C 145 -14.55 -38.31 8.02
N TYR C 146 -13.29 -38.06 7.69
CA TYR C 146 -12.36 -39.15 7.35
C TYR C 146 -11.61 -39.77 8.53
N MET C 147 -10.61 -39.06 9.04
CA MET C 147 -9.80 -39.52 10.18
C MET C 147 -10.54 -39.76 11.52
N ARG C 148 -11.82 -40.13 11.45
CA ARG C 148 -12.69 -40.12 12.63
C ARG C 148 -12.08 -40.63 13.94
N PRO C 149 -11.44 -41.81 13.91
CA PRO C 149 -10.96 -42.34 15.18
C PRO C 149 -10.00 -41.34 15.78
N LEU C 150 -9.11 -40.83 14.95
CA LEU C 150 -8.19 -39.79 15.38
C LEU C 150 -8.94 -38.80 16.27
N VAL C 151 -10.08 -38.32 15.79
CA VAL C 151 -10.89 -37.39 16.55
C VAL C 151 -11.47 -38.08 17.78
N GLU C 152 -12.07 -39.25 17.57
CA GLU C 152 -12.74 -39.97 18.65
C GLU C 152 -11.75 -40.25 19.78
N ALA C 153 -10.51 -40.52 19.39
CA ALA C 153 -9.43 -40.81 20.33
C ALA C 153 -9.24 -39.66 21.32
N GLY C 154 -8.76 -38.54 20.83
CA GLY C 154 -8.42 -37.40 21.67
C GLY C 154 -7.07 -36.89 21.23
N HIS C 155 -6.90 -36.79 19.91
CA HIS C 155 -5.62 -36.46 19.31
C HIS C 155 -5.72 -35.22 18.42
N VAL C 156 -6.93 -34.68 18.31
CA VAL C 156 -7.14 -33.42 17.61
C VAL C 156 -7.29 -32.29 18.62
N TYR C 157 -6.45 -31.28 18.49
CA TYR C 157 -6.42 -30.18 19.44
C TYR C 157 -6.63 -28.88 18.70
N ILE C 158 -7.19 -27.90 19.38
CA ILE C 158 -7.23 -26.56 18.84
C ILE C 158 -6.39 -25.66 19.72
N ALA C 159 -5.55 -24.84 19.11
CA ALA C 159 -4.68 -23.96 19.86
C ALA C 159 -5.30 -22.57 19.85
N LEU C 160 -5.16 -21.86 20.95
CA LEU C 160 -5.94 -20.64 21.14
C LEU C 160 -5.01 -19.45 21.34
N PRO C 161 -4.53 -18.85 20.25
CA PRO C 161 -3.55 -17.77 20.29
C PRO C 161 -4.27 -16.45 20.39
N PRO C 162 -3.67 -15.46 21.05
CA PRO C 162 -4.27 -14.15 21.32
C PRO C 162 -4.69 -13.46 20.04
N LEU C 163 -5.62 -12.52 20.17
CA LEU C 163 -6.00 -11.67 19.05
C LEU C 163 -5.54 -10.24 19.30
N TYR C 164 -5.78 -9.77 20.53
CA TYR C 164 -5.42 -8.42 20.96
C TYR C 164 -4.41 -8.46 22.11
N LYS C 165 -3.42 -7.57 22.07
CA LYS C 165 -2.51 -7.35 23.19
C LYS C 165 -2.49 -5.86 23.57
N MET C 166 -2.71 -5.58 24.85
CA MET C 166 -2.88 -4.21 25.29
C MET C 166 -1.80 -3.84 26.30
N SER C 167 -1.25 -2.63 26.20
CA SER C 167 -0.11 -2.23 27.03
C SER C 167 -0.17 -0.81 27.61
N LYS C 168 0.17 -0.67 28.89
CA LYS C 168 0.26 0.64 29.57
C LYS C 168 1.65 0.86 30.17
N LYS C 172 10.66 0.87 30.86
CA LYS C 172 11.14 -0.09 31.85
C LYS C 172 10.00 -0.88 32.47
N LYS C 173 9.01 -0.15 33.00
CA LYS C 173 7.84 -0.79 33.61
C LYS C 173 6.69 -0.82 32.62
N GLU C 174 6.17 -2.02 32.37
CA GLU C 174 5.09 -2.23 31.42
C GLU C 174 4.01 -3.12 32.03
N GLU C 175 2.77 -2.88 31.65
CA GLU C 175 1.66 -3.77 32.01
C GLU C 175 0.98 -4.24 30.73
N VAL C 176 0.80 -5.56 30.60
CA VAL C 176 0.33 -6.14 29.36
C VAL C 176 -0.74 -7.21 29.57
N ALA C 177 -1.74 -7.20 28.70
CA ALA C 177 -2.80 -8.19 28.75
C ALA C 177 -3.02 -8.80 27.37
N TYR C 178 -3.76 -9.91 27.33
CA TYR C 178 -4.16 -10.53 26.09
C TYR C 178 -5.66 -10.74 26.06
N ALA C 179 -6.28 -10.46 24.91
CA ALA C 179 -7.70 -10.69 24.69
C ALA C 179 -7.90 -11.64 23.52
N TRP C 180 -9.02 -12.36 23.52
CA TRP C 180 -9.22 -13.40 22.51
C TRP C 180 -10.41 -13.12 21.58
N THR C 181 -11.27 -12.20 22.01
CA THR C 181 -12.39 -11.73 21.19
C THR C 181 -12.99 -10.44 21.75
N ASP C 182 -13.74 -9.75 20.91
CA ASP C 182 -14.32 -8.45 21.23
C ASP C 182 -14.79 -8.29 22.68
N GLY C 183 -15.53 -9.28 23.17
CA GLY C 183 -16.01 -9.23 24.54
C GLY C 183 -14.86 -8.97 25.51
N GLU C 184 -13.84 -9.82 25.43
CA GLU C 184 -12.66 -9.71 26.29
C GLU C 184 -12.11 -8.29 26.31
N LEU C 185 -12.17 -7.63 25.15
CA LEU C 185 -11.55 -6.32 24.98
C LEU C 185 -12.06 -5.28 25.96
N GLU C 186 -13.38 -5.15 26.07
CA GLU C 186 -13.97 -4.08 26.88
C GLU C 186 -13.41 -4.03 28.31
N GLU C 187 -13.39 -5.18 28.98
CA GLU C 187 -12.84 -5.29 30.33
C GLU C 187 -11.35 -4.93 30.39
N LEU C 188 -10.61 -5.37 29.38
CA LEU C 188 -9.19 -5.04 29.26
C LEU C 188 -8.97 -3.52 29.15
N ARG C 189 -9.75 -2.89 28.27
CA ARG C 189 -9.69 -1.44 28.10
C ARG C 189 -10.04 -0.71 29.39
N LYS C 190 -11.12 -1.13 30.05
CA LYS C 190 -11.52 -0.54 31.32
C LYS C 190 -10.40 -0.65 32.33
N GLN C 191 -9.77 -1.83 32.40
CA GLN C 191 -8.66 -2.06 33.30
C GLN C 191 -7.50 -1.09 33.05
N PHE C 192 -6.95 -1.15 31.85
CA PHE C 192 -5.80 -0.34 31.47
C PHE C 192 -5.97 1.18 31.56
N GLY C 193 -7.19 1.63 31.84
CA GLY C 193 -7.63 2.98 31.56
C GLY C 193 -6.76 3.75 30.57
N LYS C 194 -6.61 5.05 30.78
CA LYS C 194 -5.93 5.92 29.83
C LYS C 194 -4.56 5.38 29.41
N GLY C 195 -4.02 5.93 28.33
CA GLY C 195 -2.64 5.69 27.93
C GLY C 195 -2.35 4.36 27.24
N ALA C 196 -3.33 3.46 27.23
CA ALA C 196 -3.12 2.14 26.64
C ALA C 196 -2.80 2.17 25.14
N THR C 197 -2.12 1.13 24.68
CA THR C 197 -1.96 0.89 23.25
C THR C 197 -2.49 -0.52 22.96
N LEU C 198 -3.32 -0.64 21.94
CA LEU C 198 -3.91 -1.93 21.61
C LEU C 198 -3.38 -2.42 20.29
N GLN C 199 -2.95 -3.67 20.29
CA GLN C 199 -2.36 -4.28 19.13
C GLN C 199 -3.23 -5.45 18.72
N ARG C 200 -3.47 -5.62 17.43
CA ARG C 200 -4.36 -6.68 16.98
C ARG C 200 -3.68 -7.51 15.94
N TYR C 201 -3.61 -8.82 16.19
CA TYR C 201 -2.84 -9.70 15.33
C TYR C 201 -3.70 -10.13 14.14
N LYS C 202 -3.47 -9.46 13.02
CA LYS C 202 -4.23 -9.71 11.80
C LYS C 202 -3.79 -11.04 11.16
N GLY C 203 -3.21 -11.90 11.98
CA GLY C 203 -2.53 -13.10 11.50
C GLY C 203 -1.32 -13.41 12.35
N LEU C 204 -0.93 -14.67 12.44
CA LEU C 204 0.15 -15.08 13.33
C LEU C 204 1.50 -14.42 13.02
N GLY C 205 1.78 -14.24 11.73
CA GLY C 205 3.03 -13.65 11.30
C GLY C 205 3.26 -12.27 11.90
N GLU C 206 2.26 -11.75 12.61
CA GLU C 206 2.33 -10.39 13.10
C GLU C 206 2.83 -10.31 14.54
N MET C 207 2.80 -11.42 15.28
CA MET C 207 3.40 -11.44 16.61
C MET C 207 4.81 -11.96 16.51
N ASN C 208 5.58 -11.87 17.59
CA ASN C 208 6.98 -12.30 17.51
C ASN C 208 7.19 -13.71 18.05
N ALA C 209 8.44 -14.14 18.09
CA ALA C 209 8.75 -15.52 18.45
C ALA C 209 8.49 -15.71 19.92
N ASP C 210 9.05 -14.79 20.70
CA ASP C 210 8.92 -14.85 22.15
C ASP C 210 7.44 -14.93 22.53
N GLN C 211 6.63 -14.05 21.93
CA GLN C 211 5.21 -14.01 22.24
C GLN C 211 4.50 -15.33 21.94
N LEU C 212 4.57 -15.80 20.70
CA LEU C 212 3.83 -16.98 20.29
C LEU C 212 4.13 -18.16 21.20
N TRP C 213 5.41 -18.34 21.51
CA TRP C 213 5.80 -19.37 22.44
C TRP C 213 5.13 -19.10 23.80
N GLU C 214 5.53 -18.02 24.47
CA GLU C 214 5.11 -17.73 25.85
C GLU C 214 3.60 -17.79 26.05
N THR C 215 2.86 -17.33 25.06
CA THR C 215 1.40 -17.36 25.10
C THR C 215 0.77 -18.69 24.68
N THR C 216 1.16 -19.21 23.51
CA THR C 216 0.33 -20.26 22.91
C THR C 216 1.02 -21.52 22.37
N MET C 217 2.25 -21.78 22.78
CA MET C 217 2.86 -23.05 22.38
C MET C 217 3.54 -23.81 23.53
N ASN C 218 4.32 -23.09 24.31
CA ASN C 218 4.96 -23.66 25.50
C ASN C 218 3.95 -24.30 26.47
N PRO C 219 3.99 -25.65 26.58
CA PRO C 219 3.07 -26.46 27.39
C PRO C 219 2.98 -26.05 28.85
N GLU C 220 4.03 -25.44 29.39
CA GLU C 220 4.00 -25.02 30.78
C GLU C 220 2.92 -23.98 31.03
N THR C 221 2.81 -23.01 30.13
CA THR C 221 1.93 -21.85 30.32
C THR C 221 0.84 -21.71 29.26
N ARG C 222 0.87 -22.58 28.26
CA ARG C 222 -0.12 -22.56 27.20
C ARG C 222 -1.40 -23.19 27.67
N THR C 223 -2.47 -22.99 26.90
CA THR C 223 -3.68 -23.75 27.13
C THR C 223 -4.26 -24.22 25.81
N LEU C 224 -4.63 -25.50 25.75
CA LEU C 224 -5.09 -26.14 24.52
C LEU C 224 -6.54 -26.55 24.62
N ILE C 225 -7.15 -26.81 23.48
CA ILE C 225 -8.47 -27.38 23.47
C ILE C 225 -8.40 -28.79 22.92
N ARG C 226 -9.14 -29.70 23.54
CA ARG C 226 -9.12 -31.08 23.11
C ARG C 226 -10.50 -31.39 22.57
N VAL C 227 -10.54 -31.90 21.35
CA VAL C 227 -11.82 -32.07 20.68
C VAL C 227 -12.19 -33.53 20.74
N THR C 228 -13.31 -33.79 21.39
CA THR C 228 -13.82 -35.13 21.58
C THR C 228 -15.24 -35.12 21.11
N ILE C 229 -15.76 -36.28 20.72
CA ILE C 229 -17.16 -36.34 20.31
C ILE C 229 -18.00 -37.25 21.23
N GLU C 230 -19.12 -36.71 21.70
CA GLU C 230 -19.94 -37.31 22.76
C GLU C 230 -21.27 -37.81 22.24
N ASP C 231 -21.56 -37.55 20.98
CA ASP C 231 -22.47 -38.41 20.24
C ASP C 231 -21.75 -38.79 18.98
N LEU C 232 -22.44 -39.44 18.06
CA LEU C 232 -21.98 -39.47 16.69
C LEU C 232 -23.14 -38.84 15.97
N ALA C 233 -24.33 -39.23 16.38
CA ALA C 233 -25.57 -38.78 15.77
C ALA C 233 -25.63 -37.27 15.78
N ARG C 234 -25.44 -36.69 16.96
CA ARG C 234 -25.46 -35.23 17.11
C ARG C 234 -24.38 -34.61 16.22
N ALA C 235 -23.19 -35.19 16.25
CA ALA C 235 -22.09 -34.72 15.41
C ALA C 235 -22.46 -34.67 13.93
N GLU C 236 -22.82 -35.83 13.38
CA GLU C 236 -23.22 -35.91 11.99
C GLU C 236 -24.30 -34.88 11.70
N ARG C 237 -25.33 -34.84 12.56
CA ARG C 237 -26.45 -33.94 12.34
C ARG C 237 -25.91 -32.54 12.19
N ARG C 238 -25.12 -32.10 13.17
CA ARG C 238 -24.59 -30.74 13.13
C ARG C 238 -23.68 -30.45 11.93
N VAL C 239 -22.65 -31.27 11.75
CA VAL C 239 -21.71 -31.04 10.66
C VAL C 239 -22.44 -30.96 9.32
N ASN C 240 -23.36 -31.87 9.09
CA ASN C 240 -24.10 -31.87 7.84
C ASN C 240 -24.92 -30.61 7.59
N VAL C 241 -25.45 -29.99 8.63
CA VAL C 241 -26.15 -28.71 8.43
C VAL C 241 -25.15 -27.62 8.10
N LEU C 242 -24.31 -27.30 9.07
CA LEU C 242 -23.37 -26.21 8.92
C LEU C 242 -22.51 -26.39 7.68
N MET C 243 -21.63 -27.39 7.73
CA MET C 243 -20.70 -27.68 6.63
C MET C 243 -21.34 -28.35 5.41
N GLY C 244 -22.56 -28.84 5.58
CA GLY C 244 -23.24 -29.59 4.53
C GLY C 244 -23.36 -28.91 3.18
N ASP C 245 -24.29 -29.39 2.37
CA ASP C 245 -24.40 -28.93 0.99
C ASP C 245 -25.78 -28.38 0.68
N LYS C 246 -26.69 -28.42 1.65
CA LYS C 246 -28.10 -28.13 1.38
C LYS C 246 -28.52 -26.64 1.51
N VAL C 247 -27.93 -25.92 2.46
CA VAL C 247 -28.20 -24.47 2.59
C VAL C 247 -29.58 -24.12 3.14
N GLU C 248 -30.63 -24.64 2.51
CA GLU C 248 -31.98 -24.42 3.00
C GLU C 248 -32.04 -24.40 4.54
N PRO C 249 -31.41 -25.40 5.21
CA PRO C 249 -31.41 -25.51 6.68
C PRO C 249 -30.35 -24.65 7.35
N ARG C 250 -29.13 -24.67 6.80
CA ARG C 250 -28.09 -23.79 7.30
C ARG C 250 -28.67 -22.42 7.60
N ARG C 251 -29.38 -21.84 6.63
CA ARG C 251 -30.00 -20.55 6.83
C ARG C 251 -30.86 -20.56 8.09
N LYS C 252 -31.78 -21.51 8.19
CA LYS C 252 -32.70 -21.54 9.34
C LYS C 252 -31.90 -21.66 10.63
N TRP C 253 -30.79 -22.38 10.56
CA TRP C 253 -29.94 -22.53 11.73
C TRP C 253 -29.42 -21.16 12.18
N ILE C 254 -28.90 -20.39 11.24
CA ILE C 254 -28.49 -19.02 11.53
C ILE C 254 -29.65 -18.23 12.10
N GLU C 255 -30.77 -18.22 11.38
CA GLU C 255 -31.91 -17.40 11.75
C GLU C 255 -32.26 -17.67 13.21
N ASP C 256 -32.47 -18.94 13.54
CA ASP C 256 -32.88 -19.33 14.89
C ASP C 256 -31.77 -19.31 15.96
N ASN C 257 -30.50 -19.24 15.54
CA ASN C 257 -29.41 -19.44 16.50
C ASN C 257 -28.34 -18.34 16.56
N VAL C 258 -28.09 -17.66 15.45
CA VAL C 258 -27.14 -16.56 15.42
C VAL C 258 -27.75 -15.31 16.04
N LYS C 259 -27.26 -14.94 17.21
CA LYS C 259 -27.73 -13.72 17.87
C LYS C 259 -27.13 -12.50 17.18
N PHE C 260 -27.91 -11.87 16.30
CA PHE C 260 -27.48 -10.65 15.63
C PHE C 260 -27.70 -9.47 16.56
N THR C 261 -27.79 -9.77 17.86
CA THR C 261 -28.24 -8.81 18.87
C THR C 261 -29.05 -7.65 18.29
N LYS D 36 -1.24 -15.10 -24.30
CA LYS D 36 -2.13 -15.21 -25.44
C LYS D 36 -2.43 -13.83 -26.03
N LEU D 37 -2.70 -13.80 -27.32
CA LEU D 37 -2.68 -12.59 -28.11
C LEU D 37 -4.09 -12.08 -28.41
N THR D 38 -4.19 -10.79 -28.68
CA THR D 38 -5.45 -10.16 -29.07
C THR D 38 -5.34 -9.66 -30.51
N PRO D 39 -5.63 -10.54 -31.48
CA PRO D 39 -5.38 -10.35 -32.91
C PRO D 39 -6.41 -9.44 -33.56
N ALA D 40 -6.06 -8.87 -34.71
CA ALA D 40 -6.96 -7.96 -35.41
C ALA D 40 -8.04 -8.71 -36.16
N GLN D 41 -9.04 -7.99 -36.67
CA GLN D 41 -10.13 -8.62 -37.38
C GLN D 41 -9.62 -9.22 -38.69
N SER D 42 -9.27 -8.35 -39.65
CA SER D 42 -8.76 -8.80 -40.94
C SER D 42 -7.39 -9.49 -40.81
N LYS D 43 -7.19 -10.58 -41.55
CA LYS D 43 -5.90 -11.27 -41.53
C LYS D 43 -5.15 -11.00 -42.83
N ASN D 44 -4.45 -9.87 -42.83
CA ASN D 44 -3.82 -9.31 -44.02
C ASN D 44 -2.38 -8.87 -43.72
N PRO D 45 -1.39 -9.63 -44.22
CA PRO D 45 0.04 -9.38 -43.96
C PRO D 45 0.59 -8.19 -44.71
N ALA D 46 -0.28 -7.40 -45.32
CA ALA D 46 0.16 -6.25 -46.11
C ALA D 46 0.05 -4.95 -45.33
N LYS D 47 -0.94 -4.86 -44.45
CA LYS D 47 -1.13 -3.69 -43.60
C LYS D 47 -1.84 -4.10 -42.33
N ASN D 48 -1.11 -4.81 -41.46
CA ASN D 48 -1.60 -5.13 -40.12
C ASN D 48 -0.36 -5.11 -39.22
N GLU D 49 -0.51 -4.63 -38.00
CA GLU D 49 0.64 -4.41 -37.13
C GLU D 49 0.55 -5.24 -35.86
N LEU D 50 1.72 -5.61 -35.34
CA LEU D 50 1.83 -6.40 -34.12
C LEU D 50 2.42 -5.54 -33.06
N TYR D 51 1.71 -5.39 -31.96
CA TYR D 51 2.15 -4.50 -30.91
C TYR D 51 2.64 -5.30 -29.74
N LEU D 52 3.93 -5.18 -29.44
CA LEU D 52 4.53 -5.97 -28.38
C LEU D 52 4.62 -5.11 -27.15
N VAL D 53 4.14 -5.65 -26.05
CA VAL D 53 3.88 -4.87 -24.86
C VAL D 53 4.52 -5.54 -23.65
N GLU D 54 4.66 -4.78 -22.57
CA GLU D 54 5.55 -5.15 -21.49
C GLU D 54 4.80 -6.08 -20.54
N GLY D 55 3.48 -6.12 -20.69
CA GLY D 55 2.64 -6.97 -19.86
C GLY D 55 1.14 -6.77 -20.00
N ASP D 56 0.38 -7.61 -19.28
CA ASP D 56 -1.08 -7.63 -19.31
C ASP D 56 -1.70 -6.29 -18.99
N SER D 57 -1.26 -5.66 -17.90
CA SER D 57 -1.81 -4.38 -17.48
C SER D 57 -1.69 -3.33 -18.58
N ALA D 58 -0.49 -3.22 -19.14
CA ALA D 58 -0.27 -2.31 -20.26
C ALA D 58 -1.10 -2.75 -21.45
N GLY D 59 -1.10 -4.06 -21.69
CA GLY D 59 -1.79 -4.64 -22.82
C GLY D 59 -3.26 -4.26 -22.84
N GLY D 60 -3.83 -4.06 -21.66
CA GLY D 60 -5.22 -3.70 -21.56
C GLY D 60 -5.50 -2.40 -22.28
N SER D 61 -4.79 -1.36 -21.89
CA SER D 61 -4.90 -0.06 -22.54
C SER D 61 -4.60 -0.17 -24.03
N ALA D 62 -3.65 -1.00 -24.38
CA ALA D 62 -3.34 -1.25 -25.78
C ALA D 62 -4.59 -1.73 -26.52
N LYS D 63 -5.16 -2.85 -26.07
CA LYS D 63 -6.33 -3.43 -26.73
C LYS D 63 -7.46 -2.41 -26.80
N GLN D 64 -7.64 -1.64 -25.73
CA GLN D 64 -8.76 -0.70 -25.66
C GLN D 64 -8.69 0.44 -26.67
N GLY D 65 -7.61 1.20 -26.67
CA GLY D 65 -7.44 2.28 -27.63
C GLY D 65 -6.73 1.80 -28.88
N ARG D 66 -7.49 1.35 -29.86
CA ARG D 66 -6.87 0.65 -30.98
C ARG D 66 -7.88 0.32 -32.06
N ASP D 67 -7.44 0.42 -33.31
CA ASP D 67 -8.28 0.09 -34.47
C ASP D 67 -8.20 -1.41 -34.76
N ARG D 68 -9.16 -2.17 -34.25
CA ARG D 68 -9.11 -3.63 -34.34
C ARG D 68 -9.10 -4.17 -35.78
N LYS D 69 -9.25 -3.28 -36.75
CA LYS D 69 -9.21 -3.69 -38.15
C LYS D 69 -7.85 -4.27 -38.50
N PHE D 70 -6.78 -3.58 -38.11
CA PHE D 70 -5.42 -4.00 -38.46
C PHE D 70 -4.43 -3.69 -37.34
N GLN D 71 -4.76 -4.04 -36.09
CA GLN D 71 -3.84 -3.87 -34.98
C GLN D 71 -3.99 -4.99 -33.97
N ALA D 72 -2.93 -5.76 -33.80
CA ALA D 72 -2.97 -6.95 -32.95
C ALA D 72 -1.99 -6.75 -31.81
N ILE D 73 -2.30 -7.32 -30.65
CA ILE D 73 -1.58 -6.97 -29.42
C ILE D 73 -1.14 -8.17 -28.58
N LEU D 74 0.17 -8.23 -28.31
CA LEU D 74 0.77 -9.40 -27.69
C LEU D 74 1.61 -8.99 -26.51
N PRO D 75 1.20 -9.40 -25.30
CA PRO D 75 1.88 -9.09 -24.04
C PRO D 75 3.04 -10.01 -23.77
N LEU D 76 4.08 -9.47 -23.15
CA LEU D 76 5.21 -10.25 -22.69
C LEU D 76 5.26 -10.12 -21.17
N ARG D 77 5.76 -11.14 -20.50
CA ARG D 77 5.90 -11.09 -19.06
C ARG D 77 7.21 -10.41 -18.68
N GLY D 78 7.17 -9.08 -18.65
CA GLY D 78 8.31 -8.27 -18.20
C GLY D 78 9.57 -8.38 -19.02
N LYS D 79 10.71 -8.39 -18.35
CA LYS D 79 12.01 -8.42 -19.02
C LYS D 79 12.23 -9.69 -19.84
N VAL D 80 12.85 -9.53 -21.00
CA VAL D 80 12.98 -10.62 -21.97
C VAL D 80 14.37 -11.28 -21.98
N ILE D 81 14.37 -12.60 -22.02
CA ILE D 81 15.60 -13.39 -22.07
C ILE D 81 16.62 -12.72 -22.95
N ASN D 82 17.82 -12.48 -22.42
CA ASN D 82 18.90 -11.99 -23.26
C ASN D 82 19.36 -13.08 -24.23
N THR D 83 18.94 -12.94 -25.49
CA THR D 83 19.16 -13.94 -26.51
C THR D 83 20.61 -14.00 -26.95
N ALA D 84 21.37 -12.98 -26.54
CA ALA D 84 22.78 -12.89 -26.89
C ALA D 84 23.65 -13.37 -25.73
N LYS D 85 23.01 -13.91 -24.72
CA LYS D 85 23.70 -14.38 -23.52
C LYS D 85 23.06 -15.70 -23.09
N ALA D 89 18.98 -23.27 -26.82
CA ALA D 89 18.13 -24.27 -26.18
C ALA D 89 17.48 -23.70 -24.93
N ASP D 90 18.28 -22.98 -24.15
CA ASP D 90 17.73 -22.21 -23.07
C ASP D 90 16.69 -21.29 -23.71
N ILE D 91 17.05 -20.69 -24.84
CA ILE D 91 16.21 -19.72 -25.54
C ILE D 91 14.85 -20.24 -25.98
N LEU D 92 14.85 -21.18 -26.91
CA LEU D 92 13.61 -21.63 -27.53
C LEU D 92 12.63 -22.21 -26.51
N LYS D 93 13.19 -22.76 -25.42
CA LYS D 93 12.39 -23.24 -24.29
C LYS D 93 11.72 -22.14 -23.43
N ASN D 94 11.98 -20.87 -23.72
CA ASN D 94 11.38 -19.79 -22.95
C ASN D 94 10.07 -19.28 -23.55
N GLU D 95 8.97 -19.71 -22.93
CA GLU D 95 7.62 -19.39 -23.39
C GLU D 95 7.55 -18.07 -24.13
N GLU D 96 8.07 -17.02 -23.51
CA GLU D 96 7.94 -15.67 -24.05
C GLU D 96 8.53 -15.55 -25.45
N ILE D 97 9.73 -16.08 -25.66
CA ILE D 97 10.29 -16.10 -27.01
C ILE D 97 9.49 -17.02 -27.94
N ASN D 98 9.19 -18.24 -27.49
CA ASN D 98 8.47 -19.19 -28.33
C ASN D 98 7.17 -18.61 -28.88
N THR D 99 6.42 -17.93 -28.02
CA THR D 99 5.16 -17.35 -28.46
C THR D 99 5.37 -16.30 -29.55
N MET D 100 6.34 -15.41 -29.35
CA MET D 100 6.63 -14.36 -30.33
C MET D 100 6.83 -14.96 -31.70
N ILE D 101 7.61 -16.03 -31.72
CA ILE D 101 7.91 -16.71 -32.96
C ILE D 101 6.63 -17.19 -33.63
N TYR D 102 5.84 -17.98 -32.90
CA TYR D 102 4.60 -18.54 -33.44
C TYR D 102 3.64 -17.49 -33.98
N THR D 103 3.36 -16.46 -33.19
CA THR D 103 2.39 -15.44 -33.59
C THR D 103 2.85 -14.58 -34.77
N ILE D 104 4.11 -14.73 -35.16
CA ILE D 104 4.64 -13.88 -36.22
C ILE D 104 4.77 -14.63 -37.53
N GLY D 105 4.85 -15.95 -37.44
CA GLY D 105 5.06 -16.78 -38.62
C GLY D 105 6.53 -17.08 -38.83
N ALA D 106 7.02 -16.78 -40.02
CA ALA D 106 8.45 -16.84 -40.31
C ALA D 106 9.20 -18.03 -39.67
N GLY D 107 9.70 -17.82 -38.45
CA GLY D 107 10.47 -18.85 -37.75
C GLY D 107 11.90 -18.39 -37.55
N VAL D 108 12.69 -19.15 -36.81
CA VAL D 108 14.08 -18.79 -36.53
C VAL D 108 15.03 -19.20 -37.66
N ASP D 111 16.09 -21.58 -41.95
CA ASP D 111 15.80 -20.91 -40.69
C ASP D 111 14.58 -20.01 -40.84
N PHE D 112 14.82 -18.70 -40.83
CA PHE D 112 13.78 -17.67 -40.86
C PHE D 112 12.69 -17.89 -41.91
N SER D 113 12.89 -17.33 -43.11
CA SER D 113 11.85 -17.25 -44.12
C SER D 113 10.82 -16.21 -43.73
N ILE D 114 10.13 -15.64 -44.71
CA ILE D 114 9.31 -14.46 -44.46
C ILE D 114 7.89 -14.55 -45.04
N GLU D 115 7.52 -13.50 -45.78
CA GLU D 115 6.31 -13.51 -46.57
C GLU D 115 6.73 -13.79 -48.01
N ALA D 117 3.99 -14.46 -44.03
CA ALA D 117 3.49 -14.04 -42.73
C ALA D 117 4.35 -12.91 -42.15
N ASN D 118 3.76 -12.09 -41.27
CA ASN D 118 2.37 -12.19 -40.86
C ASN D 118 1.78 -10.80 -40.63
N TYR D 119 2.67 -9.82 -40.48
CA TYR D 119 2.30 -8.41 -40.34
C TYR D 119 3.43 -7.57 -40.95
N ASP D 120 3.08 -6.45 -41.59
CA ASP D 120 4.12 -5.65 -42.23
C ASP D 120 4.68 -4.64 -41.24
N LYS D 121 4.48 -4.92 -39.96
CA LYS D 121 5.03 -4.10 -38.90
C LYS D 121 5.00 -4.88 -37.61
N ILE D 122 6.14 -5.01 -36.97
CA ILE D 122 6.17 -5.47 -35.60
C ILE D 122 6.72 -4.30 -34.80
N ILE D 123 5.90 -3.80 -33.89
CA ILE D 123 6.18 -2.56 -33.20
C ILE D 123 6.38 -2.82 -31.72
N ILE D 124 7.45 -2.26 -31.18
CA ILE D 124 7.80 -2.53 -29.81
C ILE D 124 7.34 -1.34 -29.03
N MET D 125 6.39 -1.59 -28.14
CA MET D 125 5.80 -0.53 -27.36
C MET D 125 5.99 -0.86 -25.89
N THR D 126 6.89 -0.13 -25.25
CA THR D 126 7.23 -0.40 -23.86
C THR D 126 6.92 0.82 -23.03
N ASP D 127 6.81 0.63 -21.73
CA ASP D 127 6.71 1.74 -20.79
C ASP D 127 7.70 2.82 -21.23
N ALA D 128 7.37 4.07 -20.92
CA ALA D 128 8.19 5.19 -21.37
C ALA D 128 9.38 5.44 -20.45
N ASP D 129 9.48 4.69 -19.36
CA ASP D 129 10.58 4.93 -18.44
C ASP D 129 11.82 4.21 -18.91
N THR D 130 12.82 4.13 -18.05
CA THR D 130 14.11 3.62 -18.44
C THR D 130 14.16 2.11 -18.52
N ASP D 131 13.42 1.44 -17.66
CA ASP D 131 13.30 -0.01 -17.79
C ASP D 131 12.73 -0.38 -19.16
N GLY D 132 11.89 0.50 -19.70
CA GLY D 132 11.36 0.33 -21.04
C GLY D 132 12.47 0.25 -22.05
N ALA D 133 13.40 1.20 -21.97
CA ALA D 133 14.56 1.18 -22.85
C ALA D 133 15.35 -0.10 -22.73
N HIS D 134 15.41 -0.69 -21.54
CA HIS D 134 16.14 -1.94 -21.42
C HIS D 134 15.43 -3.04 -22.17
N ILE D 135 14.10 -3.06 -22.07
CA ILE D 135 13.33 -4.08 -22.76
C ILE D 135 13.43 -3.85 -24.25
N GLN D 136 13.42 -2.59 -24.69
CA GLN D 136 13.65 -2.31 -26.09
C GLN D 136 14.97 -2.92 -26.50
N THR D 137 16.00 -2.64 -25.72
CA THR D 137 17.34 -3.17 -25.94
C THR D 137 17.33 -4.68 -26.10
N LEU D 138 16.69 -5.35 -25.16
CA LEU D 138 16.65 -6.81 -25.16
C LEU D 138 15.88 -7.38 -26.37
N LEU D 139 14.70 -6.86 -26.64
CA LEU D 139 13.91 -7.34 -27.78
C LEU D 139 14.69 -7.17 -29.05
N LEU D 140 15.27 -5.99 -29.26
CA LEU D 140 16.02 -5.74 -30.49
C LEU D 140 17.15 -6.76 -30.71
N THR D 141 17.95 -7.03 -29.69
CA THR D 141 19.04 -7.96 -29.92
C THR D 141 18.50 -9.34 -30.27
N PHE D 142 17.30 -9.68 -29.78
CA PHE D 142 16.68 -10.93 -30.22
C PHE D 142 16.38 -10.93 -31.72
N PHE D 143 15.72 -9.89 -32.19
CA PHE D 143 15.45 -9.74 -33.60
C PHE D 143 16.73 -9.69 -34.40
N TYR D 144 17.65 -8.80 -34.04
CA TYR D 144 18.90 -8.72 -34.75
C TYR D 144 19.63 -10.05 -34.78
N ARG D 145 19.70 -10.73 -33.64
CA ARG D 145 20.41 -12.00 -33.59
C ARG D 145 19.75 -13.04 -34.49
N TYR D 146 18.49 -13.37 -34.19
CA TYR D 146 17.77 -14.40 -34.94
C TYR D 146 17.04 -13.92 -36.20
N MET D 147 15.91 -13.25 -36.01
CA MET D 147 15.09 -12.72 -37.10
C MET D 147 15.75 -11.67 -38.01
N ARG D 148 17.07 -11.73 -38.18
CA ARG D 148 17.83 -10.63 -38.79
C ARG D 148 17.20 -9.98 -40.03
N PRO D 149 16.77 -10.80 -41.01
CA PRO D 149 16.27 -10.14 -42.23
C PRO D 149 15.11 -9.24 -41.85
N LEU D 150 14.22 -9.75 -41.02
CA LEU D 150 13.12 -8.96 -40.51
C LEU D 150 13.63 -7.56 -40.19
N VAL D 151 14.70 -7.49 -39.41
CA VAL D 151 15.30 -6.21 -39.05
C VAL D 151 15.89 -5.52 -40.27
N GLU D 152 16.68 -6.26 -41.04
CA GLU D 152 17.37 -5.71 -42.21
C GLU D 152 16.34 -5.11 -43.17
N ALA D 153 15.21 -5.78 -43.28
CA ALA D 153 14.11 -5.35 -44.14
C ALA D 153 13.66 -3.93 -43.82
N GLY D 154 13.05 -3.77 -42.66
CA GLY D 154 12.47 -2.50 -42.26
C GLY D 154 11.09 -2.78 -41.72
N HIS D 155 11.01 -3.81 -40.88
CA HIS D 155 9.75 -4.31 -40.35
C HIS D 155 9.72 -4.30 -38.82
N VAL D 156 10.83 -3.88 -38.22
CA VAL D 156 10.90 -3.69 -36.78
C VAL D 156 10.78 -2.22 -36.46
N TYR D 157 9.80 -1.88 -35.64
CA TYR D 157 9.54 -0.49 -35.30
C TYR D 157 9.59 -0.30 -33.80
N ILE D 158 9.94 0.90 -33.37
CA ILE D 158 9.81 1.23 -31.97
C ILE D 158 8.76 2.33 -31.83
N ALA D 159 7.86 2.15 -30.87
CA ALA D 159 6.79 3.12 -30.65
C ALA D 159 7.19 4.00 -29.49
N LEU D 160 6.85 5.29 -29.57
CA LEU D 160 7.40 6.25 -28.64
C LEU D 160 6.27 6.94 -27.90
N PRO D 161 5.80 6.32 -26.81
CA PRO D 161 4.67 6.83 -26.04
C PRO D 161 5.17 7.78 -24.98
N PRO D 162 4.36 8.78 -24.62
CA PRO D 162 4.72 9.83 -23.66
C PRO D 162 5.12 9.26 -22.31
N LEU D 163 5.88 10.05 -21.55
CA LEU D 163 6.21 9.69 -20.18
C LEU D 163 5.52 10.65 -19.22
N TYR D 164 5.58 11.94 -19.54
CA TYR D 164 4.98 12.99 -18.75
C TYR D 164 3.88 13.75 -19.53
N LYS D 165 2.77 14.05 -18.87
CA LYS D 165 1.75 14.96 -19.42
C LYS D 165 1.46 16.11 -18.45
N MET D 166 1.53 17.32 -18.95
CA MET D 166 1.45 18.49 -18.09
C MET D 166 0.24 19.33 -18.47
N SER D 167 -0.47 19.86 -17.48
CA SER D 167 -1.72 20.59 -17.75
C SER D 167 -1.94 21.87 -16.93
N LYS D 168 -2.39 22.93 -17.61
CA LYS D 168 -2.76 24.21 -16.96
C LYS D 168 -4.21 24.60 -17.24
N LYS D 172 -13.13 23.73 -18.38
CA LYS D 172 -13.53 23.91 -19.77
C LYS D 172 -12.33 24.14 -20.68
N LYS D 173 -11.53 25.15 -20.33
CA LYS D 173 -10.32 25.45 -21.09
C LYS D 173 -9.10 24.81 -20.44
N GLU D 174 -8.38 24.01 -21.23
CA GLU D 174 -7.20 23.30 -20.75
C GLU D 174 -6.05 23.45 -21.74
N GLU D 175 -4.83 23.48 -21.21
CA GLU D 175 -3.63 23.43 -22.04
C GLU D 175 -2.78 22.23 -21.63
N VAL D 176 -2.40 21.42 -22.60
CA VAL D 176 -1.73 20.16 -22.30
C VAL D 176 -0.53 19.89 -23.21
N ALA D 177 0.53 19.35 -22.60
CA ALA D 177 1.73 19.00 -23.34
C ALA D 177 2.15 17.57 -23.00
N TYR D 178 3.07 17.03 -23.81
CA TYR D 178 3.65 15.73 -23.54
C TYR D 178 5.17 15.82 -23.59
N ALA D 179 5.82 15.14 -22.63
CA ALA D 179 7.27 15.08 -22.57
C ALA D 179 7.71 13.62 -22.63
N TRP D 180 8.92 13.39 -23.13
CA TRP D 180 9.37 12.01 -23.36
C TRP D 180 10.56 11.61 -22.49
N THR D 181 11.24 12.62 -21.92
CA THR D 181 12.33 12.40 -20.97
C THR D 181 12.67 13.68 -20.22
N ASP D 182 13.37 13.52 -19.10
CA ASP D 182 13.70 14.61 -18.19
C ASP D 182 14.04 15.93 -18.88
N GLY D 183 14.89 15.89 -19.90
CA GLY D 183 15.23 17.09 -20.64
C GLY D 183 13.98 17.83 -21.08
N GLU D 184 13.12 17.13 -21.81
CA GLU D 184 11.87 17.69 -22.32
C GLU D 184 11.09 18.43 -21.23
N LEU D 185 11.15 17.90 -20.01
CA LEU D 185 10.35 18.40 -18.91
C LEU D 185 10.60 19.87 -18.60
N GLU D 186 11.87 20.26 -18.46
CA GLU D 186 12.22 21.61 -18.02
C GLU D 186 11.55 22.69 -18.86
N GLU D 187 11.65 22.57 -20.18
CA GLU D 187 11.02 23.51 -21.11
C GLU D 187 9.50 23.53 -20.97
N LEU D 188 8.91 22.34 -20.80
CA LEU D 188 7.47 22.21 -20.58
C LEU D 188 7.02 22.96 -19.31
N ARG D 189 7.75 22.73 -18.22
CA ARG D 189 7.49 23.41 -16.96
C ARG D 189 7.61 24.93 -17.09
N LYS D 190 8.68 25.39 -17.74
CA LYS D 190 8.89 26.81 -17.96
C LYS D 190 7.70 27.39 -18.75
N GLN D 191 7.28 26.66 -19.78
CA GLN D 191 6.14 27.08 -20.59
C GLN D 191 4.88 27.26 -19.76
N PHE D 192 4.44 26.17 -19.14
CA PHE D 192 3.20 26.14 -18.36
C PHE D 192 3.13 27.10 -17.17
N ALA D 196 0.51 24.49 -13.02
CA ALA D 196 0.56 23.23 -13.75
C ALA D 196 0.37 22.00 -12.87
N THR D 197 -0.11 20.92 -13.48
CA THR D 197 -0.09 19.62 -12.85
C THR D 197 0.67 18.67 -13.78
N LEU D 198 1.59 17.90 -13.21
CA LEU D 198 2.40 16.99 -14.01
C LEU D 198 2.06 15.55 -13.69
N GLN D 199 1.84 14.78 -14.74
CA GLN D 199 1.45 13.40 -14.57
C GLN D 199 2.52 12.54 -15.22
N ARG D 200 2.88 11.44 -14.57
CA ARG D 200 3.96 10.63 -15.10
C ARG D 200 3.50 9.19 -15.20
N TYR D 201 3.62 8.63 -16.41
CA TYR D 201 3.08 7.32 -16.67
C TYR D 201 4.08 6.26 -16.25
N LYS D 202 3.83 5.69 -15.09
CA LYS D 202 4.71 4.68 -14.51
C LYS D 202 4.55 3.35 -15.23
N GLY D 203 4.06 3.40 -16.45
CA GLY D 203 3.64 2.22 -17.19
C GLY D 203 2.41 2.57 -18.04
N LEU D 204 2.22 1.84 -19.14
CA LEU D 204 1.15 2.17 -20.09
C LEU D 204 -0.24 2.08 -19.49
N GLY D 205 -0.43 1.10 -18.61
CA GLY D 205 -1.72 0.90 -17.98
C GLY D 205 -2.23 2.12 -17.23
N GLU D 206 -1.39 3.15 -17.15
CA GLU D 206 -1.71 4.32 -16.35
C GLU D 206 -2.34 5.44 -17.18
N MET D 207 -2.19 5.40 -18.50
CA MET D 207 -2.88 6.39 -19.33
C MET D 207 -4.18 5.77 -19.81
N ASN D 208 -5.05 6.58 -20.44
CA ASN D 208 -6.33 6.03 -20.86
C ASN D 208 -6.36 5.63 -22.33
N ALA D 209 -7.53 5.23 -22.80
CA ALA D 209 -7.65 4.68 -24.13
C ALA D 209 -7.49 5.80 -25.13
N ASP D 210 -8.24 6.87 -24.91
CA ASP D 210 -8.22 8.02 -25.78
C ASP D 210 -6.78 8.51 -25.94
N GLN D 211 -6.08 8.65 -24.83
CA GLN D 211 -4.72 9.16 -24.86
C GLN D 211 -3.78 8.29 -25.70
N LEU D 212 -3.66 7.01 -25.34
CA LEU D 212 -2.71 6.11 -25.99
C LEU D 212 -2.89 6.12 -27.51
N TRP D 213 -4.14 6.08 -27.93
CA TRP D 213 -4.45 6.18 -29.36
C TRP D 213 -3.95 7.52 -29.90
N GLU D 214 -4.56 8.62 -29.42
CA GLU D 214 -4.31 9.95 -29.97
C GLU D 214 -2.83 10.34 -30.01
N THR D 215 -2.09 9.91 -28.99
CA THR D 215 -0.66 10.16 -28.93
C THR D 215 0.22 9.16 -29.69
N THR D 216 0.01 7.86 -29.47
CA THR D 216 1.03 6.90 -29.88
C THR D 216 0.62 5.65 -30.65
N MET D 217 -0.60 5.62 -31.21
CA MET D 217 -0.97 4.48 -32.04
C MET D 217 -1.61 4.88 -33.38
N ASN D 218 -2.56 5.80 -33.32
CA ASN D 218 -3.19 6.32 -34.52
C ASN D 218 -2.17 6.89 -35.52
N PRO D 219 -2.00 6.21 -36.67
CA PRO D 219 -1.04 6.54 -37.73
C PRO D 219 -1.14 7.97 -38.25
N GLU D 220 -2.32 8.58 -38.17
CA GLU D 220 -2.46 9.94 -38.65
C GLU D 220 -1.57 10.92 -37.86
N THR D 221 -1.54 10.76 -36.54
CA THR D 221 -0.88 11.72 -35.66
C THR D 221 0.25 11.12 -34.83
N ARG D 222 0.45 9.81 -34.96
CA ARG D 222 1.50 9.11 -34.23
C ARG D 222 2.82 9.35 -34.91
N THR D 223 3.90 9.00 -34.23
CA THR D 223 5.18 8.95 -34.88
C THR D 223 5.94 7.70 -34.43
N LEU D 224 6.52 6.99 -35.40
CA LEU D 224 7.17 5.71 -35.14
C LEU D 224 8.65 5.79 -35.40
N ILE D 225 9.38 4.82 -34.89
CA ILE D 225 10.79 4.70 -35.24
C ILE D 225 10.97 3.43 -36.06
N ARG D 226 11.79 3.53 -37.10
CA ARG D 226 12.04 2.38 -37.96
C ARG D 226 13.47 1.99 -37.77
N VAL D 227 13.70 0.72 -37.47
CA VAL D 227 15.04 0.28 -37.12
C VAL D 227 15.64 -0.43 -38.29
N THR D 228 16.73 0.12 -38.79
CA THR D 228 17.43 -0.41 -39.94
C THR D 228 18.87 -0.56 -39.53
N ILE D 229 19.59 -1.46 -40.20
CA ILE D 229 21.00 -1.60 -39.89
C ILE D 229 21.90 -1.23 -41.10
N GLU D 230 22.88 -0.37 -40.84
CA GLU D 230 23.69 0.26 -41.90
C GLU D 230 25.14 -0.23 -41.88
N ASP D 231 25.47 -1.05 -40.90
CA ASP D 231 26.56 -1.99 -41.08
C ASP D 231 26.02 -3.35 -40.71
N LEU D 232 26.87 -4.34 -40.65
CA LEU D 232 26.52 -5.53 -39.90
C LEU D 232 27.62 -5.57 -38.86
N ALA D 233 28.83 -5.27 -39.33
CA ALA D 233 30.03 -5.32 -38.51
C ALA D 233 29.84 -4.43 -37.29
N ARG D 234 29.48 -3.18 -37.53
CA ARG D 234 29.26 -2.23 -36.46
C ARG D 234 28.18 -2.76 -35.52
N ALA D 235 27.09 -3.27 -36.09
CA ALA D 235 26.00 -3.84 -35.31
C ALA D 235 26.46 -4.95 -34.38
N GLU D 236 27.06 -5.99 -34.96
CA GLU D 236 27.57 -7.10 -34.18
C GLU D 236 28.48 -6.57 -33.08
N ARG D 237 29.43 -5.71 -33.46
CA ARG D 237 30.41 -5.19 -32.53
C ARG D 237 29.66 -4.59 -31.36
N ARG D 238 28.74 -3.68 -31.64
CA ARG D 238 28.01 -3.02 -30.56
C ARG D 238 27.16 -3.95 -29.70
N VAL D 239 26.29 -4.73 -30.33
CA VAL D 239 25.42 -5.62 -29.57
C VAL D 239 26.24 -6.55 -28.67
N ASN D 240 27.31 -7.10 -29.21
CA ASN D 240 28.14 -7.99 -28.41
C ASN D 240 28.76 -7.34 -27.17
N VAL D 241 29.10 -6.07 -27.24
CA VAL D 241 29.60 -5.40 -26.05
C VAL D 241 28.47 -5.20 -25.06
N LEU D 242 27.51 -4.36 -25.43
CA LEU D 242 26.43 -4.01 -24.54
C LEU D 242 25.72 -5.26 -24.03
N MET D 243 25.00 -5.93 -24.93
CA MET D 243 24.23 -7.13 -24.60
C MET D 243 25.05 -8.38 -24.38
N GLY D 244 26.32 -8.34 -24.77
CA GLY D 244 27.18 -9.51 -24.71
C GLY D 244 27.31 -10.19 -23.37
N ASP D 245 28.36 -10.97 -23.21
CA ASP D 245 28.51 -11.79 -22.02
C ASP D 245 29.81 -11.51 -21.26
N LYS D 246 30.63 -10.60 -21.79
CA LYS D 246 31.99 -10.44 -21.28
C LYS D 246 32.15 -9.42 -20.13
N VAL D 247 31.39 -8.33 -20.14
CA VAL D 247 31.41 -7.36 -19.03
C VAL D 247 32.68 -6.49 -18.96
N GLU D 248 33.84 -7.13 -18.92
CA GLU D 248 35.09 -6.39 -18.92
C GLU D 248 35.03 -5.13 -19.82
N PRO D 249 34.51 -5.26 -21.06
CA PRO D 249 34.40 -4.15 -22.00
C PRO D 249 33.17 -3.28 -21.80
N ARG D 250 32.04 -3.92 -21.59
CA ARG D 250 30.82 -3.18 -21.26
C ARG D 250 31.16 -2.07 -20.28
N ARG D 251 31.83 -2.43 -19.19
CA ARG D 251 32.23 -1.43 -18.21
C ARG D 251 32.97 -0.29 -18.89
N LYS D 252 34.02 -0.60 -19.65
CA LYS D 252 34.83 0.45 -20.26
C LYS D 252 33.97 1.31 -21.18
N TRP D 253 32.99 0.67 -21.82
CA TRP D 253 32.08 1.39 -22.69
C TRP D 253 31.32 2.45 -21.90
N ILE D 254 30.76 2.06 -20.76
CA ILE D 254 30.12 3.01 -19.85
C ILE D 254 31.08 4.10 -19.44
N GLU D 255 32.23 3.70 -18.91
CA GLU D 255 33.20 4.65 -18.41
C GLU D 255 33.47 5.72 -19.45
N ASP D 256 33.87 5.30 -20.64
CA ASP D 256 34.22 6.23 -21.72
C ASP D 256 33.04 6.93 -22.42
N ASN D 257 31.81 6.43 -22.22
CA ASN D 257 30.69 6.91 -23.04
C ASN D 257 29.44 7.43 -22.29
N VAL D 258 29.18 6.87 -21.10
CA VAL D 258 28.09 7.33 -20.24
C VAL D 258 28.41 8.64 -19.55
N LYS D 259 27.86 9.74 -20.05
CA LYS D 259 28.01 11.02 -19.37
C LYS D 259 27.29 11.05 -18.02
N PHE D 260 28.02 10.82 -16.94
CA PHE D 260 27.45 10.91 -15.60
C PHE D 260 27.41 12.38 -15.18
N THR D 261 27.44 13.26 -16.18
CA THR D 261 27.64 14.70 -15.97
C THR D 261 28.31 15.02 -14.64
#